data_7K1S
#
_entry.id   7K1S
#
_cell.length_a   1.00
_cell.length_b   1.00
_cell.length_c   1.00
_cell.angle_alpha   90.00
_cell.angle_beta   90.00
_cell.angle_gamma   90.00
#
_symmetry.space_group_name_H-M   'P 1'
#
loop_
_entity.id
_entity.type
_entity.pdbx_description
1 polymer 'Envelope glycoprotein B'
2 branched alpha-D-mannopyranose-(1-3)-alpha-D-mannopyranose-(1-6)-[alpha-D-mannopyranose-(1-3)]alpha-D-mannopyranose-(1-4)-2-acetamido-2-deoxy-beta-D-glucopyranose-(1-4)-2-acetamido-2-deoxy-beta-D-glucopyranose
3 non-polymer 2-acetamido-2-deoxy-beta-D-glucopyranose
#
_entity_poly.entity_id   1
_entity_poly.type   'polypeptide(L)'
_entity_poly.pdbx_seq_one_letter_code
;MSPCGYYSKWRNRDRPEYRRNLRFRRFFSSIHPNAAAGSGFNGPGVFITSVTGVWLCFLCIFSMFVTAVVSVSPSSFYES
LQVEPTQSEDITRSAHLGDGDEIREAIHKSQDAETKPTFYVCPPPTGSTIVRLEPPRTCPDYHLGKNFTEGIAVVYKENI
AAYKFKATVYYKDVIVSTAWAGSSYTQITNRYADRVPIPVSEITDTIDKFGKCSSKATYVRNNHKVEAFNEDKNPQDMPL
IASKYNSVGSKAWHTTNDTYMVAGTPGTYRTGTSVNCIIEEVEARSIFPYDSFGLSTGDIIYMSPFFGLRDGAYREHSNY
AMDRFHQFEGYRQRDLDTRALLEPAARNFLVTPHLTVGWNWKPKRTEVCSLVKWREVEDVVRDEYAHNFRFTMKTLSTTF
ISETNEFNLNQIHLSQCVKEEARAIINRIYTTRYNSSHVRTGDIQTYLARGGFVVVFQPLLSNSLARLYLQELVRENTNH
SPQKHPTRNTRSRRSVPVELRANRTITTTSSVEFAMLQFTYDHIQEHVNEMLARISSSWCQLQNRERALWSGLFPINPSA
LASTILDQRVKARILGDVISVSNCPELGSDTRIILQNSMRVSGSTTRCYSRPLISIVSLNGSGTVEGQLGTDNELIMSRD
LLEPCVANHKRYFLFGHHYVYYEDYRYVREIAVHDVGMISTYVDLNLTLLKDREFMPLQVYTRDELRDTGLLDYSEIQRR
NQMHSLRFYDIDKVVQYDSGTAIMQGMAQFFQGLGTAGQAVGHVVLGATGALLSTVHGFTTFLSNPFGALAVGLLVLAGL
VAAFFAYRYVLKLKTSPMKALYPLTTKGLKQLPEGMDPFAEKPNATDTPIEEIGDSQNTEPSVNSGFDPDKFREAQEMIK
YMTLVSAAERQESKARKKNKTSALLTSRLTGLALRNRRGYSRVRTENVTGV
;
_entity_poly.pdbx_strand_id   A,B,C
#
loop_
_chem_comp.id
_chem_comp.type
_chem_comp.name
_chem_comp.formula
MAN D-saccharide, alpha linking alpha-D-mannopyranose 'C6 H12 O6'
NAG D-saccharide, beta linking 2-acetamido-2-deoxy-beta-D-glucopyranose 'C8 H15 N O6'
#
# COMPACT_ATOMS: atom_id res chain seq x y z
N THR A 115 46.78 -35.66 -9.56
CA THR A 115 47.05 -36.91 -8.85
C THR A 115 48.43 -36.89 -8.20
N LYS A 116 49.11 -35.75 -8.29
CA LYS A 116 50.44 -35.78 -7.70
C LYS A 116 50.42 -35.20 -6.30
N PRO A 117 50.91 -35.94 -5.31
CA PRO A 117 50.98 -35.41 -3.95
C PRO A 117 52.05 -34.32 -3.86
N THR A 118 51.75 -33.27 -3.12
CA THR A 118 52.73 -32.21 -2.88
C THR A 118 53.25 -32.33 -1.46
N PHE A 119 54.56 -32.50 -1.35
CA PHE A 119 55.27 -32.53 -0.08
C PHE A 119 55.98 -31.20 0.19
N TYR A 120 56.38 -31.02 1.43
CA TYR A 120 57.08 -29.83 1.88
C TYR A 120 58.42 -30.22 2.47
N VAL A 121 59.29 -29.23 2.63
CA VAL A 121 60.56 -29.40 3.32
C VAL A 121 60.68 -28.22 4.27
N CYS A 122 60.64 -28.49 5.57
CA CYS A 122 60.65 -27.43 6.56
C CYS A 122 62.01 -27.34 7.23
N PRO A 123 62.86 -26.37 6.88
CA PRO A 123 64.13 -26.20 7.58
C PRO A 123 63.89 -25.82 9.03
N PRO A 124 64.86 -26.05 9.91
CA PRO A 124 64.63 -25.80 11.33
C PRO A 124 64.36 -24.33 11.60
N PRO A 125 63.36 -24.05 12.43
CA PRO A 125 62.94 -22.66 12.67
C PRO A 125 64.01 -21.85 13.38
N THR A 126 63.73 -20.55 13.46
CA THR A 126 64.59 -19.60 14.15
C THR A 126 63.69 -18.62 14.90
N GLY A 127 64.22 -18.08 15.99
CA GLY A 127 63.48 -17.18 16.86
C GLY A 127 63.04 -15.89 16.21
N SER A 128 63.35 -15.72 14.93
CA SER A 128 63.05 -14.48 14.22
C SER A 128 61.57 -14.12 14.30
N THR A 129 60.70 -15.00 13.83
CA THR A 129 59.26 -14.72 13.80
C THR A 129 58.57 -15.39 14.98
N ILE A 130 58.34 -14.62 16.04
CA ILE A 130 57.56 -15.06 17.19
C ILE A 130 56.23 -14.31 17.22
N VAL A 131 55.16 -15.02 17.62
CA VAL A 131 53.82 -14.45 17.67
C VAL A 131 53.15 -14.86 18.97
N ARG A 132 51.89 -14.44 19.15
CA ARG A 132 51.13 -14.78 20.34
C ARG A 132 49.64 -14.65 20.07
N LEU A 133 48.83 -15.33 20.89
CA LEU A 133 47.38 -15.20 20.85
C LEU A 133 46.89 -13.88 21.46
N GLU A 134 45.99 -13.19 20.76
CA GLU A 134 45.42 -11.94 21.27
C GLU A 134 44.56 -12.19 22.50
N PRO A 135 44.57 -11.28 23.47
CA PRO A 135 43.71 -11.45 24.64
C PRO A 135 42.27 -11.40 24.17
N PRO A 136 41.31 -11.90 24.93
CA PRO A 136 39.94 -11.93 24.41
C PRO A 136 39.42 -10.53 24.10
N ARG A 137 38.81 -10.40 22.92
CA ARG A 137 38.28 -9.13 22.47
C ARG A 137 36.98 -8.81 23.20
N THR A 138 36.80 -7.55 23.57
CA THR A 138 35.53 -7.18 24.13
C THR A 138 34.49 -7.05 23.02
N CYS A 139 33.26 -7.38 23.36
CA CYS A 139 32.15 -7.29 22.42
C CYS A 139 31.23 -6.14 22.79
N PRO A 140 30.78 -5.37 21.80
CA PRO A 140 29.95 -4.22 22.12
C PRO A 140 28.63 -4.66 22.72
N ASP A 141 28.19 -3.94 23.74
CA ASP A 141 26.89 -4.17 24.33
C ASP A 141 25.92 -3.34 23.51
N TYR A 142 24.99 -4.01 22.84
CA TYR A 142 24.05 -3.31 21.98
C TYR A 142 22.90 -2.78 22.83
N HIS A 143 22.82 -1.45 22.92
CA HIS A 143 21.80 -0.75 23.69
C HIS A 143 20.61 -0.42 22.78
N LEU A 144 20.08 -1.47 22.18
CA LEU A 144 18.90 -1.34 21.32
C LEU A 144 17.67 -1.35 22.20
N GLY A 145 16.88 -0.28 22.10
CA GLY A 145 15.72 -0.09 22.95
C GLY A 145 15.52 1.40 23.18
N LYS A 146 14.29 1.86 23.10
CA LYS A 146 13.99 3.28 23.19
C LYS A 146 13.03 3.53 24.34
N ASN A 147 12.93 4.79 24.74
CA ASN A 147 11.97 5.21 25.75
C ASN A 147 10.64 5.54 25.08
N PHE A 148 9.65 4.67 25.32
CA PHE A 148 8.33 4.80 24.74
C PHE A 148 7.36 5.30 25.81
N THR A 149 6.12 5.53 25.41
CA THR A 149 5.08 6.05 26.30
C THR A 149 3.74 5.52 25.81
N GLU A 150 3.10 4.69 26.63
CA GLU A 150 1.80 4.17 26.27
C GLU A 150 0.72 5.22 26.51
N GLY A 151 -0.42 5.04 25.86
CA GLY A 151 -1.53 5.95 26.05
C GLY A 151 -2.68 5.64 25.11
N ILE A 152 -3.64 6.56 25.08
CA ILE A 152 -4.81 6.44 24.22
C ILE A 152 -4.81 7.59 23.22
N ALA A 153 -5.26 7.30 22.00
CA ALA A 153 -5.27 8.32 20.95
C ALA A 153 -6.57 8.27 20.18
N VAL A 154 -6.96 9.42 19.64
CA VAL A 154 -8.07 9.52 18.69
C VAL A 154 -7.56 10.27 17.46
N VAL A 155 -7.66 9.63 16.30
CA VAL A 155 -7.18 10.24 15.06
C VAL A 155 -8.35 10.88 14.33
N TYR A 156 -8.11 12.10 13.84
CA TYR A 156 -9.09 12.95 13.21
C TYR A 156 -8.63 13.30 11.81
N LYS A 157 -9.52 13.16 10.83
CA LYS A 157 -9.28 13.53 9.45
C LYS A 157 -10.05 14.80 9.11
N GLU A 158 -9.70 15.40 7.98
CA GLU A 158 -10.45 16.55 7.48
C GLU A 158 -11.84 16.13 7.05
N ASN A 159 -12.82 17.00 7.31
CA ASN A 159 -14.21 16.74 6.95
C ASN A 159 -14.44 17.20 5.53
N ILE A 160 -14.68 16.25 4.62
CA ILE A 160 -14.89 16.58 3.21
C ILE A 160 -16.35 16.56 2.83
N ALA A 161 -17.23 16.17 3.74
CA ALA A 161 -18.63 16.09 3.39
C ALA A 161 -19.27 17.48 3.46
N ALA A 162 -20.39 17.62 2.76
CA ALA A 162 -21.13 18.87 2.80
C ALA A 162 -21.98 18.90 4.06
N TYR A 163 -22.20 20.10 4.57
CA TYR A 163 -23.07 20.26 5.73
C TYR A 163 -24.51 20.15 5.25
N LYS A 164 -25.24 19.20 5.81
CA LYS A 164 -26.56 18.82 5.34
C LYS A 164 -27.59 19.12 6.40
N PHE A 165 -28.62 19.88 6.03
CA PHE A 165 -29.73 20.12 6.93
C PHE A 165 -31.02 19.98 6.13
N LYS A 166 -32.14 20.26 6.78
CA LYS A 166 -33.43 20.15 6.12
C LYS A 166 -34.09 21.51 6.11
N ALA A 167 -34.76 21.81 5.00
CA ALA A 167 -35.45 23.08 4.86
C ALA A 167 -36.79 22.80 4.19
N THR A 168 -37.57 23.85 4.01
CA THR A 168 -38.84 23.74 3.33
C THR A 168 -38.94 24.82 2.27
N VAL A 169 -39.51 24.47 1.13
CA VAL A 169 -39.76 25.42 0.06
C VAL A 169 -41.25 25.61 -0.08
N TYR A 170 -41.67 26.86 -0.21
CA TYR A 170 -43.07 27.22 -0.36
C TYR A 170 -43.16 27.98 -1.67
N TYR A 171 -43.89 27.43 -2.64
CA TYR A 171 -44.04 28.14 -3.90
C TYR A 171 -45.35 27.72 -4.53
N LYS A 172 -45.78 28.53 -5.50
CA LYS A 172 -47.00 28.29 -6.24
C LYS A 172 -46.64 28.08 -7.70
N ASP A 173 -47.22 27.05 -8.31
CA ASP A 173 -46.98 26.75 -9.71
C ASP A 173 -48.04 27.49 -10.53
N VAL A 174 -47.61 28.51 -11.26
CA VAL A 174 -48.49 29.38 -12.03
C VAL A 174 -48.29 29.06 -13.51
N ILE A 175 -49.22 28.31 -14.06
CA ILE A 175 -49.20 27.94 -15.48
C ILE A 175 -50.20 28.80 -16.21
N VAL A 176 -49.80 29.30 -17.39
CA VAL A 176 -50.64 30.16 -18.22
C VAL A 176 -50.73 29.54 -19.60
N SER A 177 -51.88 28.93 -19.91
CA SER A 177 -52.06 28.22 -21.16
C SER A 177 -52.89 29.06 -22.13
N THR A 178 -52.45 29.15 -23.38
CA THR A 178 -53.19 29.85 -24.42
C THR A 178 -53.59 28.84 -25.50
N ALA A 179 -54.88 28.60 -25.64
CA ALA A 179 -55.42 27.65 -26.60
C ALA A 179 -56.11 28.37 -27.75
N TRP A 180 -56.14 27.71 -28.90
CA TRP A 180 -56.83 28.18 -30.10
C TRP A 180 -57.88 27.14 -30.46
N ALA A 181 -59.15 27.43 -30.15
CA ALA A 181 -60.23 26.52 -30.48
C ALA A 181 -60.45 26.49 -31.98
N GLY A 182 -60.34 25.30 -32.58
CA GLY A 182 -60.48 25.12 -33.99
C GLY A 182 -61.77 24.41 -34.38
N SER A 183 -61.79 23.95 -35.63
CA SER A 183 -62.99 23.30 -36.17
C SER A 183 -63.38 22.06 -35.37
N SER A 184 -62.50 21.06 -35.33
CA SER A 184 -62.76 19.80 -34.66
C SER A 184 -61.74 19.48 -33.59
N TYR A 185 -60.95 20.48 -33.18
CA TYR A 185 -59.87 20.25 -32.24
C TYR A 185 -59.57 21.51 -31.46
N THR A 186 -58.81 21.33 -30.39
CA THR A 186 -58.26 22.43 -29.61
C THR A 186 -56.76 22.43 -29.78
N GLN A 187 -56.17 23.61 -29.91
CA GLN A 187 -54.74 23.74 -30.14
C GLN A 187 -54.13 24.66 -29.10
N ILE A 188 -53.18 24.14 -28.32
CA ILE A 188 -52.37 24.96 -27.43
C ILE A 188 -51.37 25.76 -28.25
N THR A 189 -51.53 27.08 -28.27
CA THR A 189 -50.62 27.94 -28.99
C THR A 189 -49.55 28.54 -28.09
N ASN A 190 -49.66 28.36 -26.77
CA ASN A 190 -48.62 28.78 -25.86
C ASN A 190 -48.85 28.11 -24.51
N ARG A 191 -47.78 27.94 -23.75
CA ARG A 191 -47.90 27.42 -22.39
C ARG A 191 -46.69 27.89 -21.58
N TYR A 192 -46.94 28.82 -20.67
CA TYR A 192 -45.90 29.49 -19.90
C TYR A 192 -45.98 28.99 -18.45
N ALA A 193 -45.09 28.07 -18.08
CA ALA A 193 -45.05 27.60 -16.71
C ALA A 193 -44.06 28.43 -15.91
N ASP A 194 -44.37 28.61 -14.62
CA ASP A 194 -43.55 29.50 -13.81
C ASP A 194 -43.70 29.12 -12.34
N ARG A 195 -42.59 29.22 -11.61
CA ARG A 195 -42.59 28.99 -10.17
C ARG A 195 -42.52 30.34 -9.47
N VAL A 196 -43.46 30.57 -8.56
CA VAL A 196 -43.54 31.88 -7.90
C VAL A 196 -43.47 31.71 -6.38
N PRO A 197 -42.94 32.68 -5.62
CA PRO A 197 -42.84 32.49 -4.17
C PRO A 197 -44.19 32.65 -3.50
N ILE A 198 -44.26 32.15 -2.28
CA ILE A 198 -45.38 32.41 -1.37
C ILE A 198 -44.92 33.45 -0.37
N PRO A 199 -45.50 34.65 -0.35
CA PRO A 199 -45.02 35.66 0.58
C PRO A 199 -45.22 35.19 2.01
N VAL A 200 -44.33 35.65 2.89
CA VAL A 200 -44.28 35.14 4.25
C VAL A 200 -45.51 35.56 5.05
N SER A 201 -46.18 36.64 4.66
CA SER A 201 -47.44 37.00 5.29
C SER A 201 -48.48 35.90 5.15
N GLU A 202 -48.67 35.37 3.94
CA GLU A 202 -49.64 34.28 3.80
C GLU A 202 -49.23 33.06 4.61
N ILE A 203 -47.93 32.72 4.58
CA ILE A 203 -47.46 31.57 5.34
C ILE A 203 -47.77 31.74 6.83
N THR A 204 -47.16 32.75 7.45
CA THR A 204 -47.29 32.88 8.89
C THR A 204 -48.66 33.31 9.35
N ASP A 205 -49.55 33.67 8.42
CA ASP A 205 -50.91 34.05 8.78
C ASP A 205 -51.98 33.11 8.24
N THR A 206 -51.66 32.20 7.36
CA THR A 206 -52.75 31.32 6.97
C THR A 206 -52.43 29.83 7.06
N ILE A 207 -51.23 29.42 6.66
CA ILE A 207 -50.92 27.99 6.63
C ILE A 207 -50.64 27.46 8.02
N ASP A 208 -49.84 28.18 8.79
CA ASP A 208 -49.52 27.78 10.15
C ASP A 208 -50.59 28.25 11.14
N LYS A 209 -51.67 28.83 10.64
CA LYS A 209 -52.81 29.22 11.47
C LYS A 209 -54.01 28.31 11.27
N PHE A 210 -54.39 28.06 10.02
CA PHE A 210 -55.55 27.24 9.72
C PHE A 210 -55.25 26.02 8.86
N GLY A 211 -54.03 25.89 8.35
CA GLY A 211 -53.69 24.78 7.45
C GLY A 211 -54.34 24.90 6.09
N LYS A 212 -54.44 26.12 5.57
CA LYS A 212 -55.06 26.39 4.28
C LYS A 212 -54.18 27.37 3.51
N CYS A 213 -54.34 27.39 2.20
CA CYS A 213 -53.54 28.29 1.36
C CYS A 213 -54.42 29.03 0.37
N SER A 214 -54.22 30.35 0.30
CA SER A 214 -54.98 31.20 -0.61
C SER A 214 -54.74 30.80 -2.06
N SER A 215 -55.77 31.01 -2.88
CA SER A 215 -55.77 30.71 -4.31
C SER A 215 -55.27 31.88 -5.16
N LYS A 216 -54.79 32.95 -4.54
CA LYS A 216 -54.34 34.15 -5.26
C LYS A 216 -52.85 34.35 -5.12
N ALA A 217 -52.14 34.37 -6.24
CA ALA A 217 -50.70 34.65 -6.25
C ALA A 217 -50.45 36.14 -6.39
N THR A 218 -49.64 36.69 -5.49
CA THR A 218 -49.21 38.08 -5.54
C THR A 218 -47.69 38.13 -5.48
N TYR A 219 -47.07 38.63 -6.53
CA TYR A 219 -45.62 38.59 -6.61
C TYR A 219 -45.11 39.82 -7.36
N VAL A 220 -43.84 39.79 -7.73
CA VAL A 220 -43.20 40.92 -8.41
C VAL A 220 -42.42 40.36 -9.59
N ARG A 221 -42.81 40.76 -10.79
CA ARG A 221 -42.07 40.41 -11.99
C ARG A 221 -41.81 41.66 -12.80
N ASN A 222 -40.61 41.76 -13.34
CA ASN A 222 -40.21 42.91 -14.15
C ASN A 222 -40.36 44.20 -13.37
N ASN A 223 -40.15 44.13 -12.06
CA ASN A 223 -40.25 45.23 -11.11
C ASN A 223 -41.68 45.71 -10.88
N HIS A 224 -42.69 45.00 -11.37
CA HIS A 224 -44.09 45.40 -11.20
C HIS A 224 -44.79 44.41 -10.28
N LYS A 225 -45.70 44.90 -9.45
CA LYS A 225 -46.45 44.00 -8.57
C LYS A 225 -47.57 43.35 -9.37
N VAL A 226 -47.38 42.10 -9.73
CA VAL A 226 -48.34 41.39 -10.56
C VAL A 226 -49.09 40.40 -9.69
N GLU A 227 -50.28 40.01 -10.14
CA GLU A 227 -51.05 38.97 -9.45
C GLU A 227 -51.54 37.98 -10.49
N ALA A 228 -52.21 36.94 -10.02
CA ALA A 228 -52.80 35.94 -10.91
C ALA A 228 -53.75 35.08 -10.08
N PHE A 229 -54.84 34.67 -10.71
CA PHE A 229 -55.90 33.91 -10.06
C PHE A 229 -56.16 32.62 -10.82
N ASN A 230 -56.22 31.52 -10.08
CA ASN A 230 -56.50 30.21 -10.66
C ASN A 230 -57.92 30.18 -11.22
N GLU A 231 -58.05 29.79 -12.48
CA GLU A 231 -59.30 29.72 -13.23
C GLU A 231 -60.01 31.05 -13.37
N ASP A 232 -59.37 32.17 -13.03
CA ASP A 232 -60.00 33.49 -13.15
C ASP A 232 -61.27 33.56 -12.32
N LYS A 233 -61.20 33.05 -11.11
CA LYS A 233 -62.34 32.98 -10.22
C LYS A 233 -62.09 33.84 -8.99
N ASN A 234 -63.01 33.77 -8.04
CA ASN A 234 -62.83 34.45 -6.78
C ASN A 234 -61.78 33.71 -5.96
N PRO A 235 -60.94 34.40 -5.21
CA PRO A 235 -59.90 33.70 -4.46
C PRO A 235 -60.54 32.89 -3.36
N GLN A 236 -59.95 31.73 -3.09
CA GLN A 236 -60.44 30.90 -1.99
C GLN A 236 -59.30 30.53 -1.06
N ASP A 237 -59.57 29.68 -0.08
CA ASP A 237 -58.53 29.07 0.74
C ASP A 237 -58.66 27.56 0.65
N MET A 238 -57.79 26.95 -0.09
CA MET A 238 -57.89 25.51 -0.30
C MET A 238 -57.01 24.76 0.70
N PRO A 239 -57.44 23.58 1.13
CA PRO A 239 -56.61 22.81 2.06
C PRO A 239 -55.42 22.22 1.34
N LEU A 240 -54.32 22.09 2.06
CA LEU A 240 -53.09 21.53 1.52
C LEU A 240 -53.16 20.01 1.65
N ILE A 241 -53.08 19.31 0.54
CA ILE A 241 -53.27 17.87 0.50
C ILE A 241 -51.97 17.20 0.07
N ALA A 242 -51.65 16.09 0.73
CA ALA A 242 -50.41 15.38 0.47
C ALA A 242 -50.39 14.80 -0.93
N SER A 243 -49.19 14.73 -1.51
CA SER A 243 -49.02 14.10 -2.81
C SER A 243 -49.29 12.61 -2.70
N LYS A 244 -49.60 11.99 -3.84
CA LYS A 244 -49.80 10.54 -3.84
C LYS A 244 -48.53 9.75 -3.59
N TYR A 245 -47.36 10.31 -3.85
CA TYR A 245 -46.09 9.61 -3.64
C TYR A 245 -45.40 9.98 -2.34
N ASN A 246 -46.15 10.46 -1.35
CA ASN A 246 -45.52 10.89 -0.10
C ASN A 246 -45.06 9.67 0.66
N SER A 247 -43.92 9.14 0.25
CA SER A 247 -43.20 8.10 0.98
C SER A 247 -42.39 8.76 2.08
N VAL A 248 -41.46 8.00 2.67
CA VAL A 248 -40.65 8.54 3.75
C VAL A 248 -39.74 9.63 3.21
N GLY A 249 -39.47 10.64 4.03
CA GLY A 249 -38.51 11.67 3.68
C GLY A 249 -39.03 12.74 2.75
N SER A 250 -39.21 12.40 1.48
CA SER A 250 -39.62 13.36 0.45
C SER A 250 -41.13 13.50 0.47
N LYS A 251 -41.62 14.54 1.14
CA LYS A 251 -43.06 14.78 1.22
C LYS A 251 -43.40 16.11 0.57
N ALA A 252 -44.64 16.21 0.08
CA ALA A 252 -45.09 17.42 -0.58
C ALA A 252 -46.61 17.53 -0.46
N TRP A 253 -47.09 18.73 -0.17
CA TRP A 253 -48.53 18.99 -0.06
C TRP A 253 -48.93 20.04 -1.08
N HIS A 254 -49.91 19.71 -1.91
CA HIS A 254 -50.42 20.62 -2.93
C HIS A 254 -51.94 20.65 -2.86
N THR A 255 -52.54 21.61 -3.56
CA THR A 255 -53.96 21.86 -3.45
C THR A 255 -54.78 21.37 -4.63
N THR A 256 -54.21 21.35 -5.84
CA THR A 256 -54.97 21.06 -7.05
C THR A 256 -54.27 19.95 -7.81
N ASN A 257 -55.03 18.95 -8.25
CA ASN A 257 -54.46 17.95 -9.13
C ASN A 257 -54.72 18.26 -10.60
N ASP A 258 -55.51 19.28 -10.89
CA ASP A 258 -55.95 19.56 -12.25
C ASP A 258 -55.38 20.89 -12.72
N THR A 259 -55.27 21.03 -14.03
CA THR A 259 -54.84 22.28 -14.65
C THR A 259 -55.96 22.77 -15.56
N TYR A 260 -56.34 24.04 -15.39
CA TYR A 260 -57.49 24.61 -16.05
C TYR A 260 -57.12 25.23 -17.39
N MET A 261 -57.88 24.89 -18.42
CA MET A 261 -57.78 25.58 -19.71
C MET A 261 -59.14 25.49 -20.38
N VAL A 262 -59.41 26.45 -21.26
CA VAL A 262 -60.67 26.54 -21.98
C VAL A 262 -60.38 26.77 -23.46
N ALA A 263 -61.31 26.30 -24.30
CA ALA A 263 -61.13 26.38 -25.74
C ALA A 263 -61.89 27.55 -26.36
N GLY A 264 -63.20 27.63 -26.17
CA GLY A 264 -63.96 28.73 -26.73
C GLY A 264 -64.62 28.33 -28.05
N THR A 265 -65.20 29.34 -28.69
CA THR A 265 -65.86 29.12 -29.97
C THR A 265 -64.82 29.02 -31.08
N PRO A 266 -65.03 28.13 -32.04
CA PRO A 266 -64.00 27.90 -33.08
C PRO A 266 -63.62 29.19 -33.79
N GLY A 267 -62.36 29.57 -33.65
CA GLY A 267 -61.81 30.74 -34.31
C GLY A 267 -61.25 31.79 -33.38
N THR A 268 -61.19 31.57 -32.07
CA THR A 268 -60.72 32.56 -31.13
C THR A 268 -59.70 31.93 -30.19
N TYR A 269 -58.86 32.79 -29.61
CA TYR A 269 -57.92 32.35 -28.59
C TYR A 269 -58.53 32.54 -27.21
N ARG A 270 -58.29 31.57 -26.33
CA ARG A 270 -58.71 31.67 -24.95
C ARG A 270 -57.52 31.30 -24.08
N THR A 271 -57.34 32.01 -22.97
CA THR A 271 -56.22 31.76 -22.08
C THR A 271 -56.73 31.36 -20.72
N GLY A 272 -56.19 30.27 -20.19
CA GLY A 272 -56.49 29.85 -18.84
C GLY A 272 -55.28 30.05 -17.94
N THR A 273 -55.42 29.59 -16.71
CA THR A 273 -54.34 29.73 -15.75
C THR A 273 -54.56 28.86 -14.53
N SER A 274 -53.55 28.11 -14.15
CA SER A 274 -53.58 27.37 -12.91
C SER A 274 -52.65 28.04 -11.91
N VAL A 275 -52.94 27.79 -10.64
CA VAL A 275 -52.07 28.16 -9.52
C VAL A 275 -52.17 27.05 -8.51
N ASN A 276 -51.03 26.49 -8.14
CA ASN A 276 -50.98 25.33 -7.26
C ASN A 276 -50.04 25.63 -6.10
N CYS A 277 -50.62 25.80 -4.91
CA CYS A 277 -49.82 25.99 -3.70
C CYS A 277 -49.11 24.68 -3.37
N ILE A 278 -47.78 24.71 -3.27
CA ILE A 278 -46.95 23.53 -3.06
C ILE A 278 -45.97 23.79 -1.93
N ILE A 279 -46.00 22.94 -0.90
CA ILE A 279 -45.04 22.96 0.19
C ILE A 279 -44.26 21.65 0.19
N GLU A 280 -42.94 21.74 -0.02
CA GLU A 280 -42.06 20.58 -0.08
C GLU A 280 -40.98 20.65 0.99
N GLU A 281 -40.72 19.51 1.64
CA GLU A 281 -39.54 19.35 2.49
C GLU A 281 -38.33 18.95 1.67
N VAL A 282 -37.31 19.81 1.61
CA VAL A 282 -36.12 19.52 0.84
C VAL A 282 -34.94 19.28 1.78
N GLU A 283 -33.84 18.78 1.23
CA GLU A 283 -32.58 18.64 1.94
C GLU A 283 -31.58 19.65 1.40
N ALA A 284 -31.18 20.60 2.23
CA ALA A 284 -30.19 21.58 1.82
C ALA A 284 -28.78 21.11 2.16
N ARG A 285 -27.81 21.78 1.55
CA ARG A 285 -26.43 21.31 1.50
C ARG A 285 -25.52 22.48 1.16
N SER A 286 -24.53 22.73 2.02
CA SER A 286 -23.63 23.86 1.84
C SER A 286 -22.22 23.37 2.14
N ILE A 287 -21.24 23.90 1.39
CA ILE A 287 -19.86 23.50 1.56
C ILE A 287 -19.01 24.72 1.90
N PHE A 288 -17.82 24.45 2.39
CA PHE A 288 -16.92 25.49 2.84
C PHE A 288 -16.63 26.45 1.69
N PRO A 289 -16.54 27.76 1.94
CA PRO A 289 -16.63 28.42 3.25
C PRO A 289 -18.05 28.77 3.68
N TYR A 290 -19.05 28.02 3.22
CA TYR A 290 -20.43 28.19 3.66
C TYR A 290 -20.94 29.61 3.39
N ASP A 291 -20.94 30.00 2.12
CA ASP A 291 -21.50 31.28 1.71
C ASP A 291 -22.61 31.13 0.68
N SER A 292 -23.22 29.95 0.60
CA SER A 292 -24.31 29.64 -0.30
C SER A 292 -24.77 28.24 0.02
N PHE A 293 -26.00 27.91 -0.35
CA PHE A 293 -26.37 26.51 -0.23
C PHE A 293 -27.36 26.18 -1.34
N GLY A 294 -27.21 24.99 -1.89
CA GLY A 294 -28.11 24.51 -2.91
C GLY A 294 -29.12 23.56 -2.32
N LEU A 295 -30.27 23.45 -2.99
CA LEU A 295 -31.38 22.63 -2.53
C LEU A 295 -31.58 21.48 -3.50
N SER A 296 -32.31 20.47 -3.03
CA SER A 296 -32.66 19.35 -3.88
C SER A 296 -33.50 19.76 -5.08
N THR A 297 -34.16 20.92 -5.04
CA THR A 297 -34.90 21.37 -6.22
C THR A 297 -33.99 21.98 -7.27
N GLY A 298 -32.76 22.32 -6.92
CA GLY A 298 -31.79 22.86 -7.84
C GLY A 298 -31.51 24.33 -7.69
N ASP A 299 -32.09 25.01 -6.72
CA ASP A 299 -31.97 26.45 -6.63
C ASP A 299 -30.83 26.76 -5.67
N ILE A 300 -29.95 27.67 -6.07
CA ILE A 300 -28.90 28.15 -5.19
C ILE A 300 -29.41 29.34 -4.41
N ILE A 301 -29.23 29.30 -3.09
CA ILE A 301 -29.63 30.38 -2.19
C ILE A 301 -28.35 31.04 -1.71
N TYR A 302 -28.10 32.25 -2.22
CA TYR A 302 -26.83 32.94 -2.00
C TYR A 302 -26.78 33.63 -0.64
N MET A 303 -26.98 32.83 0.40
CA MET A 303 -26.91 33.30 1.76
C MET A 303 -26.47 32.14 2.64
N SER A 304 -25.59 32.43 3.60
CA SER A 304 -25.07 31.37 4.43
C SER A 304 -26.20 30.80 5.29
N PRO A 305 -26.19 29.49 5.55
CA PRO A 305 -27.22 28.91 6.41
C PRO A 305 -27.22 29.43 7.84
N PHE A 306 -26.23 30.23 8.21
CA PHE A 306 -26.10 30.72 9.58
C PHE A 306 -26.28 32.24 9.66
N PHE A 307 -26.77 32.87 8.60
CA PHE A 307 -27.11 34.29 8.67
C PHE A 307 -28.29 34.52 9.61
N GLY A 308 -28.19 35.55 10.42
CA GLY A 308 -29.21 35.87 11.38
C GLY A 308 -29.13 37.31 11.81
N LEU A 309 -29.75 37.61 12.95
CA LEU A 309 -29.76 38.97 13.47
C LEU A 309 -29.05 39.15 14.80
N ARG A 310 -28.85 38.09 15.58
CA ARG A 310 -28.18 38.17 16.86
C ARG A 310 -26.87 37.40 16.82
N ASP A 311 -26.16 37.43 17.95
CA ASP A 311 -24.97 36.60 18.16
C ASP A 311 -23.93 36.84 17.08
N GLY A 312 -23.87 38.07 16.56
CA GLY A 312 -22.94 38.40 15.50
C GLY A 312 -23.21 37.69 14.19
N ALA A 313 -24.39 37.09 14.04
CA ALA A 313 -24.74 36.41 12.81
C ALA A 313 -24.99 37.38 11.67
N TYR A 314 -25.33 38.63 11.97
CA TYR A 314 -25.54 39.62 10.90
C TYR A 314 -24.28 39.86 10.09
N ARG A 315 -23.15 39.28 10.50
CA ARG A 315 -21.88 39.42 9.80
C ARG A 315 -21.61 38.26 8.86
N GLU A 316 -22.57 37.37 8.65
CA GLU A 316 -22.41 36.32 7.65
C GLU A 316 -22.55 36.90 6.26
N HIS A 317 -22.50 36.02 5.27
CA HIS A 317 -22.52 36.43 3.88
C HIS A 317 -23.95 36.41 3.38
N SER A 318 -24.30 37.38 2.53
CA SER A 318 -25.65 37.42 1.97
C SER A 318 -25.61 38.23 0.70
N ASN A 319 -26.07 37.64 -0.40
CA ASN A 319 -26.18 38.36 -1.66
C ASN A 319 -27.51 39.05 -1.86
N TYR A 320 -28.36 39.12 -0.84
CA TYR A 320 -29.69 39.70 -0.97
C TYR A 320 -29.83 40.91 -0.06
N ALA A 321 -30.83 41.73 -0.39
CA ALA A 321 -31.19 42.86 0.45
C ALA A 321 -31.92 42.38 1.70
N MET A 322 -31.82 43.18 2.76
CA MET A 322 -32.40 42.80 4.04
C MET A 322 -33.92 42.85 4.03
N ASP A 323 -34.53 43.32 2.95
CA ASP A 323 -35.99 43.35 2.87
C ASP A 323 -36.55 41.99 2.48
N ARG A 324 -35.75 41.15 1.83
CA ARG A 324 -36.15 39.81 1.43
C ARG A 324 -36.07 38.84 2.60
N PHE A 325 -35.42 39.23 3.68
CA PHE A 325 -35.12 38.35 4.81
C PHE A 325 -36.04 38.61 5.99
N HIS A 326 -36.63 37.55 6.51
CA HIS A 326 -37.49 37.62 7.69
C HIS A 326 -37.01 36.60 8.70
N GLN A 327 -37.01 36.98 9.96
CA GLN A 327 -36.66 36.09 11.06
C GLN A 327 -37.79 36.06 12.06
N PHE A 328 -38.15 34.87 12.52
CA PHE A 328 -39.24 34.69 13.47
C PHE A 328 -38.65 33.98 14.68
N GLU A 329 -38.35 34.74 15.72
CA GLU A 329 -37.80 34.19 16.95
C GLU A 329 -38.91 33.50 17.72
N GLY A 330 -38.68 32.27 18.13
CA GLY A 330 -39.73 31.54 18.80
C GLY A 330 -40.77 31.00 17.87
N TYR A 331 -40.46 30.87 16.59
CA TYR A 331 -41.45 30.44 15.63
C TYR A 331 -41.83 28.99 15.87
N ARG A 332 -43.12 28.74 15.82
CA ARG A 332 -43.65 27.40 16.00
C ARG A 332 -44.14 26.97 14.62
N GLN A 333 -43.34 26.16 13.94
CA GLN A 333 -43.75 25.66 12.64
C GLN A 333 -44.90 24.67 12.82
N ARG A 334 -45.65 24.45 11.75
CA ARG A 334 -46.80 23.56 11.80
C ARG A 334 -46.57 22.31 10.96
N ASP A 335 -46.81 21.14 11.56
CA ASP A 335 -46.75 19.86 10.87
C ASP A 335 -48.07 19.62 10.14
N LEU A 336 -48.01 19.60 8.81
CA LEU A 336 -49.24 19.50 8.02
C LEU A 336 -49.88 18.11 8.06
N ASP A 337 -49.32 17.15 8.78
CA ASP A 337 -49.95 15.85 8.90
C ASP A 337 -50.69 15.67 10.23
N THR A 338 -50.03 15.97 11.35
CA THR A 338 -50.68 15.88 12.65
C THR A 338 -51.43 17.16 13.01
N ARG A 339 -51.36 18.17 12.15
CA ARG A 339 -52.11 19.41 12.30
C ARG A 339 -51.77 20.14 13.61
N ALA A 340 -50.65 19.79 14.22
CA ALA A 340 -50.26 20.30 15.52
C ALA A 340 -49.00 21.14 15.39
N LEU A 341 -48.92 22.19 16.20
CA LEU A 341 -47.74 23.03 16.19
C LEU A 341 -46.54 22.26 16.74
N LEU A 342 -45.37 22.52 16.16
CA LEU A 342 -44.12 21.91 16.63
C LEU A 342 -43.55 22.74 17.78
N GLU A 343 -42.36 22.42 18.16
CA GLU A 343 -41.73 23.09 19.30
C GLU A 343 -41.02 24.37 18.85
N PRO A 344 -40.95 25.35 19.75
CA PRO A 344 -40.41 26.66 19.36
C PRO A 344 -38.95 26.57 18.95
N ALA A 345 -38.61 27.33 17.92
CA ALA A 345 -37.25 27.38 17.40
C ALA A 345 -37.11 28.57 16.48
N ALA A 346 -36.03 29.34 16.62
CA ALA A 346 -35.81 30.46 15.72
C ALA A 346 -35.80 29.96 14.28
N ARG A 347 -36.47 30.71 13.40
CA ARG A 347 -36.66 30.25 12.03
C ARG A 347 -36.46 31.38 11.04
N ASN A 348 -35.54 31.18 10.11
CA ASN A 348 -35.32 32.13 9.03
C ASN A 348 -36.21 31.82 7.84
N PHE A 349 -36.63 32.89 7.18
CA PHE A 349 -37.42 32.83 5.95
C PHE A 349 -36.75 33.75 4.95
N LEU A 350 -36.57 33.28 3.73
CA LEU A 350 -36.01 34.11 2.68
C LEU A 350 -36.86 33.95 1.44
N VAL A 351 -37.30 35.08 0.87
CA VAL A 351 -38.14 35.07 -0.32
C VAL A 351 -37.25 35.26 -1.53
N THR A 352 -36.85 34.14 -2.14
CA THR A 352 -36.14 34.18 -3.40
C THR A 352 -37.09 34.53 -4.54
N PRO A 353 -36.60 35.22 -5.56
CA PRO A 353 -37.44 35.58 -6.71
C PRO A 353 -38.30 34.47 -7.29
N HIS A 354 -37.95 33.20 -7.07
CA HIS A 354 -38.72 32.12 -7.66
C HIS A 354 -39.33 31.14 -6.66
N LEU A 355 -39.11 31.32 -5.36
CA LEU A 355 -39.68 30.48 -4.33
C LEU A 355 -39.28 31.06 -2.98
N THR A 356 -39.90 30.55 -1.91
CA THR A 356 -39.55 30.97 -0.56
C THR A 356 -38.98 29.80 0.23
N VAL A 357 -37.75 29.97 0.73
CA VAL A 357 -37.06 28.97 1.52
C VAL A 357 -37.21 29.30 3.00
N GLY A 358 -37.44 28.28 3.81
CA GLY A 358 -37.47 28.44 5.25
C GLY A 358 -36.65 27.38 5.95
N TRP A 359 -35.79 27.78 6.89
CA TRP A 359 -34.97 26.79 7.57
C TRP A 359 -34.75 27.19 9.02
N ASN A 360 -34.69 26.18 9.89
CA ASN A 360 -34.42 26.42 11.29
C ASN A 360 -33.01 26.96 11.46
N TRP A 361 -32.88 28.06 12.19
CA TRP A 361 -31.58 28.72 12.32
C TRP A 361 -30.76 28.03 13.40
N LYS A 362 -29.46 27.83 13.10
CA LYS A 362 -28.56 27.19 14.04
C LYS A 362 -27.21 27.90 13.97
N PRO A 363 -26.57 28.15 15.11
CA PRO A 363 -25.34 28.93 15.09
C PRO A 363 -24.20 28.16 14.44
N LYS A 364 -23.28 28.91 13.84
CA LYS A 364 -22.17 28.31 13.11
C LYS A 364 -21.22 27.56 14.03
N ARG A 365 -21.04 28.06 15.25
CA ARG A 365 -20.03 27.52 16.15
C ARG A 365 -20.38 26.13 16.65
N THR A 366 -21.64 25.74 16.63
CA THR A 366 -22.03 24.46 17.24
C THR A 366 -22.43 23.39 16.24
N GLU A 367 -22.42 23.67 14.94
CA GLU A 367 -22.92 22.66 14.02
C GLU A 367 -21.88 22.15 13.03
N VAL A 368 -21.03 23.02 12.50
CA VAL A 368 -20.02 22.59 11.53
C VAL A 368 -18.64 22.65 12.18
N CYS A 369 -17.80 21.69 11.82
CA CYS A 369 -16.44 21.63 12.35
C CYS A 369 -15.56 20.96 11.30
N SER A 370 -14.41 21.56 11.04
CA SER A 370 -13.55 21.14 9.93
C SER A 370 -13.00 19.73 10.10
N LEU A 371 -12.91 19.22 11.33
CA LEU A 371 -12.30 17.92 11.57
C LEU A 371 -13.34 16.94 12.09
N VAL A 372 -13.23 15.69 11.66
CA VAL A 372 -14.14 14.63 12.08
C VAL A 372 -13.35 13.45 12.61
N LYS A 373 -13.91 12.79 13.61
CA LYS A 373 -13.24 11.64 14.19
C LYS A 373 -13.16 10.53 13.15
N TRP A 374 -11.96 10.06 12.89
CA TRP A 374 -11.76 8.93 11.99
C TRP A 374 -11.69 7.61 12.72
N ARG A 375 -10.88 7.51 13.77
CA ARG A 375 -10.65 6.22 14.39
C ARG A 375 -10.20 6.44 15.83
N GLU A 376 -10.80 5.69 16.74
CA GLU A 376 -10.33 5.66 18.12
C GLU A 376 -9.40 4.48 18.33
N VAL A 377 -8.26 4.72 18.96
CA VAL A 377 -7.26 3.69 19.19
C VAL A 377 -7.03 3.65 20.69
N GLU A 378 -7.28 2.47 21.27
CA GLU A 378 -7.25 2.31 22.72
C GLU A 378 -5.82 2.16 23.24
N ASP A 379 -4.97 1.47 22.51
CA ASP A 379 -3.59 1.24 22.93
C ASP A 379 -2.59 1.72 21.88
N VAL A 380 -1.98 2.87 22.13
CA VAL A 380 -0.90 3.35 21.28
C VAL A 380 0.37 3.46 22.11
N VAL A 381 1.49 3.61 21.42
CA VAL A 381 2.79 3.76 22.06
C VAL A 381 3.55 4.84 21.30
N ARG A 382 3.91 5.92 21.99
CA ARG A 382 4.67 6.99 21.39
C ARG A 382 6.15 6.87 21.74
N ASP A 383 6.97 6.62 20.74
CA ASP A 383 8.41 6.62 20.92
C ASP A 383 8.96 7.90 20.29
N GLU A 384 10.24 8.17 20.54
CA GLU A 384 10.83 9.44 20.14
C GLU A 384 12.06 9.03 19.34
N TYR A 385 11.99 9.20 18.02
CA TYR A 385 13.11 8.84 17.16
C TYR A 385 13.65 10.02 16.38
N ALA A 386 14.93 10.34 16.62
CA ALA A 386 15.67 11.41 15.96
C ALA A 386 14.87 12.66 15.63
N HIS A 387 14.54 13.46 16.64
CA HIS A 387 13.90 14.76 16.45
C HIS A 387 12.42 14.65 16.12
N ASN A 388 11.83 13.45 16.10
CA ASN A 388 10.47 13.31 15.61
C ASN A 388 9.75 12.32 16.53
N PHE A 389 8.46 12.54 16.69
CA PHE A 389 7.64 11.55 17.37
C PHE A 389 7.19 10.45 16.43
N ARG A 390 6.85 9.30 17.01
CA ARG A 390 6.31 8.19 16.27
C ARG A 390 5.20 7.55 17.10
N PHE A 391 4.06 7.30 16.47
CA PHE A 391 2.88 6.71 17.11
C PHE A 391 2.60 5.34 16.52
N THR A 392 2.91 4.30 17.27
CA THR A 392 2.69 2.93 16.81
C THR A 392 1.35 2.45 17.36
N MET A 393 0.50 1.97 16.46
CA MET A 393 -0.84 1.48 16.81
C MET A 393 -0.97 0.04 16.32
N LYS A 394 -0.79 -0.90 17.24
CA LYS A 394 -0.71 -2.30 16.87
C LYS A 394 -2.07 -2.92 16.53
N THR A 395 -3.17 -2.31 16.96
CA THR A 395 -4.47 -2.85 16.59
C THR A 395 -4.84 -2.49 15.16
N LEU A 396 -4.39 -1.34 14.68
CA LEU A 396 -4.59 -0.97 13.29
C LEU A 396 -3.43 -1.40 12.41
N SER A 397 -2.29 -1.74 13.02
CA SER A 397 -1.05 -1.99 12.29
C SER A 397 -0.64 -0.74 11.51
N THR A 398 -0.69 0.40 12.18
CA THR A 398 -0.43 1.68 11.55
C THR A 398 0.51 2.50 12.41
N THR A 399 1.50 3.11 11.78
CA THR A 399 2.48 3.95 12.47
C THR A 399 2.49 5.34 11.86
N PHE A 400 2.10 6.34 12.62
CA PHE A 400 2.17 7.73 12.19
C PHE A 400 3.43 8.39 12.73
N ILE A 401 3.99 9.32 11.96
CA ILE A 401 5.24 9.96 12.35
C ILE A 401 5.03 11.47 12.34
N SER A 402 4.97 12.07 13.53
CA SER A 402 4.80 13.51 13.66
C SER A 402 6.11 14.20 13.98
N GLU A 403 6.02 15.51 14.25
CA GLU A 403 7.14 16.26 14.81
C GLU A 403 7.00 16.36 16.33
N THR A 404 8.08 16.82 16.96
CA THR A 404 8.13 17.01 18.41
C THR A 404 7.30 18.19 18.89
N ASN A 405 6.87 19.07 18.01
CA ASN A 405 6.11 20.24 18.46
C ASN A 405 4.64 19.88 18.64
N GLU A 406 3.99 20.62 19.54
CA GLU A 406 2.55 20.55 19.67
C GLU A 406 1.89 21.25 18.49
N PHE A 407 0.63 20.91 18.26
CA PHE A 407 -0.16 21.58 17.25
C PHE A 407 -1.16 22.52 17.91
N ASN A 408 -1.14 23.78 17.48
CA ASN A 408 -2.09 24.77 17.97
C ASN A 408 -3.32 24.73 17.09
N LEU A 409 -4.43 24.28 17.66
CA LEU A 409 -5.68 24.17 16.90
C LEU A 409 -6.31 25.51 16.61
N ASN A 410 -5.67 26.62 16.98
CA ASN A 410 -6.18 27.93 16.62
C ASN A 410 -5.83 28.34 15.19
N GLN A 411 -4.85 27.68 14.57
CA GLN A 411 -4.54 27.96 13.17
C GLN A 411 -5.55 27.37 12.18
N ILE A 412 -6.50 26.56 12.62
CA ILE A 412 -7.42 25.91 11.70
C ILE A 412 -8.82 26.48 11.90
N HIS A 413 -9.50 26.73 10.79
CA HIS A 413 -10.87 27.23 10.84
C HIS A 413 -11.79 26.19 11.45
N LEU A 414 -12.68 26.65 12.33
CA LEU A 414 -13.84 25.88 12.77
C LEU A 414 -13.46 24.57 13.43
N SER A 415 -12.49 24.62 14.34
CA SER A 415 -12.00 23.41 14.99
C SER A 415 -12.51 23.28 16.42
N GLN A 416 -13.64 23.93 16.73
CA GLN A 416 -14.14 23.94 18.10
C GLN A 416 -14.72 22.60 18.54
N CYS A 417 -15.06 21.71 17.61
CA CYS A 417 -15.68 20.45 18.02
C CYS A 417 -14.65 19.52 18.65
N VAL A 418 -13.48 19.43 18.02
CA VAL A 418 -12.55 18.32 18.25
C VAL A 418 -12.14 18.25 19.72
N LYS A 419 -11.81 19.39 20.33
CA LYS A 419 -11.30 19.42 21.69
C LYS A 419 -12.24 18.68 22.65
N GLU A 420 -13.48 19.14 22.74
CA GLU A 420 -14.41 18.57 23.71
C GLU A 420 -14.86 17.18 23.28
N GLU A 421 -15.01 16.97 21.97
CA GLU A 421 -15.39 15.66 21.47
C GLU A 421 -14.36 14.62 21.87
N ALA A 422 -13.08 14.93 21.65
CA ALA A 422 -12.01 14.01 22.02
C ALA A 422 -11.90 13.85 23.53
N ARG A 423 -12.15 14.92 24.30
CA ARG A 423 -12.13 14.78 25.74
C ARG A 423 -13.16 13.77 26.23
N ALA A 424 -14.39 13.86 25.73
CA ALA A 424 -15.41 12.92 26.16
C ALA A 424 -15.06 11.50 25.75
N ILE A 425 -14.61 11.32 24.50
CA ILE A 425 -14.30 9.97 24.01
C ILE A 425 -13.12 9.38 24.79
N ILE A 426 -12.08 10.17 25.02
CA ILE A 426 -10.89 9.66 25.69
C ILE A 426 -11.18 9.33 27.14
N ASN A 427 -12.00 10.14 27.81
CA ASN A 427 -12.37 9.83 29.18
C ASN A 427 -13.16 8.54 29.24
N ARG A 428 -14.07 8.34 28.30
CA ARG A 428 -14.83 7.09 28.27
C ARG A 428 -13.90 5.90 28.05
N ILE A 429 -12.96 6.02 27.12
CA ILE A 429 -12.05 4.90 26.83
C ILE A 429 -11.23 4.54 28.07
N TYR A 430 -10.68 5.54 28.75
CA TYR A 430 -9.90 5.25 29.94
C TYR A 430 -10.76 4.56 31.00
N THR A 431 -11.92 5.13 31.30
CA THR A 431 -12.77 4.57 32.34
C THR A 431 -13.25 3.17 31.99
N THR A 432 -13.35 2.83 30.71
CA THR A 432 -13.85 1.51 30.36
C THR A 432 -12.76 0.45 30.24
N ARG A 433 -11.51 0.82 30.00
CA ARG A 433 -10.47 -0.18 29.77
C ARG A 433 -9.33 -0.13 30.77
N TYR A 434 -8.77 1.05 31.01
CA TYR A 434 -7.58 1.24 31.83
C TYR A 434 -7.90 1.81 33.20
N ASN A 435 -9.07 1.48 33.75
CA ASN A 435 -9.53 2.08 34.99
C ASN A 435 -8.62 1.73 36.16
N SER A 436 -8.10 0.49 36.19
CA SER A 436 -7.31 0.05 37.33
C SER A 436 -5.83 -0.15 37.05
N SER A 437 -5.42 -0.29 35.79
CA SER A 437 -4.03 -0.59 35.53
C SER A 437 -3.14 0.65 35.52
N HIS A 438 -3.58 1.71 34.85
CA HIS A 438 -2.74 2.90 34.70
C HIS A 438 -3.43 4.11 35.29
N VAL A 439 -2.75 5.26 35.21
CA VAL A 439 -3.30 6.55 35.62
C VAL A 439 -2.80 7.62 34.65
N ARG A 440 -3.62 8.64 34.45
CA ARG A 440 -3.31 9.71 33.52
C ARG A 440 -2.16 10.56 34.04
N THR A 441 -1.51 11.28 33.12
CA THR A 441 -0.34 12.09 33.46
C THR A 441 -0.40 13.47 32.82
N GLY A 442 -1.52 14.16 32.98
CA GLY A 442 -1.65 15.49 32.41
C GLY A 442 -2.72 15.59 31.34
N ASP A 443 -2.86 16.80 30.81
CA ASP A 443 -3.85 17.10 29.81
C ASP A 443 -3.46 16.55 28.44
N ILE A 444 -4.47 16.49 27.56
CA ILE A 444 -4.31 15.97 26.21
C ILE A 444 -3.33 16.82 25.39
N GLN A 445 -2.62 16.15 24.50
CA GLN A 445 -1.67 16.78 23.60
C GLN A 445 -2.16 16.57 22.17
N THR A 446 -1.92 17.56 21.31
CA THR A 446 -2.41 17.52 19.93
C THR A 446 -1.22 17.55 18.98
N TYR A 447 -1.12 16.52 18.14
CA TYR A 447 -0.04 16.42 17.16
C TYR A 447 -0.62 16.29 15.77
N LEU A 448 0.06 16.89 14.81
CA LEU A 448 -0.28 16.77 13.39
C LEU A 448 0.56 15.65 12.80
N ALA A 449 -0.04 14.50 12.57
CA ALA A 449 0.70 13.43 11.97
C ALA A 449 0.96 13.76 10.50
N ARG A 450 1.70 12.88 9.84
CA ARG A 450 2.11 13.13 8.46
C ARG A 450 1.06 12.65 7.49
N GLY A 451 0.90 13.42 6.42
CA GLY A 451 -0.16 13.21 5.46
C GLY A 451 -1.42 13.95 5.81
N GLY A 452 -1.39 14.77 6.86
CA GLY A 452 -2.49 15.64 7.20
C GLY A 452 -3.43 15.12 8.25
N PHE A 453 -2.96 14.33 9.21
CA PHE A 453 -3.87 13.81 10.21
C PHE A 453 -3.64 14.51 11.54
N VAL A 454 -4.64 14.46 12.42
CA VAL A 454 -4.52 15.08 13.73
C VAL A 454 -4.76 14.02 14.78
N VAL A 455 -3.74 13.72 15.56
CA VAL A 455 -3.80 12.73 16.63
C VAL A 455 -3.90 13.47 17.95
N VAL A 456 -5.02 13.30 18.63
CA VAL A 456 -5.18 13.79 20.00
C VAL A 456 -4.78 12.67 20.96
N PHE A 457 -3.63 12.83 21.60
CA PHE A 457 -2.95 11.80 22.36
C PHE A 457 -3.01 12.12 23.85
N GLN A 458 -3.54 11.17 24.63
CA GLN A 458 -3.54 11.25 26.09
C GLN A 458 -2.49 10.30 26.64
N PRO A 459 -1.44 10.80 27.30
CA PRO A 459 -0.40 9.94 27.84
C PRO A 459 -0.81 9.27 29.15
N LEU A 460 -0.58 7.96 29.23
CA LEU A 460 -0.81 7.19 30.45
C LEU A 460 0.52 6.83 31.09
N LEU A 461 0.44 6.34 32.32
CA LEU A 461 1.65 5.90 33.03
C LEU A 461 1.22 4.70 33.85
N SER A 462 2.09 3.70 33.96
CA SER A 462 1.75 2.56 34.81
C SER A 462 1.88 2.93 36.27
N ASN A 463 1.28 2.10 37.12
CA ASN A 463 1.25 2.35 38.55
C ASN A 463 2.63 2.40 39.20
N SER A 464 3.65 1.85 38.57
CA SER A 464 4.99 1.95 39.10
C SER A 464 5.50 3.39 39.11
N ASN A 503 -4.80 31.96 9.25
CA ASN A 503 -5.51 30.71 9.43
C ASN A 503 -5.56 29.92 8.14
N ARG A 504 -5.59 28.59 8.26
CA ARG A 504 -5.54 27.71 7.11
C ARG A 504 -6.48 26.53 7.38
N THR A 505 -6.46 25.56 6.47
CA THR A 505 -7.22 24.33 6.62
C THR A 505 -6.27 23.19 6.37
N ILE A 506 -6.55 22.03 6.96
CA ILE A 506 -5.70 20.85 6.81
C ILE A 506 -6.23 19.99 5.68
N THR A 507 -5.33 19.56 4.81
CA THR A 507 -5.65 18.72 3.66
C THR A 507 -5.08 17.33 3.92
N THR A 508 -5.95 16.34 3.90
CA THR A 508 -5.55 14.97 4.20
C THR A 508 -5.40 14.17 2.92
N THR A 509 -4.32 13.39 2.85
CA THR A 509 -4.14 12.50 1.73
C THR A 509 -5.23 11.44 1.79
N SER A 510 -5.40 10.67 0.72
CA SER A 510 -6.46 9.68 0.74
C SER A 510 -5.94 8.28 1.02
N SER A 511 -4.78 8.19 1.68
CA SER A 511 -4.21 6.84 1.93
C SER A 511 -3.30 6.83 3.16
N VAL A 512 -3.65 5.99 4.13
CA VAL A 512 -2.80 5.76 5.34
C VAL A 512 -1.85 4.59 5.03
N GLU A 513 -2.08 3.91 3.89
CA GLU A 513 -1.28 2.76 3.41
C GLU A 513 0.21 3.06 3.57
N PHE A 514 0.65 4.30 3.31
CA PHE A 514 2.11 4.55 3.49
C PHE A 514 2.45 4.30 4.97
N ALA A 515 1.44 4.46 5.84
CA ALA A 515 1.60 4.21 7.25
C ALA A 515 1.49 2.74 7.59
N MET A 516 0.68 1.96 6.87
CA MET A 516 0.72 0.53 7.11
C MET A 516 2.06 -0.03 6.67
N LEU A 517 2.59 0.48 5.55
CA LEU A 517 3.95 0.16 5.17
C LEU A 517 4.94 0.56 6.26
N GLN A 518 4.74 1.74 6.85
CA GLN A 518 5.64 2.20 7.89
C GLN A 518 5.62 1.28 9.09
N PHE A 519 4.43 0.88 9.53
CA PHE A 519 4.34 -0.05 10.64
C PHE A 519 5.03 -1.37 10.32
N THR A 520 4.75 -1.94 9.16
CA THR A 520 5.33 -3.23 8.83
C THR A 520 6.85 -3.15 8.76
N TYR A 521 7.37 -2.12 8.11
CA TYR A 521 8.81 -1.97 8.05
C TYR A 521 9.40 -1.79 9.43
N ASP A 522 8.76 -0.98 10.27
CA ASP A 522 9.26 -0.81 11.63
C ASP A 522 9.30 -2.14 12.36
N HIS A 523 8.28 -2.97 12.20
CA HIS A 523 8.27 -4.24 12.90
C HIS A 523 9.41 -5.13 12.43
N ILE A 524 9.52 -5.36 11.12
CA ILE A 524 10.59 -6.20 10.63
C ILE A 524 11.95 -5.63 11.02
N GLN A 525 12.12 -4.32 10.91
CA GLN A 525 13.41 -3.72 11.22
C GLN A 525 13.76 -3.90 12.68
N GLU A 526 12.80 -3.64 13.59
CA GLU A 526 13.09 -3.80 15.00
C GLU A 526 13.40 -5.24 15.35
N HIS A 527 12.61 -6.18 14.85
CA HIS A 527 12.83 -7.57 15.19
C HIS A 527 14.15 -8.09 14.61
N VAL A 528 14.41 -7.82 13.33
CA VAL A 528 15.63 -8.31 12.72
C VAL A 528 16.86 -7.68 13.36
N ASN A 529 16.75 -6.42 13.78
CA ASN A 529 17.89 -5.80 14.44
C ASN A 529 18.12 -6.44 15.81
N GLU A 530 17.04 -6.74 16.52
CA GLU A 530 17.19 -7.44 17.79
C GLU A 530 17.85 -8.81 17.59
N MET A 531 17.43 -9.55 16.57
CA MET A 531 18.03 -10.86 16.34
C MET A 531 19.49 -10.77 15.93
N LEU A 532 19.83 -9.79 15.09
CA LEU A 532 21.23 -9.62 14.73
C LEU A 532 22.07 -9.25 15.94
N ALA A 533 21.54 -8.39 16.80
CA ALA A 533 22.28 -8.06 18.03
C ALA A 533 22.51 -9.30 18.87
N ARG A 534 21.51 -10.18 18.97
CA ARG A 534 21.71 -11.39 19.76
C ARG A 534 22.74 -12.30 19.12
N ILE A 535 22.67 -12.49 17.80
CA ILE A 535 23.69 -13.28 17.11
C ILE A 535 25.08 -12.72 17.36
N SER A 536 25.22 -11.40 17.32
CA SER A 536 26.55 -10.83 17.49
C SER A 536 27.07 -11.06 18.92
N SER A 537 26.23 -10.83 19.92
CA SER A 537 26.67 -11.06 21.30
C SER A 537 27.02 -12.53 21.53
N SER A 538 26.18 -13.44 21.02
CA SER A 538 26.47 -14.86 21.16
C SER A 538 27.76 -15.23 20.45
N TRP A 539 27.99 -14.64 19.27
CA TRP A 539 29.22 -14.93 18.55
C TRP A 539 30.42 -14.51 19.36
N CYS A 540 30.34 -13.36 20.03
CA CYS A 540 31.49 -12.93 20.84
C CYS A 540 31.76 -13.91 21.96
N GLN A 541 30.73 -14.31 22.70
CA GLN A 541 30.98 -15.25 23.79
C GLN A 541 31.60 -16.53 23.25
N LEU A 542 31.12 -17.03 22.11
CA LEU A 542 31.68 -18.27 21.59
C LEU A 542 33.14 -18.12 21.18
N GLN A 543 33.49 -17.01 20.54
CA GLN A 543 34.90 -16.80 20.19
C GLN A 543 35.76 -16.66 21.45
N ASN A 544 35.28 -15.89 22.42
CA ASN A 544 36.03 -15.74 23.66
C ASN A 544 36.19 -17.07 24.38
N ARG A 545 35.26 -18.01 24.14
CA ARG A 545 35.38 -19.31 24.77
C ARG A 545 36.36 -20.20 24.01
N GLU A 546 36.28 -20.20 22.68
CA GLU A 546 37.20 -20.97 21.86
C GLU A 546 38.63 -20.48 21.97
N ARG A 547 38.85 -19.23 22.38
CA ARG A 547 40.22 -18.79 22.64
C ARG A 547 40.88 -19.61 23.72
N ALA A 548 40.10 -20.11 24.69
CA ALA A 548 40.68 -20.93 25.74
C ALA A 548 41.14 -22.28 25.22
N LEU A 549 40.36 -22.92 24.35
CA LEU A 549 40.80 -24.18 23.77
C LEU A 549 42.05 -24.00 22.92
N TRP A 550 42.07 -22.95 22.09
CA TRP A 550 43.26 -22.72 21.28
C TRP A 550 44.49 -22.46 22.14
N SER A 551 44.35 -21.63 23.18
CA SER A 551 45.50 -21.33 24.02
C SER A 551 45.93 -22.52 24.85
N GLY A 552 44.98 -23.35 25.28
CA GLY A 552 45.30 -24.52 26.08
C GLY A 552 45.79 -25.72 25.30
N LEU A 553 45.59 -25.74 23.98
CA LEU A 553 46.00 -26.88 23.17
C LEU A 553 47.30 -26.68 22.43
N PHE A 554 47.85 -25.46 22.43
CA PHE A 554 49.14 -25.26 21.76
C PHE A 554 50.26 -26.12 22.32
N PRO A 555 50.43 -26.28 23.64
CA PRO A 555 51.49 -27.20 24.11
C PRO A 555 51.42 -28.59 23.51
N ILE A 556 50.22 -29.11 23.24
CA ILE A 556 50.14 -30.49 22.77
C ILE A 556 50.63 -30.61 21.33
N ASN A 557 50.20 -29.70 20.46
CA ASN A 557 50.59 -29.73 19.05
C ASN A 557 50.67 -28.32 18.51
N PRO A 558 51.81 -27.69 18.61
CA PRO A 558 51.91 -26.29 18.17
C PRO A 558 51.93 -26.11 16.66
N SER A 559 52.53 -27.06 15.95
CA SER A 559 52.70 -26.90 14.51
C SER A 559 51.37 -26.99 13.76
N ALA A 560 50.51 -27.93 14.16
CA ALA A 560 49.23 -28.09 13.47
C ALA A 560 48.33 -26.88 13.69
N LEU A 561 48.25 -26.41 14.92
CA LEU A 561 47.41 -25.25 15.22
C LEU A 561 47.94 -23.99 14.54
N ALA A 562 49.26 -23.84 14.49
CA ALA A 562 49.81 -22.66 13.83
C ALA A 562 49.63 -22.72 12.32
N SER A 563 49.60 -23.92 11.75
CA SER A 563 49.34 -24.03 10.32
C SER A 563 47.88 -23.75 10.00
N THR A 564 46.96 -24.15 10.88
CA THR A 564 45.55 -23.84 10.67
C THR A 564 45.26 -22.36 10.80
N ILE A 565 45.77 -21.72 11.86
CA ILE A 565 45.47 -20.31 12.09
C ILE A 565 46.00 -19.45 10.95
N LEU A 566 47.24 -19.69 10.54
CA LEU A 566 47.84 -18.88 9.50
C LEU A 566 47.40 -19.30 8.11
N ASP A 567 46.56 -20.32 7.99
CA ASP A 567 46.07 -20.83 6.71
C ASP A 567 47.23 -21.09 5.77
N GLN A 568 48.31 -21.62 6.31
CA GLN A 568 49.52 -21.89 5.55
C GLN A 568 50.38 -22.82 6.37
N ARG A 569 50.95 -23.83 5.72
CA ARG A 569 51.74 -24.83 6.41
C ARG A 569 52.99 -24.16 6.98
N VAL A 570 53.14 -24.22 8.31
CA VAL A 570 54.28 -23.66 9.01
C VAL A 570 54.74 -24.65 10.07
N LYS A 571 55.91 -24.37 10.65
CA LYS A 571 56.44 -25.14 11.77
C LYS A 571 56.68 -24.18 12.94
N ALA A 572 56.04 -24.46 14.06
CA ALA A 572 56.06 -23.58 15.21
C ALA A 572 56.64 -24.31 16.42
N ARG A 573 57.35 -23.56 17.25
CA ARG A 573 57.86 -24.04 18.51
C ARG A 573 57.36 -23.14 19.63
N ILE A 574 57.25 -23.71 20.82
CA ILE A 574 56.88 -22.95 22.02
C ILE A 574 58.14 -22.56 22.77
N LEU A 575 58.50 -21.29 22.69
CA LEU A 575 59.68 -20.78 23.36
C LEU A 575 59.30 -20.20 24.72
N GLY A 576 58.69 -21.06 25.52
CA GLY A 576 58.18 -20.67 26.82
C GLY A 576 56.73 -20.25 26.78
N ASP A 577 56.48 -18.95 26.82
CA ASP A 577 55.12 -18.41 26.78
C ASP A 577 54.77 -17.78 25.45
N VAL A 578 55.65 -17.90 24.46
CA VAL A 578 55.44 -17.32 23.14
C VAL A 578 55.61 -18.46 22.13
N ILE A 579 55.33 -18.18 20.86
CA ILE A 579 55.38 -19.17 19.80
C ILE A 579 56.25 -18.61 18.68
N SER A 580 57.26 -19.37 18.29
CA SER A 580 58.19 -18.97 17.24
C SER A 580 57.87 -19.79 16.00
N VAL A 581 57.36 -19.12 14.98
CA VAL A 581 56.91 -19.78 13.77
C VAL A 581 58.00 -19.68 12.72
N SER A 582 57.89 -20.52 11.70
CA SER A 582 58.83 -20.50 10.59
C SER A 582 58.16 -21.14 9.39
N ASN A 583 58.33 -20.51 8.23
CA ASN A 583 57.66 -20.98 7.02
C ASN A 583 58.33 -22.24 6.50
N CYS A 584 57.51 -23.14 5.96
CA CYS A 584 57.96 -24.42 5.43
C CYS A 584 57.86 -24.36 3.92
N PRO A 585 58.96 -24.16 3.19
CA PRO A 585 58.86 -24.10 1.73
C PRO A 585 58.55 -25.47 1.14
N GLU A 586 57.67 -25.45 0.14
CA GLU A 586 57.18 -26.68 -0.46
C GLU A 586 58.24 -27.39 -1.30
N LEU A 587 58.22 -28.71 -1.23
CA LEU A 587 59.17 -29.54 -1.94
C LEU A 587 58.86 -29.49 -3.44
N GLY A 588 59.80 -29.01 -4.24
CA GLY A 588 59.56 -28.84 -5.65
C GLY A 588 59.63 -30.15 -6.41
N SER A 589 59.64 -30.02 -7.74
CA SER A 589 59.71 -31.15 -8.65
C SER A 589 61.16 -31.61 -8.78
N ASP A 590 61.43 -32.44 -9.79
CA ASP A 590 62.72 -33.12 -9.97
C ASP A 590 63.24 -33.82 -8.71
N THR A 591 62.35 -34.44 -7.95
CA THR A 591 62.68 -35.10 -6.68
C THR A 591 61.93 -36.42 -6.57
N ARG A 592 62.66 -37.53 -6.42
CA ARG A 592 62.01 -38.83 -6.33
C ARG A 592 62.12 -39.37 -4.91
N ILE A 593 60.97 -39.53 -4.25
CA ILE A 593 60.88 -40.02 -2.88
C ILE A 593 60.57 -41.52 -2.91
N ILE A 594 61.50 -42.35 -2.44
CA ILE A 594 61.31 -43.80 -2.43
C ILE A 594 60.93 -44.24 -1.03
N LEU A 595 60.00 -45.20 -0.94
CA LEU A 595 59.46 -45.70 0.32
C LEU A 595 60.07 -47.04 0.68
N GLN A 596 60.61 -47.13 1.90
CA GLN A 596 61.30 -48.32 2.36
C GLN A 596 60.29 -49.33 2.91
N ASN A 597 60.69 -50.61 2.88
CA ASN A 597 59.75 -51.69 3.15
C ASN A 597 59.59 -51.98 4.64
N SER A 598 60.65 -51.85 5.43
CA SER A 598 60.64 -52.24 6.82
C SER A 598 60.90 -51.05 7.73
N MET A 599 60.23 -51.04 8.89
CA MET A 599 60.42 -50.01 9.90
C MET A 599 61.35 -50.44 11.02
N ARG A 600 62.09 -51.53 10.84
CA ARG A 600 62.93 -52.07 11.88
C ARG A 600 64.32 -51.46 11.79
N VAL A 601 64.92 -51.16 12.94
CA VAL A 601 66.29 -50.70 12.95
C VAL A 601 67.20 -51.87 12.57
N SER A 602 68.25 -51.58 11.81
CA SER A 602 69.13 -52.64 11.35
C SER A 602 69.79 -53.33 12.54
N GLY A 603 69.63 -54.64 12.60
CA GLY A 603 70.19 -55.44 13.69
C GLY A 603 69.43 -55.37 15.00
N SER A 604 69.09 -54.17 15.45
CA SER A 604 68.38 -54.03 16.71
C SER A 604 66.97 -54.59 16.60
N THR A 605 66.48 -55.20 17.69
CA THR A 605 65.16 -55.77 17.72
C THR A 605 64.25 -55.16 18.78
N THR A 606 64.80 -54.57 19.83
CA THR A 606 64.00 -53.89 20.84
C THR A 606 63.69 -52.44 20.47
N ARG A 607 64.23 -51.95 19.36
CA ARG A 607 64.04 -50.57 18.94
C ARG A 607 63.65 -50.56 17.47
N CYS A 608 62.66 -49.73 17.13
CA CYS A 608 62.17 -49.64 15.78
C CYS A 608 61.74 -48.22 15.49
N TYR A 609 61.62 -47.90 14.20
CA TYR A 609 61.22 -46.55 13.84
C TYR A 609 59.72 -46.36 14.05
N SER A 610 59.33 -45.09 14.22
CA SER A 610 57.94 -44.75 14.47
C SER A 610 57.20 -44.43 13.19
N ARG A 611 57.86 -43.77 12.25
CA ARG A 611 57.25 -43.40 10.99
C ARG A 611 58.01 -44.05 9.84
N PRO A 612 57.35 -44.32 8.72
CA PRO A 612 58.03 -45.02 7.62
C PRO A 612 59.23 -44.22 7.16
N LEU A 613 60.25 -44.93 6.68
CA LEU A 613 61.45 -44.26 6.19
C LEU A 613 61.37 -44.04 4.69
N ILE A 614 61.90 -42.91 4.24
CA ILE A 614 61.90 -42.53 2.85
C ILE A 614 63.31 -42.10 2.43
N SER A 615 63.56 -42.16 1.13
CA SER A 615 64.83 -41.73 0.55
C SER A 615 64.54 -40.70 -0.54
N ILE A 616 64.86 -39.44 -0.25
CA ILE A 616 64.62 -38.33 -1.17
C ILE A 616 65.83 -38.26 -2.11
N VAL A 617 65.80 -39.03 -3.19
CA VAL A 617 66.92 -38.97 -4.13
C VAL A 617 66.78 -37.70 -4.95
N SER A 618 67.91 -37.04 -5.19
CA SER A 618 67.92 -35.80 -5.94
C SER A 618 68.35 -36.06 -7.38
N LEU A 619 67.94 -35.17 -8.27
CA LEU A 619 68.26 -35.29 -9.69
C LEU A 619 69.23 -34.25 -10.20
N ASN A 620 69.34 -33.09 -9.55
CA ASN A 620 70.32 -32.08 -9.93
C ASN A 620 71.73 -32.45 -9.47
N GLY A 621 71.90 -33.65 -8.93
CA GLY A 621 73.18 -34.10 -8.42
C GLY A 621 73.52 -33.65 -7.03
N SER A 622 72.54 -33.18 -6.26
CA SER A 622 72.79 -32.73 -4.90
C SER A 622 72.86 -33.89 -3.92
N GLY A 623 72.97 -35.12 -4.42
CA GLY A 623 73.11 -36.29 -3.57
C GLY A 623 71.81 -37.02 -3.32
N THR A 624 71.66 -37.56 -2.11
CA THR A 624 70.48 -38.32 -1.73
C THR A 624 70.25 -38.16 -0.24
N VAL A 625 69.13 -37.55 0.13
CA VAL A 625 68.75 -37.45 1.53
C VAL A 625 68.01 -38.71 1.93
N GLU A 626 68.21 -39.16 3.17
CA GLU A 626 67.52 -40.34 3.67
C GLU A 626 66.87 -39.93 4.99
N GLY A 627 65.56 -39.77 4.98
CA GLY A 627 64.80 -39.44 6.17
C GLY A 627 63.65 -40.40 6.40
N GLN A 628 62.56 -39.85 6.93
CA GLN A 628 61.34 -40.62 7.12
C GLN A 628 60.13 -39.71 6.93
N LEU A 629 58.97 -40.34 6.89
CA LEU A 629 57.70 -39.69 6.55
C LEU A 629 57.09 -39.06 7.79
N GLY A 630 56.99 -37.74 7.81
CA GLY A 630 56.36 -37.04 8.91
C GLY A 630 54.85 -37.10 8.79
N THR A 631 54.18 -36.07 9.29
CA THR A 631 52.73 -36.05 9.32
C THR A 631 52.18 -35.02 8.35
N ASP A 632 51.05 -35.37 7.72
CA ASP A 632 50.38 -34.49 6.76
C ASP A 632 51.28 -34.22 5.54
N ASN A 633 51.99 -35.25 5.11
CA ASN A 633 52.89 -35.18 3.96
C ASN A 633 54.02 -34.18 4.20
N GLU A 634 54.50 -34.14 5.45
CA GLU A 634 55.69 -33.38 5.80
C GLU A 634 56.89 -34.32 5.79
N LEU A 635 57.95 -33.91 5.10
CA LEU A 635 59.11 -34.76 4.94
C LEU A 635 60.25 -34.26 5.83
N ILE A 636 60.41 -34.90 6.99
CA ILE A 636 61.50 -34.57 7.90
C ILE A 636 62.81 -35.02 7.27
N MET A 637 63.88 -34.27 7.54
CA MET A 637 65.21 -34.58 7.01
C MET A 637 66.07 -35.40 7.98
N SER A 638 65.43 -36.20 8.83
CA SER A 638 66.18 -37.04 9.75
C SER A 638 65.30 -38.20 10.17
N ARG A 639 65.92 -39.16 10.86
CA ARG A 639 65.22 -40.37 11.28
C ARG A 639 65.26 -40.54 12.79
N ASP A 640 64.97 -39.48 13.53
CA ASP A 640 65.09 -39.45 14.98
C ASP A 640 63.79 -39.76 15.71
N LEU A 641 62.84 -40.42 15.06
CA LEU A 641 61.59 -40.84 15.70
C LEU A 641 61.57 -42.36 15.84
N LEU A 642 62.11 -42.83 16.95
CA LEU A 642 62.20 -44.25 17.29
C LEU A 642 61.21 -44.56 18.41
N GLU A 643 60.97 -45.86 18.62
CA GLU A 643 60.04 -46.28 19.64
C GLU A 643 60.38 -47.69 20.12
N PRO A 644 60.05 -48.00 21.38
CA PRO A 644 60.12 -49.39 21.85
C PRO A 644 59.19 -50.29 21.07
N CYS A 645 59.73 -51.40 20.58
CA CYS A 645 59.01 -52.23 19.60
C CYS A 645 57.82 -52.89 20.27
N VAL A 646 56.64 -52.35 20.02
CA VAL A 646 55.42 -52.85 20.64
C VAL A 646 55.02 -54.18 19.99
N ALA A 647 54.18 -54.92 20.68
CA ALA A 647 53.68 -56.19 20.16
C ALA A 647 52.30 -55.96 19.56
N ASN A 648 51.99 -56.75 18.53
CA ASN A 648 50.78 -56.58 17.74
C ASN A 648 50.71 -55.16 17.17
N HIS A 649 51.67 -54.86 16.31
CA HIS A 649 51.83 -53.52 15.76
C HIS A 649 50.96 -53.41 14.51
N LYS A 650 50.13 -52.37 14.46
CA LYS A 650 49.27 -52.12 13.31
C LYS A 650 49.16 -50.62 13.09
N ARG A 651 49.60 -50.12 11.94
CA ARG A 651 49.51 -48.69 11.71
C ARG A 651 49.18 -48.39 10.25
N TYR A 652 48.46 -47.29 10.06
CA TYR A 652 48.14 -46.75 8.75
C TYR A 652 48.79 -45.38 8.59
N PHE A 653 49.49 -45.19 7.47
CA PHE A 653 50.17 -43.93 7.20
C PHE A 653 49.71 -43.34 5.89
N LEU A 654 49.64 -42.01 5.85
CA LEU A 654 49.18 -41.29 4.66
C LEU A 654 50.38 -41.06 3.74
N PHE A 655 50.33 -41.69 2.56
CA PHE A 655 51.32 -41.52 1.51
C PHE A 655 50.64 -40.96 0.26
N GLY A 656 50.53 -39.64 0.19
CA GLY A 656 49.91 -39.04 -0.96
C GLY A 656 48.42 -39.25 -0.98
N HIS A 657 47.97 -40.09 -1.90
CA HIS A 657 46.57 -40.44 -2.03
C HIS A 657 46.28 -41.82 -1.47
N HIS A 658 47.20 -42.39 -0.70
CA HIS A 658 47.01 -43.74 -0.18
C HIS A 658 47.30 -43.80 1.31
N TYR A 659 46.71 -44.82 1.93
CA TYR A 659 46.97 -45.21 3.31
C TYR A 659 47.72 -46.54 3.27
N VAL A 660 49.03 -46.46 3.40
CA VAL A 660 49.88 -47.64 3.41
C VAL A 660 49.77 -48.32 4.76
N TYR A 661 49.59 -49.64 4.75
CA TYR A 661 49.31 -50.41 5.96
C TYR A 661 50.55 -51.22 6.30
N TYR A 662 50.99 -51.10 7.57
CA TYR A 662 52.18 -51.76 8.07
C TYR A 662 51.87 -52.62 9.29
N GLU A 663 52.19 -53.91 9.17
CA GLU A 663 52.00 -54.93 10.20
C GLU A 663 53.36 -55.50 10.58
N ASP A 664 53.70 -55.38 11.86
CA ASP A 664 55.02 -55.77 12.36
C ASP A 664 56.15 -55.09 11.59
N TYR A 665 56.00 -53.78 11.38
CA TYR A 665 57.09 -52.96 10.86
C TYR A 665 57.50 -53.35 9.45
N ARG A 666 56.56 -53.87 8.68
CA ARG A 666 56.81 -54.25 7.30
C ARG A 666 55.59 -53.88 6.47
N TYR A 667 55.84 -53.48 5.22
CA TYR A 667 54.75 -53.16 4.32
C TYR A 667 53.83 -54.37 4.17
N VAL A 668 52.53 -54.09 4.13
CA VAL A 668 51.52 -55.12 4.01
C VAL A 668 50.63 -54.79 2.82
N ARG A 669 50.02 -53.61 2.83
CA ARG A 669 49.08 -53.30 1.76
C ARG A 669 48.96 -51.79 1.63
N GLU A 670 48.04 -51.37 0.78
CA GLU A 670 47.78 -49.96 0.55
C GLU A 670 46.31 -49.80 0.20
N ILE A 671 45.76 -48.63 0.50
CA ILE A 671 44.35 -48.36 0.24
C ILE A 671 44.19 -46.92 -0.22
N ALA A 672 43.37 -46.71 -1.24
CA ALA A 672 43.17 -45.36 -1.75
C ALA A 672 42.44 -44.53 -0.70
N VAL A 673 42.68 -43.22 -0.72
CA VAL A 673 42.03 -42.34 0.25
C VAL A 673 40.53 -42.35 0.04
N HIS A 674 40.09 -42.40 -1.22
CA HIS A 674 38.68 -42.37 -1.57
C HIS A 674 37.95 -43.65 -1.16
N ASP A 675 38.69 -44.66 -0.71
CA ASP A 675 38.14 -45.94 -0.30
C ASP A 675 37.88 -46.05 1.19
N VAL A 676 38.55 -45.24 2.00
CA VAL A 676 38.37 -45.25 3.45
C VAL A 676 37.03 -44.63 3.83
N GLY A 677 36.36 -45.26 4.80
CA GLY A 677 35.07 -44.75 5.26
C GLY A 677 35.27 -43.39 5.90
N MET A 678 34.23 -42.55 5.83
CA MET A 678 34.39 -41.16 6.33
C MET A 678 33.60 -40.89 7.62
N ILE A 679 34.13 -39.97 8.43
CA ILE A 679 33.55 -39.47 9.70
C ILE A 679 33.57 -37.94 9.58
N SER A 680 32.43 -37.27 9.78
CA SER A 680 32.39 -35.84 9.57
C SER A 680 32.28 -35.07 10.88
N THR A 681 33.20 -34.12 11.09
CA THR A 681 33.15 -33.18 12.20
C THR A 681 32.39 -31.91 11.84
N TYR A 682 31.76 -31.88 10.68
CA TYR A 682 31.14 -30.68 10.13
C TYR A 682 29.68 -30.59 10.54
N VAL A 683 29.28 -29.44 11.06
CA VAL A 683 27.88 -29.20 11.36
C VAL A 683 27.32 -28.41 10.19
N ASP A 684 26.14 -28.77 9.75
CA ASP A 684 25.60 -28.20 8.52
C ASP A 684 24.82 -26.94 8.82
N LEU A 685 24.89 -25.99 7.88
CA LEU A 685 24.07 -24.77 7.94
C LEU A 685 23.66 -24.45 6.51
N ASN A 686 22.48 -24.92 6.12
CA ASN A 686 21.94 -24.72 4.78
C ASN A 686 21.02 -23.51 4.85
N LEU A 687 21.60 -22.34 4.60
CA LEU A 687 20.87 -21.08 4.59
C LEU A 687 20.47 -20.69 3.17
N THR A 688 19.17 -20.55 2.96
CA THR A 688 18.62 -20.18 1.65
C THR A 688 18.37 -18.67 1.60
N LEU A 689 18.50 -18.12 0.41
CA LEU A 689 18.35 -16.69 0.19
C LEU A 689 16.92 -16.34 -0.22
N LEU A 690 16.50 -15.12 0.11
CA LEU A 690 15.22 -14.61 -0.39
C LEU A 690 15.29 -14.38 -1.88
N LYS A 691 14.24 -14.80 -2.59
CA LYS A 691 14.28 -14.61 -4.02
C LYS A 691 13.65 -13.27 -4.40
N ASP A 692 13.96 -12.80 -5.60
CA ASP A 692 13.44 -11.53 -6.09
C ASP A 692 11.96 -11.67 -6.44
N ARG A 693 11.19 -10.65 -6.11
CA ARG A 693 9.77 -10.60 -6.45
C ARG A 693 9.46 -9.37 -7.27
N GLU A 694 8.39 -9.47 -8.07
CA GLU A 694 7.89 -8.36 -8.87
C GLU A 694 6.42 -8.16 -8.57
N PHE A 695 6.08 -6.94 -8.17
CA PHE A 695 4.71 -6.60 -7.78
C PHE A 695 3.95 -6.00 -8.96
N MET A 696 2.73 -6.45 -9.17
CA MET A 696 2.02 -5.91 -10.33
C MET A 696 1.14 -4.76 -9.91
N PRO A 697 1.00 -3.70 -10.71
CA PRO A 697 0.15 -2.58 -10.29
C PRO A 697 -1.30 -2.98 -10.38
N LEU A 698 -1.75 -3.68 -9.33
CA LEU A 698 -3.13 -4.22 -9.23
C LEU A 698 -4.09 -3.13 -8.76
N GLN A 699 -5.34 -3.22 -9.22
CA GLN A 699 -6.42 -2.31 -8.87
C GLN A 699 -7.74 -3.05 -8.73
N VAL A 700 -8.60 -2.55 -7.85
CA VAL A 700 -9.92 -3.14 -7.70
C VAL A 700 -10.93 -2.45 -8.60
N TYR A 701 -10.92 -1.12 -8.67
CA TYR A 701 -11.76 -0.37 -9.61
C TYR A 701 -10.91 0.62 -10.36
N THR A 702 -11.18 0.78 -11.65
CA THR A 702 -10.46 1.76 -12.43
C THR A 702 -11.13 3.12 -12.26
N ARG A 703 -10.56 4.16 -12.85
CA ARG A 703 -11.17 5.49 -12.80
C ARG A 703 -12.48 5.51 -13.58
N ASP A 704 -12.54 4.80 -14.70
CA ASP A 704 -13.77 4.71 -15.46
C ASP A 704 -14.86 4.05 -14.62
N GLU A 705 -14.53 2.92 -13.99
CA GLU A 705 -15.51 2.22 -13.16
C GLU A 705 -16.00 3.12 -12.04
N LEU A 706 -15.11 3.94 -11.48
CA LEU A 706 -15.53 4.85 -10.41
C LEU A 706 -16.36 6.02 -10.93
N ARG A 707 -16.25 6.37 -12.21
CA ARG A 707 -17.13 7.37 -12.80
C ARG A 707 -18.28 6.74 -13.55
N ASP A 708 -18.72 5.57 -13.11
CA ASP A 708 -19.80 4.83 -13.76
C ASP A 708 -20.86 4.39 -12.76
N THR A 709 -20.87 4.99 -11.57
CA THR A 709 -21.75 4.57 -10.49
C THR A 709 -22.99 5.43 -10.37
N GLY A 710 -23.08 6.52 -11.11
CA GLY A 710 -24.20 7.41 -11.05
C GLY A 710 -25.22 7.14 -12.14
N LEU A 711 -26.41 7.70 -11.96
CA LEU A 711 -27.49 7.43 -12.90
C LEU A 711 -27.30 8.19 -14.19
N LEU A 712 -26.88 9.46 -14.10
CA LEU A 712 -26.67 10.29 -15.27
C LEU A 712 -25.34 11.02 -15.14
N ASP A 713 -24.70 11.25 -16.28
CA ASP A 713 -23.48 12.05 -16.35
C ASP A 713 -23.85 13.37 -16.99
N TYR A 714 -23.58 14.47 -16.27
CA TYR A 714 -24.00 15.78 -16.75
C TYR A 714 -23.36 16.10 -18.10
N SER A 715 -22.06 15.85 -18.23
CA SER A 715 -21.39 16.18 -19.48
C SER A 715 -21.92 15.36 -20.65
N GLU A 716 -22.29 14.11 -20.41
CA GLU A 716 -22.86 13.29 -21.46
C GLU A 716 -24.21 13.83 -21.92
N ILE A 717 -25.09 14.13 -20.97
CA ILE A 717 -26.39 14.69 -21.32
C ILE A 717 -26.21 15.97 -22.12
N GLN A 718 -25.26 16.81 -21.72
CA GLN A 718 -25.10 18.08 -22.42
C GLN A 718 -24.50 17.93 -23.81
N ARG A 719 -23.56 17.00 -23.99
CA ARG A 719 -23.01 16.81 -25.32
C ARG A 719 -24.03 16.23 -26.29
N ARG A 720 -24.89 15.36 -25.80
CA ARG A 720 -25.86 14.73 -26.68
C ARG A 720 -27.06 15.64 -26.94
N ASN A 721 -27.47 16.44 -25.96
CA ASN A 721 -28.71 17.19 -26.06
C ASN A 721 -28.52 18.62 -26.57
N GLN A 722 -27.30 19.15 -26.52
CA GLN A 722 -27.05 20.52 -26.97
C GLN A 722 -26.82 20.61 -28.47
N MET A 723 -26.87 19.50 -29.19
CA MET A 723 -26.87 19.54 -30.64
C MET A 723 -28.23 19.10 -31.17
N HIS A 724 -29.27 19.31 -30.37
CA HIS A 724 -30.61 19.04 -30.85
C HIS A 724 -30.94 19.96 -32.01
N SER A 725 -30.63 21.24 -31.88
CA SER A 725 -30.92 22.21 -32.95
C SER A 725 -30.00 22.05 -34.15
N LEU A 726 -28.76 21.61 -33.95
CA LEU A 726 -27.88 21.35 -35.09
C LEU A 726 -28.29 20.08 -35.82
N ARG A 727 -28.63 19.03 -35.08
CA ARG A 727 -28.98 17.77 -35.71
C ARG A 727 -30.29 17.88 -36.48
N PHE A 728 -31.32 18.45 -35.86
CA PHE A 728 -32.67 18.31 -36.39
C PHE A 728 -33.16 19.58 -37.06
N TYR A 729 -32.28 20.55 -37.32
CA TYR A 729 -32.70 21.77 -38.00
C TYR A 729 -31.55 22.22 -38.90
N ASP A 730 -31.88 23.10 -39.83
CA ASP A 730 -30.93 23.61 -40.82
C ASP A 730 -30.64 25.08 -40.54
N ILE A 731 -29.63 25.34 -39.71
CA ILE A 731 -29.38 26.70 -39.25
C ILE A 731 -28.62 27.54 -40.25
N ASP A 732 -28.35 27.00 -41.44
CA ASP A 732 -27.57 27.73 -42.45
C ASP A 732 -28.39 28.21 -43.63
N LYS A 733 -29.63 27.78 -43.77
CA LYS A 733 -30.48 28.24 -44.86
C LYS A 733 -31.21 29.51 -44.49
N VAL A 734 -31.25 30.46 -45.42
CA VAL A 734 -31.95 31.73 -45.23
C VAL A 734 -33.16 31.71 -46.15
N VAL A 735 -34.27 32.25 -45.67
CA VAL A 735 -35.50 32.37 -46.45
C VAL A 735 -35.67 33.82 -46.89
N GLN A 736 -35.94 34.01 -48.18
CA GLN A 736 -36.11 35.35 -48.71
C GLN A 736 -37.58 35.66 -48.95
N THR B 115 15.33 -44.28 36.83
CA THR B 115 16.36 -44.21 37.86
C THR B 115 17.40 -45.29 37.66
N LYS B 116 17.29 -46.06 36.58
CA LYS B 116 18.27 -47.12 36.47
C LYS B 116 19.40 -46.71 35.55
N PRO B 117 20.65 -46.79 36.02
CA PRO B 117 21.78 -46.46 35.15
C PRO B 117 21.96 -47.52 34.08
N THR B 118 22.29 -47.10 32.87
CA THR B 118 22.57 -48.03 31.78
C THR B 118 24.07 -48.05 31.54
N PHE B 119 24.65 -49.23 31.67
CA PHE B 119 26.05 -49.50 31.37
C PHE B 119 26.21 -50.19 30.04
N TYR B 120 27.44 -50.18 29.55
CA TYR B 120 27.79 -50.79 28.27
C TYR B 120 28.87 -51.84 28.50
N VAL B 121 29.07 -52.69 27.50
CA VAL B 121 30.17 -53.65 27.49
C VAL B 121 30.79 -53.56 26.10
N CYS B 122 32.02 -53.08 26.04
CA CYS B 122 32.68 -52.86 24.76
C CYS B 122 33.72 -53.93 24.50
N PRO B 123 33.45 -54.92 23.65
CA PRO B 123 34.47 -55.91 23.31
C PRO B 123 35.62 -55.24 22.57
N PRO B 124 36.80 -55.85 22.58
CA PRO B 124 37.97 -55.21 21.97
C PRO B 124 37.78 -54.98 20.48
N PRO B 125 38.13 -53.80 20.00
CA PRO B 125 37.87 -53.44 18.60
C PRO B 125 38.69 -54.28 17.64
N THR B 126 38.36 -54.11 16.36
CA THR B 126 39.04 -54.77 15.26
C THR B 126 39.19 -53.76 14.13
N GLY B 127 40.23 -53.96 13.32
CA GLY B 127 40.57 -53.05 12.23
C GLY B 127 39.52 -52.94 11.15
N SER B 128 38.41 -53.66 11.31
CA SER B 128 37.38 -53.71 10.29
C SER B 128 36.88 -52.32 9.92
N THR B 129 36.36 -51.57 10.90
CA THR B 129 35.79 -50.25 10.64
C THR B 129 36.80 -49.16 10.98
N ILE B 130 37.50 -48.67 9.97
CA ILE B 130 38.40 -47.53 10.11
C ILE B 130 37.81 -46.32 9.39
N VAL B 131 37.98 -45.14 9.97
CA VAL B 131 37.45 -43.90 9.41
C VAL B 131 38.51 -42.81 9.49
N ARG B 132 38.16 -41.60 9.04
CA ARG B 132 39.08 -40.47 9.06
C ARG B 132 38.30 -39.16 9.02
N LEU B 133 38.95 -38.08 9.47
CA LEU B 133 38.40 -36.73 9.34
C LEU B 133 38.47 -36.19 7.92
N GLU B 134 37.37 -35.62 7.42
CA GLU B 134 37.35 -35.01 6.10
C GLU B 134 38.24 -33.79 6.02
N PRO B 135 38.92 -33.56 4.90
CA PRO B 135 39.74 -32.36 4.78
C PRO B 135 38.81 -31.17 4.85
N PRO B 136 39.32 -29.97 5.14
CA PRO B 136 38.39 -28.84 5.30
C PRO B 136 37.60 -28.56 4.03
N ARG B 137 36.30 -28.38 4.20
CA ARG B 137 35.40 -28.14 3.09
C ARG B 137 35.55 -26.71 2.60
N THR B 138 35.53 -26.51 1.29
CA THR B 138 35.53 -25.16 0.79
C THR B 138 34.15 -24.54 0.95
N CYS B 139 34.12 -23.25 1.18
CA CYS B 139 32.89 -22.51 1.33
C CYS B 139 32.65 -21.62 0.13
N PRO B 140 31.41 -21.57 -0.36
CA PRO B 140 31.14 -20.78 -1.56
C PRO B 140 31.36 -19.31 -1.27
N ASP B 141 31.98 -18.62 -2.22
CA ASP B 141 32.13 -17.18 -2.15
C ASP B 141 30.86 -16.60 -2.75
N TYR B 142 30.10 -15.90 -1.93
CA TYR B 142 28.85 -15.34 -2.40
C TYR B 142 29.11 -14.03 -3.11
N HIS B 143 28.85 -14.03 -4.42
CA HIS B 143 29.04 -12.88 -5.29
C HIS B 143 27.75 -12.07 -5.38
N LEU B 144 27.26 -11.68 -4.21
CA LEU B 144 26.07 -10.85 -4.12
C LEU B 144 26.46 -9.40 -4.33
N GLY B 145 25.85 -8.78 -5.33
CA GLY B 145 26.19 -7.43 -5.73
C GLY B 145 25.98 -7.29 -7.22
N LYS B 146 25.39 -6.18 -7.65
CA LYS B 146 25.04 -6.00 -9.05
C LYS B 146 25.70 -4.73 -9.58
N ASN B 147 25.74 -4.62 -10.90
CA ASN B 147 26.23 -3.42 -11.56
C ASN B 147 25.12 -2.41 -11.70
N PHE B 148 25.21 -1.33 -10.92
CA PHE B 148 24.21 -0.28 -10.90
C PHE B 148 24.74 0.93 -11.65
N THR B 149 23.90 1.96 -11.77
CA THR B 149 24.26 3.18 -12.49
C THR B 149 23.49 4.32 -11.86
N GLU B 150 24.21 5.27 -11.26
CA GLU B 150 23.59 6.42 -10.66
C GLU B 150 23.19 7.43 -11.73
N GLY B 151 22.27 8.32 -11.39
CA GLY B 151 21.86 9.34 -12.32
C GLY B 151 20.69 10.15 -11.77
N ILE B 152 20.12 10.97 -12.66
CA ILE B 152 18.98 11.82 -12.33
C ILE B 152 17.79 11.39 -13.18
N ALA B 153 16.59 11.44 -12.60
CA ALA B 153 15.40 11.04 -13.32
C ALA B 153 14.27 12.02 -13.07
N VAL B 154 13.37 12.11 -14.05
CA VAL B 154 12.12 12.85 -13.90
C VAL B 154 10.98 11.92 -14.30
N VAL B 155 10.04 11.68 -13.40
CA VAL B 155 8.93 10.79 -13.68
C VAL B 155 7.72 11.60 -14.12
N TYR B 156 7.06 11.12 -15.17
CA TYR B 156 5.96 11.77 -15.83
C TYR B 156 4.74 10.86 -15.81
N LYS B 157 3.59 11.40 -15.44
CA LYS B 157 2.32 10.70 -15.45
C LYS B 157 1.46 11.21 -16.59
N GLU B 158 0.39 10.47 -16.88
CA GLU B 158 -0.59 10.92 -17.86
C GLU B 158 -1.34 12.13 -17.35
N ASN B 159 -1.63 13.07 -18.25
CA ASN B 159 -2.36 14.29 -17.90
C ASN B 159 -3.85 14.00 -17.99
N ILE B 160 -4.54 14.02 -16.84
CA ILE B 160 -5.96 13.73 -16.80
C ILE B 160 -6.79 14.99 -16.69
N ALA B 161 -6.16 16.15 -16.54
CA ALA B 161 -6.93 17.36 -16.37
C ALA B 161 -7.40 17.88 -17.73
N ALA B 162 -8.45 18.69 -17.69
CA ALA B 162 -8.95 19.30 -18.90
C ALA B 162 -8.09 20.50 -19.26
N TYR B 163 -7.98 20.78 -20.54
CA TYR B 163 -7.26 21.95 -20.99
C TYR B 163 -8.13 23.17 -20.76
N LYS B 164 -7.64 24.11 -19.96
CA LYS B 164 -8.43 25.24 -19.48
C LYS B 164 -7.88 26.54 -20.05
N PHE B 165 -8.73 27.32 -20.68
CA PHE B 165 -8.34 28.64 -21.14
C PHE B 165 -9.45 29.61 -20.79
N LYS B 166 -9.32 30.85 -21.23
CA LYS B 166 -10.31 31.87 -20.96
C LYS B 166 -10.87 32.37 -22.26
N ALA B 167 -12.18 32.62 -22.28
CA ALA B 167 -12.83 33.13 -23.46
C ALA B 167 -13.82 34.20 -23.03
N THR B 168 -14.49 34.79 -24.00
CA THR B 168 -15.51 35.79 -23.71
C THR B 168 -16.77 35.45 -24.49
N VAL B 169 -17.92 35.65 -23.87
CA VAL B 169 -19.21 35.45 -24.52
C VAL B 169 -19.88 36.80 -24.65
N TYR B 170 -20.42 37.06 -25.83
CA TYR B 170 -21.12 38.29 -26.14
C TYR B 170 -22.52 37.90 -26.54
N TYR B 171 -23.51 38.33 -25.77
CA TYR B 171 -24.88 38.00 -26.12
C TYR B 171 -25.80 39.07 -25.56
N LYS B 172 -27.02 39.09 -26.10
CA LYS B 172 -28.04 40.03 -25.68
C LYS B 172 -29.21 39.24 -25.11
N ASP B 173 -29.71 39.67 -23.96
CA ASP B 173 -30.83 39.02 -23.32
C ASP B 173 -32.10 39.68 -23.82
N VAL B 174 -32.87 38.97 -24.63
CA VAL B 174 -34.07 39.48 -25.27
C VAL B 174 -35.28 38.84 -24.58
N ILE B 175 -35.92 39.60 -23.72
CA ILE B 175 -37.11 39.16 -23.00
C ILE B 175 -38.33 39.80 -23.65
N VAL B 176 -39.39 39.00 -23.84
CA VAL B 176 -40.62 39.46 -24.46
C VAL B 176 -41.77 39.15 -23.51
N SER B 177 -42.29 40.18 -22.85
CA SER B 177 -43.33 40.00 -21.83
C SER B 177 -44.68 40.42 -22.41
N THR B 178 -45.70 39.59 -22.17
CA THR B 178 -47.06 39.89 -22.58
C THR B 178 -47.94 39.99 -21.34
N ALA B 179 -48.43 41.20 -21.06
CA ALA B 179 -49.26 41.47 -19.90
C ALA B 179 -50.71 41.69 -20.31
N TRP B 180 -51.62 41.41 -19.38
CA TRP B 180 -53.06 41.63 -19.53
C TRP B 180 -53.48 42.60 -18.44
N ALA B 181 -53.68 43.86 -18.79
CA ALA B 181 -54.12 44.85 -17.82
C ALA B 181 -55.57 44.59 -17.41
N GLY B 182 -55.79 44.39 -16.11
CA GLY B 182 -57.09 44.08 -15.59
C GLY B 182 -57.70 45.22 -14.79
N SER B 183 -58.73 44.88 -14.02
CA SER B 183 -59.47 45.90 -13.27
C SER B 183 -58.57 46.61 -12.26
N SER B 184 -58.00 45.87 -11.32
CA SER B 184 -57.18 46.45 -10.25
C SER B 184 -55.79 45.85 -10.22
N TYR B 185 -55.39 45.16 -11.29
CA TYR B 185 -54.12 44.47 -11.31
C TYR B 185 -53.61 44.32 -12.73
N THR B 186 -52.34 43.96 -12.83
CA THR B 186 -51.71 43.61 -14.09
C THR B 186 -51.36 42.14 -14.05
N GLN B 187 -51.56 41.44 -15.17
CA GLN B 187 -51.34 40.01 -15.23
C GLN B 187 -50.40 39.70 -16.38
N ILE B 188 -49.26 39.09 -16.07
CA ILE B 188 -48.37 38.55 -17.10
C ILE B 188 -48.97 37.28 -17.67
N THR B 189 -49.36 37.31 -18.94
CA THR B 189 -49.92 36.15 -19.59
C THR B 189 -48.88 35.38 -20.40
N ASN B 190 -47.68 35.93 -20.56
CA ASN B 190 -46.59 35.21 -21.20
C ASN B 190 -45.28 35.91 -20.89
N ARG B 191 -44.19 35.16 -20.91
CA ARG B 191 -42.87 35.74 -20.75
C ARG B 191 -41.85 34.83 -21.42
N TYR B 192 -41.32 35.28 -22.55
CA TYR B 192 -40.42 34.50 -23.39
C TYR B 192 -39.01 35.08 -23.28
N ALA B 193 -38.16 34.43 -22.50
CA ALA B 193 -36.78 34.87 -22.37
C ALA B 193 -35.92 34.14 -23.38
N ASP B 194 -34.89 34.82 -23.88
CA ASP B 194 -34.09 34.23 -24.95
C ASP B 194 -32.71 34.88 -24.94
N ARG B 195 -31.70 34.07 -25.24
CA ARG B 195 -30.34 34.54 -25.37
C ARG B 195 -29.99 34.59 -26.85
N VAL B 196 -29.52 35.75 -27.31
CA VAL B 196 -29.25 35.93 -28.74
C VAL B 196 -27.82 36.36 -28.97
N PRO B 197 -27.18 36.03 -30.09
CA PRO B 197 -25.77 36.42 -30.27
C PRO B 197 -25.65 37.90 -30.60
N ILE B 198 -24.44 38.40 -30.43
CA ILE B 198 -24.04 39.73 -30.90
C ILE B 198 -23.22 39.53 -32.16
N PRO B 199 -23.69 39.99 -33.32
CA PRO B 199 -22.92 39.75 -34.54
C PRO B 199 -21.56 40.44 -34.45
N VAL B 200 -20.58 39.84 -35.12
CA VAL B 200 -19.20 40.28 -34.97
C VAL B 200 -18.97 41.66 -35.57
N SER B 201 -19.82 42.07 -36.51
CA SER B 201 -19.75 43.44 -37.03
C SER B 201 -19.95 44.47 -35.92
N GLU B 202 -20.98 44.30 -35.10
CA GLU B 202 -21.19 45.25 -34.01
C GLU B 202 -20.02 45.23 -33.03
N ILE B 203 -19.53 44.02 -32.70
CA ILE B 203 -18.40 43.92 -31.78
C ILE B 203 -17.19 44.67 -32.32
N THR B 204 -16.66 44.23 -33.45
CA THR B 204 -15.42 44.79 -33.94
C THR B 204 -15.58 46.21 -34.47
N ASP B 205 -16.79 46.71 -34.58
CA ASP B 205 -17.00 48.08 -35.03
C ASP B 205 -17.62 48.99 -33.99
N THR B 206 -18.11 48.48 -32.88
CA THR B 206 -18.61 49.45 -31.94
C THR B 206 -18.07 49.30 -30.52
N ILE B 207 -17.94 48.08 -30.02
CA ILE B 207 -17.53 47.89 -28.63
C ILE B 207 -16.04 48.11 -28.47
N ASP B 208 -15.24 47.54 -29.36
CA ASP B 208 -13.80 47.72 -29.31
C ASP B 208 -13.36 49.00 -30.02
N LYS B 209 -14.32 49.82 -30.46
CA LYS B 209 -14.03 51.12 -31.04
C LYS B 209 -14.40 52.26 -30.11
N PHE B 210 -15.61 52.25 -29.54
CA PHE B 210 -16.07 53.31 -28.67
C PHE B 210 -16.46 52.85 -27.28
N GLY B 211 -16.49 51.55 -27.02
CA GLY B 211 -16.92 51.03 -25.74
C GLY B 211 -18.41 51.19 -25.50
N LYS B 212 -19.22 51.02 -26.55
CA LYS B 212 -20.66 51.17 -26.49
C LYS B 212 -21.30 50.01 -27.23
N CYS B 213 -22.57 49.73 -26.92
CA CYS B 213 -23.27 48.64 -27.58
C CYS B 213 -24.64 49.09 -28.06
N SER B 214 -24.96 48.77 -29.30
CA SER B 214 -26.25 49.12 -29.89
C SER B 214 -27.40 48.47 -29.15
N SER B 215 -28.54 49.16 -29.14
CA SER B 215 -29.76 48.73 -28.50
C SER B 215 -30.65 47.88 -29.40
N LYS B 216 -30.19 47.54 -30.61
CA LYS B 216 -30.99 46.79 -31.57
C LYS B 216 -30.41 45.41 -31.81
N ALA B 217 -31.20 44.38 -31.55
CA ALA B 217 -30.80 43.00 -31.82
C ALA B 217 -31.20 42.59 -33.23
N THR B 218 -30.24 42.06 -33.99
CA THR B 218 -30.47 41.54 -35.32
C THR B 218 -29.92 40.12 -35.39
N TYR B 219 -30.80 39.15 -35.61
CA TYR B 219 -30.37 37.76 -35.57
C TYR B 219 -31.19 36.96 -36.57
N VAL B 220 -31.10 35.63 -36.44
CA VAL B 220 -31.77 34.72 -37.35
C VAL B 220 -32.45 33.65 -36.53
N ARG B 221 -33.78 33.59 -36.61
CA ARG B 221 -34.55 32.53 -35.97
C ARG B 221 -35.50 31.93 -36.98
N ASN B 222 -35.62 30.61 -36.94
CA ASN B 222 -36.50 29.89 -37.84
C ASN B 222 -36.15 30.17 -39.29
N ASN B 223 -34.86 30.39 -39.55
CA ASN B 223 -34.29 30.71 -40.86
C ASN B 223 -34.67 32.09 -41.38
N HIS B 224 -35.28 32.95 -40.57
CA HIS B 224 -35.69 34.28 -40.99
C HIS B 224 -34.84 35.32 -40.27
N LYS B 225 -34.49 36.41 -40.96
CA LYS B 225 -33.73 37.47 -40.31
C LYS B 225 -34.68 38.32 -39.47
N VAL B 226 -34.65 38.13 -38.16
CA VAL B 226 -35.55 38.82 -37.26
C VAL B 226 -34.77 39.91 -36.52
N GLU B 227 -35.48 40.92 -36.02
CA GLU B 227 -34.86 41.94 -35.20
C GLU B 227 -35.74 42.15 -33.97
N ALA B 228 -35.29 43.02 -33.09
CA ALA B 228 -36.04 43.37 -31.90
C ALA B 228 -35.41 44.60 -31.27
N PHE B 229 -36.25 45.47 -30.71
CA PHE B 229 -35.82 46.73 -30.14
C PHE B 229 -36.30 46.85 -28.69
N ASN B 230 -35.38 47.22 -27.82
CA ASN B 230 -35.69 47.42 -26.40
C ASN B 230 -36.65 48.57 -26.23
N GLU B 231 -37.76 48.31 -25.54
CA GLU B 231 -38.84 49.26 -25.27
C GLU B 231 -39.53 49.78 -26.53
N ASP B 232 -39.27 49.19 -27.69
CA ASP B 232 -39.91 49.64 -28.94
C ASP B 232 -39.58 51.11 -29.21
N LYS B 233 -38.33 51.46 -29.02
CA LYS B 233 -37.88 52.84 -29.19
C LYS B 233 -36.88 52.92 -30.33
N ASN B 234 -36.31 54.11 -30.49
CA ASN B 234 -35.26 54.28 -31.47
C ASN B 234 -33.98 53.62 -30.96
N PRO B 235 -33.19 53.01 -31.83
CA PRO B 235 -31.99 52.33 -31.34
C PRO B 235 -31.00 53.35 -30.82
N GLN B 236 -30.28 52.98 -29.77
CA GLN B 236 -29.24 53.86 -29.26
C GLN B 236 -27.93 53.11 -29.13
N ASP B 237 -26.92 53.75 -28.56
CA ASP B 237 -25.69 53.08 -28.17
C ASP B 237 -25.45 53.31 -26.69
N MET B 238 -25.68 52.30 -25.90
CA MET B 238 -25.56 52.44 -24.46
C MET B 238 -24.19 51.99 -24.00
N PRO B 239 -23.66 52.62 -22.96
CA PRO B 239 -22.34 52.21 -22.45
C PRO B 239 -22.46 50.90 -21.70
N LEU B 240 -21.41 50.10 -21.77
CA LEU B 240 -21.36 48.82 -21.08
C LEU B 240 -20.91 49.05 -19.65
N ILE B 241 -21.73 48.67 -18.69
CA ILE B 241 -21.49 48.96 -17.29
C ILE B 241 -21.28 47.65 -16.54
N ALA B 242 -20.31 47.65 -15.62
CA ALA B 242 -19.96 46.45 -14.88
C ALA B 242 -21.10 46.04 -13.96
N SER B 243 -21.22 44.73 -13.76
CA SER B 243 -22.19 44.20 -12.81
C SER B 243 -21.83 44.61 -11.40
N LYS B 244 -22.81 44.57 -10.50
CA LYS B 244 -22.54 44.89 -9.11
C LYS B 244 -21.70 43.84 -8.41
N TYR B 245 -21.68 42.60 -8.89
CA TYR B 245 -20.91 41.53 -8.26
C TYR B 245 -19.57 41.28 -8.94
N ASN B 246 -19.03 42.26 -9.67
CA ASN B 246 -17.79 42.02 -10.40
C ASN B 246 -16.64 41.95 -9.41
N SER B 247 -16.52 40.77 -8.80
CA SER B 247 -15.37 40.42 -7.97
C SER B 247 -14.25 39.95 -8.90
N VAL B 248 -13.22 39.33 -8.31
CA VAL B 248 -12.10 38.86 -9.10
C VAL B 248 -12.55 37.74 -10.03
N GLY B 249 -11.95 37.67 -11.22
CA GLY B 249 -12.20 36.56 -12.13
C GLY B 249 -13.47 36.67 -12.92
N SER B 250 -14.61 36.46 -12.26
CA SER B 250 -15.91 36.44 -12.94
C SER B 250 -16.44 37.86 -13.08
N LYS B 251 -16.24 38.46 -14.25
CA LYS B 251 -16.69 39.81 -14.50
C LYS B 251 -17.72 39.82 -15.63
N ALA B 252 -18.60 40.81 -15.59
CA ALA B 252 -19.65 40.94 -16.60
C ALA B 252 -20.07 42.39 -16.73
N TRP B 253 -20.24 42.85 -17.96
CA TRP B 253 -20.68 44.21 -18.24
C TRP B 253 -22.00 44.18 -19.00
N HIS B 254 -23.02 44.87 -18.47
CA HIS B 254 -24.32 44.94 -19.08
C HIS B 254 -24.77 46.39 -19.12
N THR B 255 -25.84 46.65 -19.88
CA THR B 255 -26.27 48.02 -20.14
C THR B 255 -27.50 48.45 -19.36
N THR B 256 -28.41 47.53 -19.05
CA THR B 256 -29.70 47.87 -18.46
C THR B 256 -29.89 47.06 -17.20
N ASN B 257 -30.31 47.71 -16.12
CA ASN B 257 -30.69 46.98 -14.93
C ASN B 257 -32.19 46.72 -14.86
N ASP B 258 -32.96 47.29 -15.77
CA ASP B 258 -34.40 47.26 -15.70
C ASP B 258 -34.97 46.46 -16.87
N THR B 259 -36.16 45.91 -16.66
CA THR B 259 -36.89 45.21 -17.72
C THR B 259 -38.20 45.93 -17.97
N TYR B 260 -38.47 46.24 -19.23
CA TYR B 260 -39.59 47.07 -19.62
C TYR B 260 -40.85 46.24 -19.88
N MET B 261 -41.96 46.65 -19.29
CA MET B 261 -43.26 46.08 -19.63
C MET B 261 -44.31 47.16 -19.37
N VAL B 262 -45.42 47.05 -20.08
CA VAL B 262 -46.52 48.00 -19.98
C VAL B 262 -47.83 47.24 -19.83
N ALA B 263 -48.80 47.88 -19.17
CA ALA B 263 -50.08 47.25 -18.87
C ALA B 263 -51.17 47.66 -19.85
N GLY B 264 -51.44 48.95 -19.98
CA GLY B 264 -52.48 49.40 -20.89
C GLY B 264 -53.80 49.63 -20.18
N THR B 265 -54.82 49.89 -20.99
CA THR B 265 -56.14 50.12 -20.45
C THR B 265 -56.79 48.79 -20.08
N PRO B 266 -57.53 48.74 -18.97
CA PRO B 266 -58.09 47.46 -18.50
C PRO B 266 -58.92 46.77 -19.56
N GLY B 267 -58.45 45.59 -19.97
CA GLY B 267 -59.16 44.78 -20.94
C GLY B 267 -58.37 44.44 -22.19
N THR B 268 -57.11 44.84 -22.29
CA THR B 268 -56.33 44.61 -23.50
C THR B 268 -54.97 44.00 -23.14
N TYR B 269 -54.38 43.33 -24.11
CA TYR B 269 -53.03 42.81 -23.94
C TYR B 269 -52.02 43.81 -24.47
N ARG B 270 -50.91 43.94 -23.76
CA ARG B 270 -49.80 44.77 -24.20
C ARG B 270 -48.52 43.97 -24.07
N THR B 271 -47.63 44.10 -25.04
CA THR B 271 -46.38 43.34 -25.03
C THR B 271 -45.21 44.29 -24.98
N GLY B 272 -44.29 44.05 -24.05
CA GLY B 272 -43.06 44.80 -23.98
C GLY B 272 -41.89 43.94 -24.41
N THR B 273 -40.70 44.50 -24.27
CA THR B 273 -39.51 43.78 -24.66
C THR B 273 -38.26 44.44 -24.12
N SER B 274 -37.39 43.67 -23.49
CA SER B 274 -36.08 44.17 -23.10
C SER B 274 -35.03 43.55 -23.99
N VAL B 275 -33.91 44.25 -24.08
CA VAL B 275 -32.69 43.76 -24.72
C VAL B 275 -31.53 44.28 -23.90
N ASN B 276 -30.68 43.36 -23.45
CA ASN B 276 -29.58 43.69 -22.55
C ASN B 276 -28.28 43.16 -23.13
N CYS B 277 -27.43 44.06 -23.59
CA CYS B 277 -26.11 43.69 -24.08
C CYS B 277 -25.25 43.24 -22.91
N ILE B 278 -24.75 42.01 -22.97
CA ILE B 278 -23.98 41.40 -21.89
C ILE B 278 -22.68 40.80 -22.42
N ILE B 279 -21.56 41.24 -21.85
CA ILE B 279 -20.24 40.68 -22.15
C ILE B 279 -19.68 40.05 -20.88
N GLU B 280 -19.46 38.73 -20.93
CA GLU B 280 -18.94 37.97 -19.79
C GLU B 280 -17.61 37.30 -20.13
N GLU B 281 -16.68 37.35 -19.19
CA GLU B 281 -15.47 36.53 -19.25
C GLU B 281 -15.71 35.15 -18.66
N VAL B 282 -15.63 34.10 -19.48
CA VAL B 282 -15.87 32.75 -18.99
C VAL B 282 -14.56 31.97 -19.02
N GLU B 283 -14.60 30.79 -18.40
CA GLU B 283 -13.49 29.84 -18.44
C GLU B 283 -13.89 28.64 -19.29
N ALA B 284 -13.23 28.46 -20.41
CA ALA B 284 -13.50 27.31 -21.26
C ALA B 284 -12.62 26.13 -20.89
N ARG B 285 -13.00 24.96 -21.40
CA ARG B 285 -12.48 23.67 -20.92
C ARG B 285 -12.76 22.61 -21.97
N SER B 286 -11.72 21.95 -22.44
CA SER B 286 -11.84 20.94 -23.49
C SER B 286 -10.99 19.74 -23.10
N ILE B 287 -11.48 18.55 -23.41
CA ILE B 287 -10.77 17.32 -23.08
C ILE B 287 -10.48 16.54 -24.35
N PHE B 288 -9.56 15.59 -24.22
CA PHE B 288 -9.10 14.80 -25.34
C PHE B 288 -10.29 14.07 -25.97
N PRO B 289 -10.34 13.96 -27.31
CA PRO B 289 -9.34 14.42 -28.27
C PRO B 289 -9.49 15.87 -28.72
N TYR B 290 -10.08 16.72 -27.87
CA TYR B 290 -10.16 18.15 -28.14
C TYR B 290 -10.91 18.44 -29.45
N ASP B 291 -12.17 17.99 -29.50
CA ASP B 291 -13.03 18.28 -30.64
C ASP B 291 -14.30 19.01 -30.24
N SER B 292 -14.30 19.65 -29.07
CA SER B 292 -15.41 20.42 -28.54
C SER B 292 -14.93 21.08 -27.26
N PHE B 293 -15.60 22.14 -26.85
CA PHE B 293 -15.28 22.65 -25.52
C PHE B 293 -16.54 23.25 -24.92
N GLY B 294 -16.72 23.02 -23.63
CA GLY B 294 -17.83 23.58 -22.91
C GLY B 294 -17.40 24.81 -22.13
N LEU B 295 -18.36 25.67 -21.86
CA LEU B 295 -18.12 26.94 -21.19
C LEU B 295 -18.79 26.92 -19.82
N SER B 296 -18.36 27.84 -18.96
CA SER B 296 -18.98 27.99 -17.66
C SER B 296 -20.46 28.36 -17.74
N THR B 297 -20.92 28.90 -18.88
CA THR B 297 -22.35 29.18 -19.02
C THR B 297 -23.16 27.94 -19.34
N GLY B 298 -22.50 26.86 -19.76
CA GLY B 298 -23.16 25.61 -20.05
C GLY B 298 -23.27 25.26 -21.52
N ASP B 299 -22.74 26.07 -22.42
CA ASP B 299 -22.96 25.87 -23.83
C ASP B 299 -21.79 25.07 -24.39
N ILE B 300 -22.08 24.05 -25.16
CA ILE B 300 -21.04 23.30 -25.85
C ILE B 300 -20.77 23.94 -27.21
N ILE B 301 -19.51 24.20 -27.49
CA ILE B 301 -19.08 24.77 -28.76
C ILE B 301 -18.37 23.66 -29.53
N TYR B 302 -19.05 23.16 -30.57
CA TYR B 302 -18.59 21.99 -31.29
C TYR B 302 -17.49 22.32 -32.32
N MET B 303 -16.42 22.90 -31.79
CA MET B 303 -15.26 23.25 -32.60
C MET B 303 -14.04 23.21 -31.70
N SER B 304 -12.95 22.67 -32.21
CA SER B 304 -11.76 22.53 -31.41
C SER B 304 -11.21 23.90 -31.06
N PRO B 305 -10.67 24.09 -29.86
CA PRO B 305 -10.09 25.40 -29.51
C PRO B 305 -8.91 25.80 -30.38
N PHE B 306 -8.42 24.92 -31.26
CA PHE B 306 -7.24 25.19 -32.08
C PHE B 306 -7.59 25.27 -33.56
N PHE B 307 -8.87 25.33 -33.90
CA PHE B 307 -9.26 25.58 -35.29
C PHE B 307 -8.84 26.96 -35.75
N GLY B 308 -8.31 27.05 -36.95
CA GLY B 308 -7.86 28.29 -37.50
C GLY B 308 -7.79 28.24 -39.01
N LEU B 309 -7.03 29.17 -39.59
CA LEU B 309 -6.88 29.23 -41.03
C LEU B 309 -5.48 28.97 -41.54
N ARG B 310 -4.45 29.13 -40.71
CA ARG B 310 -3.07 28.91 -41.11
C ARG B 310 -2.49 27.71 -40.36
N ASP B 311 -1.23 27.40 -40.68
CA ASP B 311 -0.44 26.42 -39.94
C ASP B 311 -1.15 25.06 -39.89
N GLY B 312 -1.89 24.75 -40.95
CA GLY B 312 -2.63 23.50 -41.01
C GLY B 312 -3.74 23.39 -39.98
N ALA B 313 -4.13 24.50 -39.37
CA ALA B 313 -5.21 24.50 -38.40
C ALA B 313 -6.57 24.28 -39.05
N TYR B 314 -6.70 24.59 -40.34
CA TYR B 314 -7.97 24.38 -41.01
C TYR B 314 -8.36 22.90 -41.05
N ARG B 315 -7.47 22.01 -40.60
CA ARG B 315 -7.72 20.58 -40.55
C ARG B 315 -8.22 20.11 -39.20
N GLU B 316 -8.51 21.03 -38.28
CA GLU B 316 -9.11 20.64 -37.01
C GLU B 316 -10.57 20.27 -37.22
N HIS B 317 -11.25 19.98 -36.11
CA HIS B 317 -12.63 19.52 -36.17
C HIS B 317 -13.55 20.72 -36.02
N SER B 318 -14.66 20.70 -36.74
CA SER B 318 -15.64 21.79 -36.64
C SER B 318 -16.99 21.27 -37.10
N ASN B 319 -18.01 21.40 -36.25
CA ASN B 319 -19.35 21.03 -36.62
C ASN B 319 -20.15 22.17 -37.25
N TYR B 320 -19.50 23.29 -37.56
CA TYR B 320 -20.20 24.46 -38.10
C TYR B 320 -19.72 24.79 -39.50
N ALA B 321 -20.54 25.56 -40.20
CA ALA B 321 -20.16 26.07 -41.50
C ALA B 321 -19.16 27.20 -41.37
N MET B 322 -18.33 27.39 -42.40
CA MET B 322 -17.28 28.38 -42.35
C MET B 322 -17.80 29.81 -42.39
N ASP B 323 -19.11 29.99 -42.58
CA ASP B 323 -19.67 31.33 -42.57
C ASP B 323 -19.89 31.86 -41.16
N ARG B 324 -20.03 30.96 -40.19
CA ARG B 324 -20.18 31.32 -38.79
C ARG B 324 -18.86 31.70 -38.15
N PHE B 325 -17.75 31.40 -38.80
CA PHE B 325 -16.41 31.55 -38.22
C PHE B 325 -15.71 32.77 -38.78
N HIS B 326 -15.16 33.59 -37.89
CA HIS B 326 -14.40 34.77 -38.25
C HIS B 326 -13.08 34.72 -37.51
N GLN B 327 -12.01 35.11 -38.20
CA GLN B 327 -10.69 35.21 -37.62
C GLN B 327 -10.13 36.59 -37.84
N PHE B 328 -9.56 37.18 -36.81
CA PHE B 328 -9.00 38.52 -36.88
C PHE B 328 -7.53 38.41 -36.48
N GLU B 329 -6.67 38.41 -37.49
CA GLU B 329 -5.24 38.33 -37.27
C GLU B 329 -4.74 39.68 -36.80
N GLY B 330 -4.00 39.68 -35.70
CA GLY B 330 -3.55 40.95 -35.17
C GLY B 330 -4.61 41.68 -34.40
N TYR B 331 -5.66 40.99 -33.96
CA TYR B 331 -6.76 41.65 -33.29
C TYR B 331 -6.31 42.21 -31.96
N ARG B 332 -6.73 43.43 -31.69
CA ARG B 332 -6.41 44.10 -30.44
C ARG B 332 -7.74 44.14 -29.68
N GLN B 333 -7.90 43.24 -28.71
CA GLN B 333 -9.11 43.25 -27.91
C GLN B 333 -9.09 44.47 -27.00
N ARG B 334 -10.26 44.85 -26.51
CA ARG B 334 -10.39 46.02 -25.65
C ARG B 334 -10.78 45.64 -24.24
N ASP B 335 -10.03 46.16 -23.27
CA ASP B 335 -10.33 46.00 -21.84
C ASP B 335 -11.38 47.01 -21.43
N LEU B 336 -12.57 46.54 -21.07
CA LEU B 336 -13.67 47.43 -20.77
C LEU B 336 -13.52 48.17 -19.45
N ASP B 337 -12.44 47.96 -18.68
CA ASP B 337 -12.22 48.70 -17.46
C ASP B 337 -11.22 49.83 -17.62
N THR B 338 -10.06 49.55 -18.19
CA THR B 338 -9.07 50.60 -18.43
C THR B 338 -9.29 51.31 -19.76
N ARG B 339 -10.30 50.89 -20.52
CA ARG B 339 -10.69 51.54 -21.76
C ARG B 339 -9.57 51.59 -22.78
N ALA B 340 -8.54 50.75 -22.61
CA ALA B 340 -7.36 50.76 -23.44
C ALA B 340 -7.25 49.45 -24.21
N LEU B 341 -6.75 49.55 -25.43
CA LEU B 341 -6.56 48.36 -26.25
C LEU B 341 -5.48 47.47 -25.65
N LEU B 342 -5.67 46.16 -25.76
CA LEU B 342 -4.69 45.19 -25.29
C LEU B 342 -3.65 44.95 -26.38
N GLU B 343 -2.82 43.98 -26.18
CA GLU B 343 -1.75 43.69 -27.11
C GLU B 343 -2.22 42.78 -28.24
N PRO B 344 -1.61 42.93 -29.41
CA PRO B 344 -2.10 42.18 -30.59
C PRO B 344 -1.97 40.68 -30.39
N ALA B 345 -2.98 39.95 -30.88
CA ALA B 345 -3.01 38.51 -30.78
C ALA B 345 -4.09 37.97 -31.70
N ALA B 346 -3.79 36.95 -32.48
CA ALA B 346 -4.80 36.35 -33.35
C ALA B 346 -6.00 35.93 -32.51
N ARG B 347 -7.20 36.21 -33.00
CA ARG B 347 -8.40 36.00 -32.21
C ARG B 347 -9.50 35.39 -33.06
N ASN B 348 -10.01 34.24 -32.62
CA ASN B 348 -11.14 33.61 -33.27
C ASN B 348 -12.45 34.08 -32.68
N PHE B 349 -13.46 34.19 -33.55
CA PHE B 349 -14.81 34.54 -33.17
C PHE B 349 -15.72 33.51 -33.82
N LEU B 350 -16.67 32.98 -33.05
CA LEU B 350 -17.64 32.05 -33.59
C LEU B 350 -19.02 32.47 -33.12
N VAL B 351 -19.95 32.61 -34.06
CA VAL B 351 -21.32 33.03 -33.76
C VAL B 351 -22.17 31.77 -33.64
N THR B 352 -22.32 31.30 -32.41
CA THR B 352 -23.25 30.21 -32.13
C THR B 352 -24.69 30.71 -32.18
N PRO B 353 -25.62 29.86 -32.59
CA PRO B 353 -27.04 30.26 -32.64
C PRO B 353 -27.58 30.98 -31.42
N HIS B 354 -26.97 30.82 -30.24
CA HIS B 354 -27.50 31.45 -29.05
C HIS B 354 -26.56 32.42 -28.35
N LEU B 355 -25.35 32.61 -28.86
CA LEU B 355 -24.38 33.56 -28.29
C LEU B 355 -23.16 33.57 -29.20
N THR B 356 -22.27 34.54 -28.98
CA THR B 356 -21.02 34.61 -29.73
C THR B 356 -19.83 34.41 -28.80
N VAL B 357 -19.01 33.41 -29.09
CA VAL B 357 -17.82 33.09 -28.33
C VAL B 357 -16.60 33.68 -29.02
N GLY B 358 -15.69 34.24 -28.22
CA GLY B 358 -14.43 34.72 -28.75
C GLY B 358 -13.27 34.26 -27.90
N TRP B 359 -12.22 33.71 -28.53
CA TRP B 359 -11.09 33.25 -27.74
C TRP B 359 -9.79 33.48 -28.49
N ASN B 360 -8.74 33.77 -27.74
CA ASN B 360 -7.42 33.96 -28.32
C ASN B 360 -6.93 32.63 -28.89
N TRP B 361 -6.48 32.65 -30.14
CA TRP B 361 -6.08 31.42 -30.81
C TRP B 361 -4.67 31.03 -30.42
N LYS B 362 -4.46 29.75 -30.16
CA LYS B 362 -3.15 29.24 -29.77
C LYS B 362 -2.94 27.90 -30.45
N PRO B 363 -1.75 27.63 -30.98
CA PRO B 363 -1.53 26.40 -31.73
C PRO B 363 -1.57 25.18 -30.83
N LYS B 364 -1.99 24.06 -31.41
CA LYS B 364 -2.15 22.83 -30.64
C LYS B 364 -0.81 22.29 -30.16
N ARG B 365 0.24 22.47 -30.95
CA ARG B 365 1.52 21.85 -30.65
C ARG B 365 2.20 22.45 -29.42
N THR B 366 1.86 23.67 -29.03
CA THR B 366 2.58 24.33 -27.96
C THR B 366 1.80 24.49 -26.67
N GLU B 367 0.55 24.04 -26.62
CA GLU B 367 -0.21 24.29 -25.40
C GLU B 367 -0.64 23.03 -24.67
N VAL B 368 -1.06 21.98 -25.36
CA VAL B 368 -1.51 20.77 -24.72
C VAL B 368 -0.48 19.67 -24.94
N CYS B 369 -0.29 18.83 -23.92
CA CYS B 369 0.66 17.72 -24.01
C CYS B 369 0.16 16.62 -23.09
N SER B 370 0.14 15.39 -23.61
CA SER B 370 -0.47 14.26 -22.91
C SER B 370 0.21 13.91 -21.60
N LEU B 371 1.48 14.26 -21.42
CA LEU B 371 2.21 13.87 -20.23
C LEU B 371 2.56 15.10 -19.41
N VAL B 372 2.52 14.96 -18.09
CA VAL B 372 2.85 16.04 -17.16
C VAL B 372 3.88 15.56 -16.16
N LYS B 373 4.76 16.46 -15.77
CA LYS B 373 5.78 16.11 -14.80
C LYS B 373 5.13 15.80 -13.47
N TRP B 374 5.40 14.62 -12.95
CA TRP B 374 4.92 14.22 -11.63
C TRP B 374 5.92 14.51 -10.53
N ARG B 375 7.17 14.08 -10.71
CA ARG B 375 8.13 14.18 -9.61
C ARG B 375 9.53 14.20 -10.19
N GLU B 376 10.35 15.11 -9.70
CA GLU B 376 11.77 15.13 -10.01
C GLU B 376 12.55 14.42 -8.92
N VAL B 377 13.44 13.51 -9.33
CA VAL B 377 14.23 12.73 -8.40
C VAL B 377 15.69 13.00 -8.72
N GLU B 378 16.41 13.51 -7.74
CA GLU B 378 17.78 13.96 -7.93
C GLU B 378 18.77 12.80 -7.94
N ASP B 379 18.56 11.81 -7.08
CA ASP B 379 19.45 10.67 -6.96
C ASP B 379 18.71 9.36 -7.17
N VAL B 380 18.87 8.75 -8.34
CA VAL B 380 18.33 7.43 -8.60
C VAL B 380 19.49 6.49 -8.92
N VAL B 381 19.18 5.20 -8.90
CA VAL B 381 20.17 4.17 -9.21
C VAL B 381 19.47 3.12 -10.06
N ARG B 382 19.96 2.91 -11.28
CA ARG B 382 19.41 1.91 -12.17
C ARG B 382 20.25 0.63 -12.14
N ASP B 383 19.68 -0.44 -11.64
CA ASP B 383 20.31 -1.74 -11.69
C ASP B 383 19.62 -2.56 -12.78
N GLU B 384 20.20 -3.70 -13.11
CA GLU B 384 19.72 -4.50 -14.23
C GLU B 384 19.49 -5.88 -13.64
N TYR B 385 18.24 -6.26 -13.46
CA TYR B 385 17.91 -7.56 -12.90
C TYR B 385 17.09 -8.42 -13.86
N ALA B 386 17.65 -9.57 -14.22
CA ALA B 386 17.04 -10.57 -15.09
C ALA B 386 16.19 -10.03 -16.22
N HIS B 387 16.80 -9.45 -17.25
CA HIS B 387 16.12 -9.02 -18.46
C HIS B 387 15.35 -7.72 -18.27
N ASN B 388 15.42 -7.07 -17.11
CA ASN B 388 14.56 -5.93 -16.83
C ASN B 388 15.38 -4.89 -16.11
N PHE B 389 15.05 -3.62 -16.35
CA PHE B 389 15.64 -2.56 -15.56
C PHE B 389 14.88 -2.34 -14.26
N ARG B 390 15.59 -1.74 -13.30
CA ARG B 390 14.99 -1.37 -12.03
C ARG B 390 15.53 -0.02 -11.62
N PHE B 391 14.64 0.88 -11.21
CA PHE B 391 14.97 2.25 -10.81
C PHE B 391 14.67 2.43 -9.34
N THR B 392 15.71 2.47 -8.51
CA THR B 392 15.55 2.64 -7.08
C THR B 392 15.71 4.12 -6.74
N MET B 393 14.73 4.68 -6.05
CA MET B 393 14.71 6.09 -5.66
C MET B 393 14.57 6.17 -4.15
N LYS B 394 15.70 6.37 -3.47
CA LYS B 394 15.72 6.30 -2.02
C LYS B 394 15.11 7.51 -1.33
N THR B 395 14.99 8.64 -2.03
CA THR B 395 14.35 9.80 -1.41
C THR B 395 12.83 9.66 -1.40
N LEU B 396 12.27 8.98 -2.39
CA LEU B 396 10.84 8.69 -2.40
C LEU B 396 10.53 7.34 -1.77
N SER B 397 11.54 6.50 -1.59
CA SER B 397 11.35 5.12 -1.16
C SER B 397 10.48 4.37 -2.17
N THR B 398 10.81 4.54 -3.45
CA THR B 398 10.01 4.00 -4.53
C THR B 398 10.91 3.32 -5.54
N THR B 399 10.52 2.13 -5.98
CA THR B 399 11.27 1.36 -6.96
C THR B 399 10.38 1.03 -8.15
N PHE B 400 10.71 1.57 -9.32
CA PHE B 400 10.01 1.25 -10.55
C PHE B 400 10.76 0.18 -11.32
N ILE B 401 10.02 -0.66 -12.03
CA ILE B 401 10.65 -1.78 -12.76
C ILE B 401 10.20 -1.71 -14.21
N SER B 402 11.12 -1.32 -15.09
CA SER B 402 10.85 -1.23 -16.52
C SER B 402 11.41 -2.42 -17.28
N GLU B 403 11.31 -2.36 -18.61
CA GLU B 403 12.01 -3.29 -19.47
C GLU B 403 13.32 -2.68 -19.95
N THR B 404 14.15 -3.53 -20.56
CA THR B 404 15.45 -3.11 -21.11
C THR B 404 15.33 -2.29 -22.38
N ASN B 405 14.17 -2.24 -23.01
CA ASN B 405 14.06 -1.47 -24.24
C ASN B 405 13.81 0.00 -23.94
N GLU B 406 14.24 0.84 -24.88
CA GLU B 406 13.90 2.25 -24.84
C GLU B 406 12.44 2.44 -25.22
N PHE B 407 11.89 3.58 -24.83
CA PHE B 407 10.54 3.95 -25.21
C PHE B 407 10.59 5.02 -26.29
N ASN B 408 9.92 4.77 -27.40
CA ASN B 408 9.81 5.73 -28.49
C ASN B 408 8.61 6.63 -28.22
N LEU B 409 8.86 7.90 -27.93
CA LEU B 409 7.79 8.82 -27.63
C LEU B 409 6.98 9.23 -28.85
N ASN B 410 7.26 8.65 -30.02
CA ASN B 410 6.45 8.91 -31.20
C ASN B 410 5.17 8.08 -31.22
N GLN B 411 5.09 7.01 -30.43
CA GLN B 411 3.85 6.25 -30.35
C GLN B 411 2.75 6.92 -29.54
N ILE B 412 3.03 8.03 -28.87
CA ILE B 412 2.04 8.65 -28.00
C ILE B 412 1.63 9.99 -28.60
N HIS B 413 0.31 10.26 -28.56
CA HIS B 413 -0.21 11.52 -29.04
C HIS B 413 0.29 12.68 -28.20
N LEU B 414 0.69 13.76 -28.87
CA LEU B 414 0.88 15.06 -28.22
C LEU B 414 1.93 15.01 -27.12
N SER B 415 3.07 14.39 -27.40
CA SER B 415 4.11 14.24 -26.40
C SER B 415 5.28 15.20 -26.63
N GLN B 416 5.04 16.31 -27.34
CA GLN B 416 6.12 17.22 -27.69
C GLN B 416 6.65 18.01 -26.50
N CYS B 417 5.90 18.10 -25.40
CA CYS B 417 6.37 18.93 -24.28
C CYS B 417 7.51 18.23 -23.55
N VAL B 418 7.35 16.93 -23.31
CA VAL B 418 8.13 16.23 -22.30
C VAL B 418 9.62 16.33 -22.59
N LYS B 419 10.00 16.10 -23.86
CA LYS B 419 11.42 16.07 -24.22
C LYS B 419 12.16 17.31 -23.75
N GLU B 420 11.71 18.48 -24.22
CA GLU B 420 12.43 19.70 -23.90
C GLU B 420 12.22 20.11 -22.45
N GLU B 421 11.03 19.86 -21.92
CA GLU B 421 10.75 20.16 -20.53
C GLU B 421 11.71 19.39 -19.61
N ALA B 422 11.86 18.10 -19.88
CA ALA B 422 12.77 17.28 -19.08
C ALA B 422 14.23 17.67 -19.31
N ARG B 423 14.58 18.07 -20.52
CA ARG B 423 15.95 18.53 -20.76
C ARG B 423 16.29 19.73 -19.91
N ALA B 424 15.40 20.73 -19.87
CA ALA B 424 15.68 21.91 -19.06
C ALA B 424 15.77 21.55 -17.58
N ILE B 425 14.81 20.75 -17.10
CA ILE B 425 14.79 20.41 -15.67
C ILE B 425 16.03 19.60 -15.29
N ILE B 426 16.41 18.62 -16.12
CA ILE B 426 17.54 17.76 -15.80
C ILE B 426 18.84 18.53 -15.84
N ASN B 427 18.98 19.45 -16.79
CA ASN B 427 20.19 20.26 -16.84
C ASN B 427 20.29 21.13 -15.60
N ARG B 428 19.17 21.71 -15.17
CA ARG B 428 19.20 22.51 -13.95
C ARG B 428 19.59 21.66 -12.74
N ILE B 429 19.02 20.46 -12.62
CA ILE B 429 19.33 19.61 -11.47
C ILE B 429 20.81 19.26 -11.44
N TYR B 430 21.38 18.89 -12.59
CA TYR B 430 22.80 18.55 -12.61
C TYR B 430 23.64 19.75 -12.20
N THR B 431 23.39 20.90 -12.82
CA THR B 431 24.19 22.08 -12.54
C THR B 431 24.05 22.54 -11.10
N THR B 432 22.93 22.25 -10.45
CA THR B 432 22.77 22.71 -9.07
C THR B 432 23.26 21.73 -8.02
N ARG B 433 23.37 20.44 -8.33
CA ARG B 433 23.74 19.47 -7.30
C ARG B 433 25.03 18.72 -7.61
N TYR B 434 25.15 18.16 -8.82
CA TYR B 434 26.25 17.29 -9.21
C TYR B 434 27.26 17.99 -10.11
N ASN B 435 27.44 19.30 -9.92
CA ASN B 435 28.28 20.09 -10.81
C ASN B 435 29.74 19.64 -10.76
N SER B 436 30.23 19.25 -9.59
CA SER B 436 31.63 18.91 -9.44
C SER B 436 31.92 17.44 -9.18
N SER B 437 30.95 16.66 -8.72
CA SER B 437 31.24 15.28 -8.38
C SER B 437 31.22 14.35 -9.58
N HIS B 438 30.22 14.45 -10.43
CA HIS B 438 30.07 13.52 -11.55
C HIS B 438 30.09 14.27 -12.87
N VAL B 439 29.97 13.50 -13.96
CA VAL B 439 29.86 14.04 -15.31
C VAL B 439 28.88 13.17 -16.10
N ARG B 440 28.18 13.81 -17.04
CA ARG B 440 27.18 13.12 -17.84
C ARG B 440 27.83 12.13 -18.79
N THR B 441 27.04 11.17 -19.26
CA THR B 441 27.54 10.10 -20.13
C THR B 441 26.60 9.85 -21.31
N GLY B 442 26.21 10.90 -22.01
CA GLY B 442 25.34 10.73 -23.16
C GLY B 442 23.99 11.38 -22.97
N ASP B 443 23.17 11.25 -24.02
CA ASP B 443 21.84 11.84 -24.05
C ASP B 443 20.86 11.07 -23.16
N ILE B 444 19.74 11.74 -22.89
CA ILE B 444 18.69 11.19 -22.05
C ILE B 444 18.06 9.95 -22.66
N GLN B 445 17.64 9.03 -21.79
CA GLN B 445 16.98 7.80 -22.18
C GLN B 445 15.57 7.82 -21.61
N THR B 446 14.63 7.24 -22.36
CA THR B 446 13.22 7.26 -21.97
C THR B 446 12.73 5.83 -21.76
N TYR B 447 12.25 5.55 -20.55
CA TYR B 447 11.73 4.23 -20.21
C TYR B 447 10.30 4.34 -19.73
N LEU B 448 9.51 3.32 -20.07
CA LEU B 448 8.14 3.21 -19.60
C LEU B 448 8.13 2.32 -18.37
N ALA B 449 8.00 2.92 -17.19
CA ALA B 449 7.96 2.09 -16.00
C ALA B 449 6.62 1.36 -15.96
N ARG B 450 6.48 0.52 -14.94
CA ARG B 450 5.30 -0.33 -14.83
C ARG B 450 4.17 0.38 -14.12
N GLY B 451 2.96 0.13 -14.59
CA GLY B 451 1.78 0.83 -14.15
C GLY B 451 1.51 2.07 -14.96
N GLY B 452 2.28 2.31 -16.01
CA GLY B 452 2.02 3.39 -16.93
C GLY B 452 2.79 4.66 -16.70
N PHE B 453 4.01 4.59 -16.17
CA PHE B 453 4.75 5.81 -15.92
C PHE B 453 5.87 5.96 -16.93
N VAL B 454 6.35 7.19 -17.11
CA VAL B 454 7.43 7.45 -18.04
C VAL B 454 8.56 8.12 -17.27
N VAL B 455 9.70 7.42 -17.18
CA VAL B 455 10.88 7.90 -16.49
C VAL B 455 11.88 8.36 -17.54
N VAL B 456 12.17 9.66 -17.55
CA VAL B 456 13.25 10.20 -18.37
C VAL B 456 14.52 10.23 -17.53
N PHE B 457 15.46 9.33 -17.85
CA PHE B 457 16.62 9.02 -17.04
C PHE B 457 17.88 9.53 -17.72
N GLN B 458 18.65 10.35 -17.00
CA GLN B 458 19.96 10.82 -17.45
C GLN B 458 21.04 10.09 -16.67
N PRO B 459 21.86 9.27 -17.33
CA PRO B 459 22.92 8.53 -16.63
C PRO B 459 24.13 9.39 -16.31
N LEU B 460 24.60 9.31 -15.07
CA LEU B 460 25.81 9.98 -14.63
C LEU B 460 26.92 8.96 -14.45
N LEU B 461 28.13 9.47 -14.28
CA LEU B 461 29.29 8.59 -14.04
C LEU B 461 30.18 9.37 -13.08
N SER B 462 30.82 8.67 -12.14
CA SER B 462 31.74 9.35 -11.25
C SER B 462 33.05 9.66 -12.00
N ASN B 463 33.81 10.57 -11.39
CA ASN B 463 35.05 11.04 -12.00
C ASN B 463 36.09 9.95 -12.20
N SER B 464 35.98 8.83 -11.52
CA SER B 464 36.89 7.71 -11.76
C SER B 464 36.72 7.13 -13.16
N ASN B 503 -0.77 4.91 -33.24
CA ASN B 503 -0.54 5.73 -32.07
C ASN B 503 -1.55 5.42 -30.97
N ARG B 504 -1.14 5.60 -29.72
CA ARG B 504 -1.96 5.27 -28.58
C ARG B 504 -1.75 6.33 -27.52
N THR B 505 -2.33 6.10 -26.34
CA THR B 505 -2.16 6.96 -25.18
C THR B 505 -1.79 6.07 -24.01
N ILE B 506 -1.08 6.63 -23.05
CA ILE B 506 -0.64 5.88 -21.88
C ILE B 506 -1.65 6.08 -20.75
N THR B 507 -2.05 4.98 -20.13
CA THR B 507 -2.99 4.99 -19.02
C THR B 507 -2.23 4.65 -17.74
N THR B 508 -2.31 5.54 -16.77
CA THR B 508 -1.57 5.37 -15.52
C THR B 508 -2.50 4.89 -14.42
N THR B 509 -2.02 3.92 -13.66
CA THR B 509 -2.78 3.45 -12.51
C THR B 509 -2.82 4.58 -11.49
N SER B 510 -3.68 4.46 -10.49
CA SER B 510 -3.78 5.55 -9.53
C SER B 510 -3.01 5.26 -8.25
N SER B 511 -1.97 4.44 -8.33
CA SER B 511 -1.25 4.09 -7.08
C SER B 511 0.23 4.44 -7.15
N VAL B 512 0.91 4.25 -6.01
CA VAL B 512 2.38 4.46 -5.81
C VAL B 512 2.87 3.42 -4.80
N GLU B 513 1.94 2.65 -4.21
CA GLU B 513 2.24 1.61 -3.20
C GLU B 513 2.79 0.35 -3.89
N PHE B 514 2.22 -0.01 -5.05
CA PHE B 514 2.76 -1.17 -5.80
C PHE B 514 4.26 -0.94 -6.03
N ALA B 515 4.71 0.30 -5.83
CA ALA B 515 6.13 0.69 -5.98
C ALA B 515 6.76 0.86 -4.60
N MET B 516 6.03 1.42 -3.63
CA MET B 516 6.60 1.57 -2.29
C MET B 516 6.78 0.21 -1.66
N LEU B 517 5.82 -0.69 -1.87
CA LEU B 517 6.00 -2.08 -1.45
C LEU B 517 7.23 -2.68 -2.12
N GLN B 518 7.41 -2.40 -3.41
CA GLN B 518 8.56 -2.95 -4.12
C GLN B 518 9.86 -2.47 -3.53
N PHE B 519 9.97 -1.18 -3.26
CA PHE B 519 11.19 -0.66 -2.64
C PHE B 519 11.43 -1.30 -1.29
N THR B 520 10.40 -1.37 -0.44
CA THR B 520 10.61 -1.91 0.91
C THR B 520 11.03 -3.38 0.84
N TYR B 521 10.36 -4.16 0.00
CA TYR B 521 10.76 -5.56 -0.13
C TYR B 521 12.17 -5.68 -0.66
N ASP B 522 12.53 -4.87 -1.65
CA ASP B 522 13.89 -4.93 -2.16
C ASP B 522 14.89 -4.62 -1.06
N HIS B 523 14.60 -3.63 -0.22
CA HIS B 523 15.53 -3.29 0.85
C HIS B 523 15.70 -4.45 1.82
N ILE B 524 14.60 -4.96 2.36
CA ILE B 524 14.71 -6.06 3.31
C ILE B 524 15.38 -7.26 2.66
N GLN B 525 15.02 -7.56 1.41
CA GLN B 525 15.59 -8.73 0.76
C GLN B 525 17.09 -8.57 0.55
N GLU B 526 17.52 -7.40 0.07
CA GLU B 526 18.95 -7.21 -0.13
C GLU B 526 19.72 -7.28 1.18
N HIS B 527 19.21 -6.61 2.21
CA HIS B 527 19.94 -6.60 3.48
C HIS B 527 19.97 -7.97 4.12
N VAL B 528 18.82 -8.66 4.18
CA VAL B 528 18.79 -9.97 4.80
C VAL B 528 19.63 -10.97 4.02
N ASN B 529 19.68 -10.83 2.70
CA ASN B 529 20.52 -11.75 1.94
C ASN B 529 21.98 -11.47 2.20
N GLU B 530 22.35 -10.20 2.32
CA GLU B 530 23.72 -9.88 2.68
C GLU B 530 24.09 -10.45 4.05
N MET B 531 23.19 -10.33 5.03
CA MET B 531 23.50 -10.84 6.36
C MET B 531 23.58 -12.37 6.37
N LEU B 532 22.70 -13.04 5.63
CA LEU B 532 22.79 -14.50 5.56
C LEU B 532 24.09 -14.93 4.90
N ALA B 533 24.50 -14.23 3.84
CA ALA B 533 25.78 -14.54 3.21
C ALA B 533 26.93 -14.40 4.20
N ARG B 534 26.89 -13.35 5.03
CA ARG B 534 27.96 -13.18 6.00
C ARG B 534 27.95 -14.29 7.04
N ILE B 535 26.77 -14.63 7.55
CA ILE B 535 26.66 -15.74 8.50
C ILE B 535 27.21 -17.02 7.88
N SER B 536 26.92 -17.28 6.61
CA SER B 536 27.38 -18.52 6.02
C SER B 536 28.89 -18.54 5.88
N SER B 537 29.49 -17.44 5.40
CA SER B 537 30.93 -17.40 5.28
C SER B 537 31.61 -17.53 6.64
N SER B 538 31.09 -16.83 7.64
CA SER B 538 31.65 -16.93 8.99
C SER B 538 31.52 -18.35 9.53
N TRP B 539 30.39 -19.00 9.25
CA TRP B 539 30.19 -20.36 9.71
C TRP B 539 31.24 -21.28 9.10
N CYS B 540 31.56 -21.08 7.82
CA CYS B 540 32.57 -21.93 7.19
C CYS B 540 33.91 -21.75 7.86
N GLN B 541 34.35 -20.51 8.06
CA GLN B 541 35.64 -20.32 8.70
C GLN B 541 35.67 -20.97 10.08
N LEU B 542 34.59 -20.85 10.84
CA LEU B 542 34.58 -21.44 12.17
C LEU B 542 34.66 -22.96 12.12
N GLN B 543 33.93 -23.59 11.21
CA GLN B 543 34.03 -25.04 11.09
C GLN B 543 35.42 -25.46 10.64
N ASN B 544 35.98 -24.76 9.65
CA ASN B 544 37.32 -25.09 9.18
C ASN B 544 38.35 -24.88 10.29
N ARG B 545 38.05 -24.02 11.26
CA ARG B 545 38.97 -23.82 12.37
C ARG B 545 38.81 -24.91 13.42
N GLU B 546 37.57 -25.26 13.75
CA GLU B 546 37.32 -26.34 14.70
C GLU B 546 37.78 -27.70 14.19
N ARG B 547 37.92 -27.87 12.87
CA ARG B 547 38.50 -29.11 12.38
C ARG B 547 39.91 -29.32 12.91
N ALA B 548 40.64 -28.24 13.15
CA ALA B 548 42.01 -28.38 13.68
C ALA B 548 42.00 -28.86 15.11
N LEU B 549 41.10 -28.35 15.95
CA LEU B 549 41.03 -28.86 17.32
C LEU B 549 40.61 -30.32 17.35
N TRP B 550 39.62 -30.70 16.54
CA TRP B 550 39.22 -32.10 16.52
C TRP B 550 40.34 -33.00 16.05
N SER B 551 41.05 -32.61 14.99
CA SER B 551 42.12 -33.44 14.48
C SER B 551 43.31 -33.49 15.42
N GLY B 552 43.58 -32.39 16.12
CA GLY B 552 44.69 -32.33 17.05
C GLY B 552 44.44 -32.94 18.41
N LEU B 553 43.17 -33.18 18.76
CA LEU B 553 42.85 -33.73 20.07
C LEU B 553 42.55 -35.22 20.05
N PHE B 554 42.44 -35.84 18.88
CA PHE B 554 42.21 -37.28 18.84
C PHE B 554 43.30 -38.08 19.54
N PRO B 555 44.59 -37.81 19.36
CA PRO B 555 45.59 -38.58 20.12
C PRO B 555 45.37 -38.59 21.63
N ILE B 556 44.83 -37.51 22.21
CA ILE B 556 44.71 -37.47 23.66
C ILE B 556 43.59 -38.38 24.14
N ASN B 557 42.44 -38.35 23.47
CA ASN B 557 41.29 -39.15 23.86
C ASN B 557 40.48 -39.52 22.63
N PRO B 558 40.81 -40.62 21.99
CA PRO B 558 40.10 -40.96 20.74
C PRO B 558 38.69 -41.48 20.96
N SER B 559 38.46 -42.21 22.05
CA SER B 559 37.15 -42.84 22.25
C SER B 559 36.06 -41.81 22.54
N ALA B 560 36.36 -40.80 23.34
CA ALA B 560 35.35 -39.80 23.69
C ALA B 560 34.96 -38.98 22.46
N LEU B 561 35.94 -38.54 21.69
CA LEU B 561 35.66 -37.76 20.50
C LEU B 561 34.92 -38.58 19.45
N ALA B 562 35.27 -39.86 19.31
CA ALA B 562 34.57 -40.68 18.33
C ALA B 562 33.15 -40.99 18.77
N SER B 563 32.90 -41.04 20.08
CA SER B 563 31.53 -41.25 20.55
C SER B 563 30.69 -40.00 20.35
N THR B 564 31.29 -38.82 20.52
CA THR B 564 30.56 -37.57 20.29
C THR B 564 30.23 -37.39 18.81
N ILE B 565 31.21 -37.59 17.94
CA ILE B 565 30.97 -37.33 16.51
C ILE B 565 29.92 -38.27 15.97
N LEU B 566 30.01 -39.55 16.29
CA LEU B 566 29.07 -40.53 15.78
C LEU B 566 27.75 -40.53 16.53
N ASP B 567 27.61 -39.68 17.56
CA ASP B 567 26.40 -39.59 18.37
C ASP B 567 25.98 -40.97 18.86
N GLN B 568 26.97 -41.77 19.23
CA GLN B 568 26.74 -43.13 19.68
C GLN B 568 28.00 -43.60 20.37
N ARG B 569 27.83 -44.28 21.51
CA ARG B 569 28.97 -44.71 22.29
C ARG B 569 29.74 -45.76 21.51
N VAL B 570 31.01 -45.47 21.24
CA VAL B 570 31.90 -46.37 20.51
C VAL B 570 33.25 -46.38 21.20
N LYS B 571 34.10 -47.31 20.78
CA LYS B 571 35.49 -47.39 21.23
C LYS B 571 36.40 -47.32 20.02
N ALA B 572 37.28 -46.34 20.01
CA ALA B 572 38.13 -46.05 18.86
C ALA B 572 39.59 -46.15 19.26
N ARG B 573 40.41 -46.62 18.31
CA ARG B 573 41.85 -46.65 18.46
C ARG B 573 42.49 -45.90 17.31
N ILE B 574 43.67 -45.36 17.56
CA ILE B 574 44.46 -44.69 16.53
C ILE B 574 45.47 -45.67 15.97
N LEU B 575 45.21 -46.14 14.75
CA LEU B 575 46.10 -47.08 14.09
C LEU B 575 47.08 -46.32 13.18
N GLY B 576 47.81 -45.42 13.82
CA GLY B 576 48.73 -44.55 13.11
C GLY B 576 48.12 -43.23 12.71
N ASP B 577 47.75 -43.09 11.44
CA ASP B 577 47.14 -41.86 10.95
C ASP B 577 45.66 -42.02 10.66
N VAL B 578 45.07 -43.16 11.02
CA VAL B 578 43.66 -43.43 10.81
C VAL B 578 43.08 -43.82 12.16
N ILE B 579 41.76 -43.99 12.21
CA ILE B 579 41.03 -44.31 13.43
C ILE B 579 40.18 -45.52 13.17
N SER B 580 40.32 -46.54 14.01
CA SER B 580 39.59 -47.79 13.88
C SER B 580 38.54 -47.82 14.99
N VAL B 581 37.29 -47.73 14.60
CA VAL B 581 36.20 -47.63 15.54
C VAL B 581 35.58 -49.01 15.71
N SER B 582 34.81 -49.17 16.79
CA SER B 582 34.09 -50.41 17.04
C SER B 582 32.93 -50.11 17.97
N ASN B 583 31.78 -50.70 17.66
CA ASN B 583 30.56 -50.41 18.41
C ASN B 583 30.61 -51.11 19.76
N CYS B 584 30.07 -50.43 20.77
CA CYS B 584 30.04 -50.92 22.14
C CYS B 584 28.60 -51.32 22.45
N PRO B 585 28.26 -52.61 22.45
CA PRO B 585 26.88 -52.99 22.76
C PRO B 585 26.56 -52.78 24.24
N GLU B 586 25.36 -52.27 24.48
CA GLU B 586 24.94 -51.89 25.81
C GLU B 586 24.70 -53.11 26.71
N LEU B 587 25.06 -52.96 27.97
CA LEU B 587 24.93 -54.02 28.96
C LEU B 587 23.45 -54.21 29.29
N GLY B 588 22.92 -55.39 29.01
CA GLY B 588 21.51 -55.63 29.21
C GLY B 588 21.15 -55.85 30.67
N SER B 589 19.91 -56.28 30.88
CA SER B 589 19.37 -56.55 32.20
C SER B 589 19.85 -57.93 32.68
N ASP B 590 19.22 -58.43 33.74
CA ASP B 590 19.64 -59.66 34.42
C ASP B 590 21.13 -59.69 34.79
N THR B 591 21.67 -58.55 35.21
CA THR B 591 23.10 -58.39 35.51
C THR B 591 23.26 -57.56 36.77
N ARG B 592 23.91 -58.10 37.80
CA ARG B 592 24.09 -57.36 39.05
C ARG B 592 25.55 -56.95 39.20
N ILE B 593 25.80 -55.64 39.20
CA ILE B 593 27.15 -55.08 39.33
C ILE B 593 27.37 -54.67 40.77
N ILE B 594 28.31 -55.33 41.47
CA ILE B 594 28.60 -55.03 42.87
C ILE B 594 29.85 -54.18 42.95
N LEU B 595 29.86 -53.20 43.85
CA LEU B 595 30.94 -52.25 44.02
C LEU B 595 31.81 -52.59 45.22
N GLN B 596 33.11 -52.71 44.99
CA GLN B 596 34.05 -53.11 46.03
C GLN B 596 34.46 -51.90 46.88
N ASN B 597 34.87 -52.18 48.11
CA ASN B 597 35.07 -51.12 49.09
C ASN B 597 36.44 -50.46 49.01
N SER B 598 37.48 -51.22 48.67
CA SER B 598 38.84 -50.73 48.70
C SER B 598 39.47 -50.78 47.32
N MET B 599 40.30 -49.78 47.02
CA MET B 599 41.04 -49.73 45.76
C MET B 599 42.47 -50.21 45.90
N ARG B 600 42.81 -50.86 47.00
CA ARG B 600 44.17 -51.28 47.25
C ARG B 600 44.40 -52.67 46.68
N VAL B 601 45.58 -52.89 46.12
CA VAL B 601 45.94 -54.23 45.65
C VAL B 601 46.18 -55.10 46.88
N SER B 602 45.76 -56.36 46.78
CA SER B 602 45.88 -57.26 47.93
C SER B 602 47.35 -57.44 48.29
N GLY B 603 47.67 -57.16 49.55
CA GLY B 603 49.04 -57.27 50.04
C GLY B 603 49.97 -56.14 49.65
N SER B 604 49.97 -55.77 48.37
CA SER B 604 50.86 -54.70 47.92
C SER B 604 50.42 -53.36 48.49
N THR B 605 51.40 -52.51 48.81
CA THR B 605 51.13 -51.20 49.36
C THR B 605 51.64 -50.05 48.50
N THR B 606 52.65 -50.28 47.66
CA THR B 606 53.13 -49.26 46.74
C THR B 606 52.35 -49.20 45.45
N ARG B 607 51.40 -50.11 45.25
CA ARG B 607 50.62 -50.18 44.02
C ARG B 607 49.15 -50.28 44.37
N CYS B 608 48.33 -49.53 43.66
CA CYS B 608 46.89 -49.50 43.92
C CYS B 608 46.15 -49.31 42.61
N TYR B 609 44.86 -49.63 42.63
CA TYR B 609 44.07 -49.48 41.42
C TYR B 609 43.72 -48.02 41.18
N SER B 610 43.44 -47.70 39.93
CA SER B 610 43.14 -46.33 39.53
C SER B 610 41.63 -46.07 39.55
N ARG B 611 40.84 -47.05 39.13
CA ARG B 611 39.40 -46.91 39.10
C ARG B 611 38.77 -47.96 40.01
N PRO B 612 37.58 -47.66 40.57
CA PRO B 612 36.97 -48.60 41.52
C PRO B 612 36.76 -49.96 40.86
N LEU B 613 36.84 -51.02 41.66
CA LEU B 613 36.62 -52.35 41.13
C LEU B 613 35.17 -52.77 41.30
N ILE B 614 34.67 -53.52 40.32
CA ILE B 614 33.30 -54.00 40.30
C ILE B 614 33.29 -55.49 39.99
N SER B 615 32.20 -56.14 40.38
CA SER B 615 31.99 -57.55 40.11
C SER B 615 30.65 -57.72 39.38
N ILE B 616 30.73 -58.04 38.09
CA ILE B 616 29.54 -58.20 37.26
C ILE B 616 29.07 -59.64 37.42
N VAL B 617 28.25 -59.91 38.43
CA VAL B 617 27.76 -61.27 38.61
C VAL B 617 26.66 -61.50 37.59
N SER B 618 26.65 -62.70 37.01
CA SER B 618 25.68 -63.06 35.98
C SER B 618 24.58 -63.88 36.61
N LEU B 619 23.41 -63.86 35.97
CA LEU B 619 22.24 -64.61 36.45
C LEU B 619 21.85 -65.79 35.56
N ASN B 620 22.21 -65.77 34.28
CA ASN B 620 21.95 -66.91 33.40
C ASN B 620 22.92 -68.06 33.63
N GLY B 621 23.76 -67.94 34.66
CA GLY B 621 24.76 -68.94 34.97
C GLY B 621 26.04 -68.85 34.17
N SER B 622 26.29 -67.72 33.53
CA SER B 622 27.51 -67.56 32.76
C SER B 622 28.71 -67.21 33.63
N GLY B 623 28.59 -67.37 34.94
CA GLY B 623 29.68 -67.14 35.86
C GLY B 623 29.66 -65.77 36.50
N THR B 624 30.84 -65.20 36.71
CA THR B 624 30.97 -63.90 37.37
C THR B 624 32.22 -63.21 36.83
N VAL B 625 32.04 -62.10 36.15
CA VAL B 625 33.17 -61.30 35.70
C VAL B 625 33.58 -60.36 36.83
N GLU B 626 34.89 -60.12 36.95
CA GLU B 626 35.41 -59.21 37.97
C GLU B 626 36.29 -58.21 37.23
N GLY B 627 35.81 -56.98 37.08
CA GLY B 627 36.57 -55.91 36.47
C GLY B 627 36.62 -54.67 37.35
N GLN B 628 36.62 -53.52 36.67
CA GLN B 628 36.57 -52.24 37.37
C GLN B 628 35.77 -51.24 36.54
N LEU B 629 35.50 -50.10 37.17
CA LEU B 629 34.61 -49.07 36.63
C LEU B 629 35.39 -48.14 35.71
N GLY B 630 35.07 -48.15 34.42
CA GLY B 630 35.69 -47.26 33.47
C GLY B 630 35.11 -45.88 33.57
N THR B 631 35.09 -45.16 32.44
CA THR B 631 34.63 -43.79 32.42
C THR B 631 33.30 -43.67 31.68
N ASP B 632 32.44 -42.78 32.17
CA ASP B 632 31.13 -42.53 31.56
C ASP B 632 30.27 -43.79 31.61
N ASN B 633 30.35 -44.52 32.72
CA ASN B 633 29.58 -45.74 32.93
C ASN B 633 29.94 -46.81 31.91
N GLU B 634 31.22 -46.86 31.55
CA GLU B 634 31.76 -47.92 30.72
C GLU B 634 32.36 -48.99 31.63
N LEU B 635 32.00 -50.24 31.40
CA LEU B 635 32.45 -51.33 32.27
C LEU B 635 33.51 -52.14 31.55
N ILE B 636 34.77 -51.87 31.88
CA ILE B 636 35.88 -52.64 31.33
C ILE B 636 35.85 -54.05 31.93
N MET B 637 36.27 -55.02 31.13
CA MET B 637 36.31 -56.43 31.56
C MET B 637 37.66 -56.84 32.10
N SER B 638 38.42 -55.92 32.66
CA SER B 638 39.72 -56.26 33.24
C SER B 638 40.10 -55.20 34.27
N ARG B 639 41.15 -55.49 35.01
CA ARG B 639 41.59 -54.59 36.08
C ARG B 639 43.02 -54.12 35.87
N ASP B 640 43.34 -53.69 34.64
CA ASP B 640 44.70 -53.36 34.25
C ASP B 640 45.01 -51.87 34.37
N LEU B 641 44.26 -51.12 35.19
CA LEU B 641 44.53 -49.70 35.42
C LEU B 641 45.01 -49.51 36.86
N LEU B 642 46.32 -49.63 37.04
CA LEU B 642 46.99 -49.49 38.32
C LEU B 642 47.77 -48.17 38.34
N GLU B 643 48.19 -47.78 39.55
CA GLU B 643 48.91 -46.52 39.70
C GLU B 643 49.80 -46.58 40.94
N PRO B 644 50.91 -45.84 40.92
CA PRO B 644 51.70 -45.64 42.15
C PRO B 644 50.88 -44.94 43.22
N CYS B 645 50.88 -45.52 44.41
CA CYS B 645 49.97 -45.09 45.47
C CYS B 645 50.33 -43.69 45.95
N VAL B 646 49.58 -42.70 45.48
CA VAL B 646 49.85 -41.31 45.81
C VAL B 646 49.45 -41.04 47.27
N ALA B 647 49.99 -39.96 47.82
CA ALA B 647 49.64 -39.55 49.16
C ALA B 647 48.58 -38.47 49.10
N ASN B 648 47.72 -38.44 50.13
CA ASN B 648 46.55 -37.56 50.17
C ASN B 648 45.68 -37.80 48.94
N HIS B 649 45.14 -39.01 48.85
CA HIS B 649 44.37 -39.44 47.71
C HIS B 649 42.92 -39.03 47.92
N LYS B 650 42.35 -38.36 46.92
CA LYS B 650 40.95 -37.93 46.98
C LYS B 650 40.36 -38.01 45.58
N ARG B 651 39.34 -38.84 45.39
CA ARG B 651 38.75 -38.95 44.05
C ARG B 651 37.25 -39.12 44.13
N TYR B 652 36.57 -38.61 43.13
CA TYR B 652 35.13 -38.78 42.93
C TYR B 652 34.88 -39.55 41.65
N PHE B 653 34.04 -40.58 41.74
CA PHE B 653 33.73 -41.41 40.58
C PHE B 653 32.23 -41.45 40.35
N LEU B 654 31.85 -41.50 39.08
CA LEU B 654 30.45 -41.52 38.67
C LEU B 654 29.94 -42.95 38.69
N PHE B 655 29.01 -43.23 39.58
CA PHE B 655 28.34 -44.53 39.69
C PHE B 655 26.85 -44.33 39.47
N GLY B 656 26.43 -44.36 38.21
CA GLY B 656 25.02 -44.20 37.91
C GLY B 656 24.56 -42.78 38.13
N HIS B 657 23.77 -42.59 39.18
CA HIS B 657 23.27 -41.28 39.55
C HIS B 657 24.02 -40.70 40.74
N HIS B 658 25.16 -41.28 41.11
CA HIS B 658 25.89 -40.82 42.28
C HIS B 658 27.36 -40.61 41.97
N TYR B 659 27.97 -39.77 42.78
CA TYR B 659 29.42 -39.54 42.82
C TYR B 659 29.95 -40.15 44.10
N VAL B 660 30.48 -41.36 43.99
CA VAL B 660 31.05 -42.06 45.14
C VAL B 660 32.42 -41.46 45.45
N TYR B 661 32.66 -41.19 46.73
CA TYR B 661 33.85 -40.48 47.17
C TYR B 661 34.77 -41.47 47.86
N TYR B 662 36.03 -41.48 47.43
CA TYR B 662 37.05 -42.39 47.94
C TYR B 662 38.27 -41.64 48.46
N GLU B 663 38.57 -41.87 49.74
CA GLU B 663 39.69 -41.28 50.47
C GLU B 663 40.63 -42.38 50.93
N ASP B 664 41.88 -42.31 50.48
CA ASP B 664 42.87 -43.35 50.72
C ASP B 664 42.38 -44.73 50.27
N TYR B 665 41.83 -44.77 49.06
CA TYR B 665 41.52 -46.02 48.37
C TYR B 665 40.46 -46.84 49.12
N ARG B 666 39.57 -46.15 49.83
CA ARG B 666 38.48 -46.80 50.54
C ARG B 666 37.23 -45.95 50.39
N TYR B 667 36.08 -46.62 50.31
CA TYR B 667 34.82 -45.91 50.24
C TYR B 667 34.66 -44.99 51.44
N VAL B 668 34.14 -43.80 51.18
CA VAL B 668 33.93 -42.79 52.22
C VAL B 668 32.47 -42.37 52.20
N ARG B 669 32.00 -41.89 51.05
CA ARG B 669 30.64 -41.37 51.03
C ARG B 669 30.12 -41.42 49.61
N GLU B 670 28.93 -40.85 49.41
CA GLU B 670 28.30 -40.80 48.11
C GLU B 670 27.46 -39.54 48.04
N ILE B 671 27.26 -39.02 46.84
CA ILE B 671 26.49 -37.80 46.65
C ILE B 671 25.68 -37.92 45.37
N ALA B 672 24.43 -37.49 45.42
CA ALA B 672 23.57 -37.57 44.25
C ALA B 672 24.08 -36.61 43.18
N VAL B 673 23.84 -36.95 41.92
CA VAL B 673 24.30 -36.10 40.82
C VAL B 673 23.62 -34.75 40.89
N HIS B 674 22.32 -34.74 41.26
CA HIS B 674 21.53 -33.52 41.31
C HIS B 674 21.97 -32.60 42.46
N ASP B 675 22.87 -33.06 43.31
CA ASP B 675 23.37 -32.31 44.45
C ASP B 675 24.67 -31.58 44.19
N VAL B 676 25.44 -32.01 43.19
CA VAL B 676 26.69 -31.38 42.85
C VAL B 676 26.45 -30.04 42.15
N GLY B 677 27.26 -29.04 42.50
CA GLY B 677 27.13 -27.73 41.90
C GLY B 677 27.46 -27.82 40.43
N MET B 678 26.85 -26.94 39.63
CA MET B 678 27.02 -27.03 38.16
C MET B 678 27.87 -25.90 37.57
N ILE B 679 28.57 -26.22 36.48
CA ILE B 679 29.42 -25.29 35.67
C ILE B 679 28.95 -25.48 34.22
N SER B 680 28.60 -24.39 33.53
CA SER B 680 28.05 -24.55 32.19
C SER B 680 29.04 -24.08 31.13
N THR B 681 29.30 -24.96 30.16
CA THR B 681 30.06 -24.63 28.96
C THR B 681 29.18 -24.13 27.83
N TYR B 682 27.90 -23.92 28.10
CA TYR B 682 26.92 -23.60 27.07
C TYR B 682 26.78 -22.09 26.88
N VAL B 683 26.85 -21.65 25.64
CA VAL B 683 26.60 -20.25 25.33
C VAL B 683 25.16 -20.17 24.86
N ASP B 684 24.44 -19.16 25.34
CA ASP B 684 23.02 -19.09 25.09
C ASP B 684 22.73 -18.36 23.79
N LEU B 685 21.67 -18.81 23.11
CA LEU B 685 21.16 -18.12 21.92
C LEU B 685 19.64 -18.22 21.97
N ASN B 686 19.01 -17.19 22.52
CA ASN B 686 17.56 -17.12 22.68
C ASN B 686 17.02 -16.34 21.49
N LEU B 687 16.71 -17.07 20.41
CA LEU B 687 16.16 -16.48 19.19
C LEU B 687 14.65 -16.60 19.19
N THR B 688 13.98 -15.45 19.10
CA THR B 688 12.53 -15.37 19.08
C THR B 688 12.02 -15.28 17.64
N LEU B 689 10.85 -15.84 17.40
CA LEU B 689 10.26 -15.88 16.07
C LEU B 689 9.32 -14.69 15.84
N LEU B 690 9.19 -14.29 14.58
CA LEU B 690 8.20 -13.28 14.22
C LEU B 690 6.80 -13.84 14.37
N LYS B 691 5.91 -13.05 14.95
CA LYS B 691 4.56 -13.57 15.13
C LYS B 691 3.69 -13.20 13.93
N ASP B 692 2.59 -13.91 13.78
CA ASP B 692 1.67 -13.68 12.68
C ASP B 692 0.89 -12.39 12.91
N ARG B 693 0.69 -11.64 11.83
CA ARG B 693 -0.10 -10.42 11.88
C ARG B 693 -1.26 -10.49 10.90
N GLU B 694 -2.30 -9.73 11.20
CA GLU B 694 -3.47 -9.61 10.33
C GLU B 694 -3.73 -8.14 10.05
N PHE B 695 -3.77 -7.78 8.77
CA PHE B 695 -3.96 -6.40 8.35
C PHE B 695 -5.42 -6.11 8.07
N MET B 696 -5.91 -4.98 8.56
CA MET B 696 -7.34 -4.74 8.34
C MET B 696 -7.52 -3.86 7.11
N PRO B 697 -8.56 -4.07 6.30
CA PRO B 697 -8.72 -3.24 5.11
C PRO B 697 -9.19 -1.86 5.52
N LEU B 698 -8.21 -1.05 5.93
CA LEU B 698 -8.44 0.33 6.43
C LEU B 698 -8.59 1.30 5.26
N GLN B 699 -9.40 2.35 5.46
CA GLN B 699 -9.67 3.40 4.49
C GLN B 699 -9.80 4.74 5.19
N VAL B 700 -9.40 5.80 4.48
CA VAL B 700 -9.56 7.14 5.01
C VAL B 700 -10.89 7.75 4.57
N TYR B 701 -11.26 7.61 3.30
CA TYR B 701 -12.57 8.03 2.83
C TYR B 701 -13.22 6.91 2.05
N THR B 702 -14.52 6.75 2.23
CA THR B 702 -15.23 5.73 1.47
C THR B 702 -15.62 6.31 0.12
N ARG B 703 -16.22 5.49 -0.75
CA ARG B 703 -16.69 5.98 -2.04
C ARG B 703 -17.83 6.96 -1.87
N ASP B 704 -18.72 6.72 -0.90
CA ASP B 704 -19.79 7.64 -0.62
C ASP B 704 -19.24 8.99 -0.18
N GLU B 705 -18.28 8.97 0.75
CA GLU B 705 -17.68 10.22 1.21
C GLU B 705 -17.03 10.97 0.07
N LEU B 706 -16.42 10.25 -0.87
CA LEU B 706 -15.81 10.91 -2.02
C LEU B 706 -16.83 11.43 -3.02
N ARG B 707 -18.05 10.89 -3.03
CA ARG B 707 -19.11 11.44 -3.86
C ARG B 707 -20.03 12.34 -3.05
N ASP B 708 -19.49 13.00 -2.03
CA ASP B 708 -20.27 13.87 -1.14
C ASP B 708 -19.61 15.22 -0.98
N THR B 709 -18.66 15.56 -1.85
CA THR B 709 -17.87 16.78 -1.71
C THR B 709 -18.38 17.92 -2.57
N GLY B 710 -19.35 17.67 -3.44
CA GLY B 710 -19.87 18.68 -4.32
C GLY B 710 -21.13 19.31 -3.78
N LEU B 711 -21.51 20.45 -4.36
CA LEU B 711 -22.66 21.19 -3.85
C LEU B 711 -23.96 20.53 -4.28
N LEU B 712 -24.04 20.07 -5.51
CA LEU B 712 -25.24 19.42 -6.03
C LEU B 712 -24.84 18.14 -6.77
N ASP B 713 -25.73 17.15 -6.71
CA ASP B 713 -25.58 15.92 -7.47
C ASP B 713 -26.60 15.95 -8.59
N TYR B 714 -26.13 15.84 -9.83
CA TYR B 714 -27.00 15.97 -10.98
C TYR B 714 -28.10 14.91 -10.96
N SER B 715 -27.74 13.66 -10.67
CA SER B 715 -28.73 12.59 -10.68
C SER B 715 -29.78 12.78 -9.59
N GLU B 716 -29.38 13.32 -8.44
CA GLU B 716 -30.34 13.58 -7.38
C GLU B 716 -31.34 14.67 -7.79
N ILE B 717 -30.83 15.78 -8.31
CA ILE B 717 -31.71 16.84 -8.77
C ILE B 717 -32.69 16.32 -9.80
N GLN B 718 -32.22 15.47 -10.71
CA GLN B 718 -33.10 15.00 -11.77
C GLN B 718 -34.13 14.00 -11.27
N ARG B 719 -33.76 13.12 -10.33
CA ARG B 719 -34.76 12.18 -9.82
C ARG B 719 -35.83 12.88 -9.02
N ARG B 720 -35.46 13.92 -8.28
CA ARG B 720 -36.44 14.62 -7.45
C ARG B 720 -37.29 15.59 -8.26
N ASN B 721 -36.72 16.23 -9.28
CA ASN B 721 -37.41 17.30 -9.98
C ASN B 721 -38.15 16.84 -11.23
N GLN B 722 -37.82 15.67 -11.76
CA GLN B 722 -38.48 15.18 -12.97
C GLN B 722 -39.79 14.47 -12.69
N MET B 723 -40.20 14.37 -11.42
CA MET B 723 -41.54 13.91 -11.10
C MET B 723 -42.36 15.05 -10.54
N HIS B 724 -42.03 16.27 -10.94
CA HIS B 724 -42.85 17.40 -10.55
C HIS B 724 -44.25 17.26 -11.15
N SER B 725 -44.33 16.91 -12.43
CA SER B 725 -45.62 16.77 -13.09
C SER B 725 -46.38 15.52 -12.64
N LEU B 726 -45.68 14.45 -12.26
CA LEU B 726 -46.37 13.29 -11.72
C LEU B 726 -46.87 13.53 -10.31
N ARG B 727 -46.06 14.18 -9.49
CA ARG B 727 -46.44 14.41 -8.11
C ARG B 727 -47.60 15.38 -8.02
N PHE B 728 -47.52 16.51 -8.72
CA PHE B 728 -48.42 17.62 -8.45
C PHE B 728 -49.50 17.77 -9.51
N TYR B 729 -49.67 16.78 -10.38
CA TYR B 729 -50.72 16.85 -11.39
C TYR B 729 -51.27 15.45 -11.60
N ASP B 730 -52.44 15.38 -12.22
CA ASP B 730 -53.14 14.13 -12.46
C ASP B 730 -53.14 13.82 -13.95
N ILE B 731 -52.12 13.12 -14.42
CA ILE B 731 -51.94 12.92 -15.86
C ILE B 731 -52.81 11.81 -16.42
N ASP B 732 -53.67 11.21 -15.60
CA ASP B 732 -54.50 10.10 -16.04
C ASP B 732 -55.97 10.45 -16.21
N LYS B 733 -56.40 11.61 -15.75
CA LYS B 733 -57.79 12.02 -15.93
C LYS B 733 -57.99 12.73 -17.26
N VAL B 734 -59.09 12.39 -17.93
CA VAL B 734 -59.45 13.01 -19.20
C VAL B 734 -60.69 13.85 -18.95
N VAL B 735 -60.75 15.01 -19.59
CA VAL B 735 -61.90 15.91 -19.50
C VAL B 735 -62.70 15.81 -20.79
N GLN B 736 -64.00 15.64 -20.66
CA GLN B 736 -64.88 15.50 -21.82
C GLN B 736 -65.66 16.79 -22.06
N THR C 115 49.20 1.00 33.61
CA THR C 115 50.46 0.36 33.28
C THR C 115 50.89 -0.60 34.38
N LYS C 116 50.05 -0.78 35.39
CA LYS C 116 50.52 -1.66 36.44
C LYS C 116 49.96 -3.05 36.27
N PRO C 117 50.82 -4.07 36.23
CA PRO C 117 50.33 -5.44 36.13
C PRO C 117 49.66 -5.87 37.43
N THR C 118 48.56 -6.62 37.31
CA THR C 118 47.89 -7.15 38.49
C THR C 118 48.17 -8.64 38.57
N PHE C 119 48.76 -9.05 39.67
CA PHE C 119 49.02 -10.44 39.99
C PHE C 119 48.02 -10.97 41.00
N TYR C 120 47.98 -12.30 41.12
CA TYR C 120 47.07 -12.99 42.02
C TYR C 120 47.89 -13.84 42.98
N VAL C 121 47.24 -14.29 44.05
CA VAL C 121 47.83 -15.25 44.99
C VAL C 121 46.75 -16.29 45.24
N CYS C 122 46.98 -17.51 44.79
CA CYS C 122 45.99 -18.56 44.89
C CYS C 122 46.35 -19.54 45.99
N PRO C 123 45.71 -19.48 47.16
CA PRO C 123 45.97 -20.47 48.20
C PRO C 123 45.53 -21.85 47.74
N PRO C 124 46.07 -22.91 48.33
CA PRO C 124 45.75 -24.26 47.86
C PRO C 124 44.27 -24.57 48.00
N PRO C 125 43.67 -25.16 46.98
CA PRO C 125 42.23 -25.40 46.98
C PRO C 125 41.81 -26.41 48.04
N THR C 126 40.49 -26.53 48.18
CA THR C 126 39.88 -27.47 49.10
C THR C 126 38.66 -28.06 48.41
N GLY C 127 38.32 -29.29 48.80
CA GLY C 127 37.23 -30.03 48.19
C GLY C 127 35.85 -29.40 48.35
N SER C 128 35.81 -28.24 49.02
CA SER C 128 34.54 -27.59 49.32
C SER C 128 33.70 -27.34 48.08
N THR C 129 34.25 -26.61 47.11
CA THR C 129 33.51 -26.26 45.90
C THR C 129 33.91 -27.19 44.76
N ILE C 130 33.10 -28.22 44.52
CA ILE C 130 33.25 -29.11 43.38
C ILE C 130 32.11 -28.89 42.40
N VAL C 131 32.42 -28.96 41.11
CA VAL C 131 31.44 -28.73 40.05
C VAL C 131 31.60 -29.81 38.98
N ARG C 132 30.78 -29.71 37.92
CA ARG C 132 30.85 -30.66 36.81
C ARG C 132 30.24 -30.05 35.56
N LEU C 133 30.61 -30.60 34.39
CA LEU C 133 30.00 -30.22 33.12
C LEU C 133 28.59 -30.81 32.96
N GLU C 134 27.64 -29.96 32.53
CA GLU C 134 26.28 -30.42 32.28
C GLU C 134 26.21 -31.40 31.10
N PRO C 135 25.37 -32.41 31.17
CA PRO C 135 25.23 -33.32 30.03
C PRO C 135 24.71 -32.53 28.86
N PRO C 136 24.86 -33.00 27.62
CA PRO C 136 24.43 -32.17 26.50
C PRO C 136 22.94 -31.85 26.55
N ARG C 137 22.63 -30.59 26.34
CA ARG C 137 21.25 -30.12 26.37
C ARG C 137 20.52 -30.53 25.11
N THR C 138 19.27 -30.96 25.25
CA THR C 138 18.48 -31.23 24.07
C THR C 138 18.03 -29.91 23.44
N CYS C 139 17.92 -29.92 22.13
CA CYS C 139 17.47 -28.77 21.38
C CYS C 139 16.09 -29.00 20.82
N PRO C 140 15.21 -28.00 20.89
CA PRO C 140 13.85 -28.19 20.43
C PRO C 140 13.83 -28.42 18.93
N ASP C 141 13.01 -29.36 18.51
CA ASP C 141 12.79 -29.61 17.09
C ASP C 141 11.67 -28.65 16.69
N TYR C 142 12.00 -27.72 15.80
CA TYR C 142 11.03 -26.74 15.38
C TYR C 142 10.15 -27.32 14.28
N HIS C 143 8.87 -27.50 14.61
CA HIS C 143 7.87 -28.06 13.72
C HIS C 143 7.17 -26.92 12.97
N LEU C 144 7.99 -26.13 12.29
CA LEU C 144 7.47 -25.04 11.48
C LEU C 144 7.07 -25.59 10.11
N GLY C 145 5.80 -25.39 9.77
CA GLY C 145 5.24 -25.95 8.57
C GLY C 145 3.77 -26.25 8.81
N LYS C 146 2.91 -25.92 7.85
CA LYS C 146 1.49 -26.05 8.01
C LYS C 146 0.92 -26.95 6.92
N ASN C 147 -0.31 -27.42 7.14
CA ASN C 147 -1.02 -28.20 6.15
C ASN C 147 -1.77 -27.27 5.20
N PHE C 148 -1.29 -27.19 3.97
CA PHE C 148 -1.84 -26.33 2.94
C PHE C 148 -2.64 -27.18 1.95
N THR C 149 -3.26 -26.50 0.99
CA THR C 149 -4.09 -27.16 -0.01
C THR C 149 -4.04 -26.34 -1.28
N GLU C 150 -3.48 -26.90 -2.34
CA GLU C 150 -3.42 -26.20 -3.61
C GLU C 150 -4.77 -26.26 -4.32
N GLY C 151 -4.98 -25.35 -5.26
CA GLY C 151 -6.21 -25.34 -6.02
C GLY C 151 -6.29 -24.13 -6.93
N ILE C 152 -7.47 -23.95 -7.50
CA ILE C 152 -7.76 -22.83 -8.40
C ILE C 152 -8.82 -21.95 -7.76
N ALA C 153 -8.71 -20.64 -7.97
CA ALA C 153 -9.66 -19.71 -7.39
C ALA C 153 -10.05 -18.65 -8.40
N VAL C 154 -11.27 -18.12 -8.24
CA VAL C 154 -11.71 -16.95 -8.98
C VAL C 154 -12.25 -15.94 -7.98
N VAL C 155 -11.67 -14.74 -7.98
CA VAL C 155 -12.08 -13.70 -7.04
C VAL C 155 -13.08 -12.78 -7.72
N TYR C 156 -14.14 -12.46 -6.98
CA TYR C 156 -15.28 -11.68 -7.45
C TYR C 156 -15.45 -10.46 -6.56
N LYS C 157 -15.61 -9.29 -7.18
CA LYS C 157 -15.88 -8.04 -6.49
C LYS C 157 -17.33 -7.63 -6.70
N GLU C 158 -17.77 -6.67 -5.90
CA GLU C 158 -19.10 -6.09 -6.09
C GLU C 158 -19.18 -5.31 -7.39
N ASN C 159 -20.31 -5.41 -8.07
CA ASN C 159 -20.52 -4.71 -9.34
C ASN C 159 -21.04 -3.31 -9.04
N ILE C 160 -20.21 -2.30 -9.33
CA ILE C 160 -20.59 -0.91 -9.07
C ILE C 160 -21.05 -0.20 -10.31
N ALA C 161 -20.99 -0.84 -11.47
CA ALA C 161 -21.38 -0.17 -12.69
C ALA C 161 -22.89 -0.18 -12.84
N ALA C 162 -23.40 0.74 -13.63
CA ALA C 162 -24.82 0.78 -13.92
C ALA C 162 -25.14 -0.24 -15.00
N TYR C 163 -26.34 -0.79 -14.94
CA TYR C 163 -26.78 -1.71 -15.97
C TYR C 163 -27.16 -0.90 -17.21
N LYS C 164 -26.50 -1.19 -18.32
CA LYS C 164 -26.58 -0.38 -19.53
C LYS C 164 -27.22 -1.18 -20.64
N PHE C 165 -28.26 -0.65 -21.24
CA PHE C 165 -28.86 -1.27 -22.41
C PHE C 165 -29.16 -0.18 -23.42
N LYS C 166 -29.80 -0.56 -24.52
CA LYS C 166 -30.11 0.39 -25.58
C LYS C 166 -31.62 0.45 -25.73
N ALA C 167 -32.13 1.65 -25.97
CA ALA C 167 -33.55 1.85 -26.16
C ALA C 167 -33.73 2.83 -27.30
N THR C 168 -34.98 3.11 -27.62
CA THR C 168 -35.30 4.08 -28.66
C THR C 168 -36.34 5.04 -28.14
N VAL C 169 -36.20 6.31 -28.49
CA VAL C 169 -37.18 7.33 -28.13
C VAL C 169 -37.85 7.81 -29.40
N TYR C 170 -39.17 7.93 -29.35
CA TYR C 170 -39.97 8.38 -30.46
C TYR C 170 -40.71 9.61 -29.98
N TYR C 171 -40.43 10.77 -30.58
CA TYR C 171 -41.14 11.96 -30.18
C TYR C 171 -41.19 12.92 -31.34
N LYS C 172 -42.09 13.89 -31.23
CA LYS C 172 -42.26 14.92 -32.24
C LYS C 172 -41.94 16.27 -31.61
N ASP C 173 -41.17 17.07 -32.32
CA ASP C 173 -40.80 18.40 -31.85
C ASP C 173 -41.83 19.37 -32.37
N VAL C 174 -42.66 19.90 -31.47
CA VAL C 174 -43.78 20.79 -31.80
C VAL C 174 -43.40 22.20 -31.35
N ILE C 175 -43.00 23.02 -32.30
CA ILE C 175 -42.63 24.41 -32.04
C ILE C 175 -43.78 25.29 -32.49
N VAL C 176 -44.11 26.30 -31.68
CA VAL C 176 -45.20 27.23 -31.96
C VAL C 176 -44.64 28.64 -31.89
N SER C 177 -44.45 29.26 -33.05
CA SER C 177 -43.83 30.58 -33.13
C SER C 177 -44.90 31.64 -33.39
N THR C 178 -44.83 32.74 -32.64
CA THR C 178 -45.74 33.87 -32.83
C THR C 178 -44.91 35.09 -33.24
N ALA C 179 -45.11 35.55 -34.48
CA ALA C 179 -44.39 36.68 -35.02
C ALA C 179 -45.30 37.90 -35.14
N TRP C 180 -44.68 39.07 -35.09
CA TRP C 180 -45.35 40.37 -35.26
C TRP C 180 -44.72 41.04 -36.47
N ALA C 181 -45.42 41.03 -37.60
CA ALA C 181 -44.91 41.68 -38.81
C ALA C 181 -44.95 43.18 -38.65
N GLY C 182 -43.79 43.83 -38.78
CA GLY C 182 -43.67 45.24 -38.61
C GLY C 182 -43.42 45.98 -39.91
N SER C 183 -42.99 47.24 -39.78
CA SER C 183 -42.78 48.09 -40.95
C SER C 183 -41.74 47.51 -41.89
N SER C 184 -40.50 47.34 -41.42
CA SER C 184 -39.40 46.86 -42.24
C SER C 184 -38.77 45.60 -41.66
N TYR C 185 -39.45 44.94 -40.75
CA TYR C 185 -38.88 43.79 -40.06
C TYR C 185 -39.97 42.86 -39.57
N THR C 186 -39.55 41.67 -39.20
CA THR C 186 -40.41 40.69 -38.55
C THR C 186 -39.90 40.49 -37.13
N GLN C 187 -40.83 40.38 -36.18
CA GLN C 187 -40.47 40.26 -34.77
C GLN C 187 -41.14 39.03 -34.19
N ILE C 188 -40.34 38.10 -33.68
CA ILE C 188 -40.84 36.98 -32.90
C ILE C 188 -41.26 37.47 -31.53
N THR C 189 -42.56 37.41 -31.24
CA THR C 189 -43.07 37.83 -29.95
C THR C 189 -43.28 36.66 -29.00
N ASN C 190 -43.15 35.42 -29.50
CA ASN C 190 -43.21 34.25 -28.64
C ASN C 190 -42.66 33.06 -29.41
N ARG C 191 -42.13 32.08 -28.67
CA ARG C 191 -41.69 30.83 -29.29
C ARG C 191 -41.74 29.73 -28.25
N TYR C 192 -42.70 28.83 -28.39
CA TYR C 192 -42.98 27.78 -27.42
C TYR C 192 -42.55 26.45 -28.02
N ALA C 193 -41.40 25.95 -27.59
CA ALA C 193 -40.93 24.64 -28.05
C ALA C 193 -41.40 23.57 -27.10
N ASP C 194 -41.67 22.39 -27.63
CA ASP C 194 -42.24 21.34 -26.80
C ASP C 194 -41.94 19.98 -27.42
N ARG C 195 -41.66 19.00 -26.58
CA ARG C 195 -41.45 17.62 -27.00
C ARG C 195 -42.70 16.82 -26.68
N VAL C 196 -43.24 16.14 -27.69
CA VAL C 196 -44.50 15.41 -27.51
C VAL C 196 -44.32 13.94 -27.87
N PRO C 197 -45.06 13.01 -27.27
CA PRO C 197 -44.85 11.60 -27.61
C PRO C 197 -45.46 11.25 -28.95
N ILE C 198 -45.01 10.12 -29.48
CA ILE C 198 -45.62 9.50 -30.65
C ILE C 198 -46.47 8.33 -30.16
N PRO C 199 -47.78 8.35 -30.29
CA PRO C 199 -48.59 7.26 -29.78
C PRO C 199 -48.21 5.95 -30.46
N VAL C 200 -48.35 4.86 -29.72
CA VAL C 200 -47.86 3.57 -30.19
C VAL C 200 -48.66 3.05 -31.37
N SER C 201 -49.90 3.50 -31.53
CA SER C 201 -50.67 3.16 -32.72
C SER C 201 -49.97 3.63 -33.99
N GLU C 202 -49.53 4.89 -34.04
CA GLU C 202 -48.83 5.35 -35.23
C GLU C 202 -47.54 4.57 -35.45
N ILE C 203 -46.79 4.31 -34.38
CA ILE C 203 -45.55 3.54 -34.50
C ILE C 203 -45.81 2.17 -35.11
N THR C 204 -46.57 1.34 -34.39
CA THR C 204 -46.74 -0.04 -34.82
C THR C 204 -47.60 -0.17 -36.06
N ASP C 205 -48.24 0.91 -36.51
CA ASP C 205 -49.05 0.84 -37.72
C ASP C 205 -48.51 1.69 -38.86
N THR C 206 -47.54 2.54 -38.64
CA THR C 206 -47.08 3.25 -39.83
C THR C 206 -45.57 3.21 -40.04
N ILE C 207 -44.78 3.34 -38.97
CA ILE C 207 -43.33 3.42 -39.14
C ILE C 207 -42.74 2.04 -39.40
N ASP C 208 -43.15 1.06 -38.64
CA ASP C 208 -42.67 -0.31 -38.82
C ASP C 208 -43.48 -1.04 -39.87
N LYS C 209 -44.38 -0.36 -40.56
CA LYS C 209 -45.13 -0.92 -41.67
C LYS C 209 -44.67 -0.36 -43.02
N PHE C 210 -44.55 0.96 -43.14
CA PHE C 210 -44.16 1.58 -44.38
C PHE C 210 -42.91 2.45 -44.29
N GLY C 211 -42.38 2.66 -43.08
CA GLY C 211 -41.23 3.54 -42.91
C GLY C 211 -41.54 5.00 -43.11
N LYS C 212 -42.73 5.43 -42.69
CA LYS C 212 -43.19 6.80 -42.84
C LYS C 212 -43.81 7.26 -41.54
N CYS C 213 -43.88 8.57 -41.34
CA CYS C 213 -44.45 9.11 -40.12
C CYS C 213 -45.45 10.21 -40.43
N SER C 214 -46.62 10.14 -39.80
CA SER C 214 -47.67 11.13 -40.00
C SER C 214 -47.22 12.52 -39.55
N SER C 215 -47.76 13.53 -40.22
CA SER C 215 -47.47 14.93 -39.95
C SER C 215 -48.40 15.55 -38.90
N LYS C 216 -49.26 14.75 -38.27
CA LYS C 216 -50.23 15.24 -37.30
C LYS C 216 -49.93 14.74 -35.90
N ALA C 217 -49.71 15.65 -34.97
CA ALA C 217 -49.49 15.30 -33.57
C ALA C 217 -50.82 15.26 -32.82
N THR C 218 -51.06 14.14 -32.12
CA THR C 218 -52.24 13.98 -31.28
C THR C 218 -51.78 13.56 -29.90
N TYR C 219 -52.04 14.38 -28.89
CA TYR C 219 -51.53 14.12 -27.56
C TYR C 219 -52.52 14.62 -26.53
N VAL C 220 -52.07 14.69 -25.28
CA VAL C 220 -52.91 15.10 -24.17
C VAL C 220 -52.12 16.09 -23.33
N ARG C 221 -52.62 17.32 -23.25
CA ARG C 221 -52.05 18.34 -22.39
C ARG C 221 -53.14 18.96 -21.55
N ASN C 222 -52.83 19.20 -20.28
CA ASN C 222 -53.78 19.79 -19.36
C ASN C 222 -55.05 18.96 -19.27
N ASN C 223 -54.91 17.65 -19.43
CA ASN C 223 -56.00 16.67 -19.40
C ASN C 223 -56.92 16.75 -20.61
N HIS C 224 -56.59 17.52 -21.63
CA HIS C 224 -57.43 17.65 -22.82
C HIS C 224 -56.73 17.01 -24.01
N LYS C 225 -57.50 16.38 -24.90
CA LYS C 225 -56.91 15.78 -26.09
C LYS C 225 -56.66 16.87 -27.12
N VAL C 226 -55.40 17.28 -27.26
CA VAL C 226 -55.05 18.37 -28.15
C VAL C 226 -54.37 17.78 -29.39
N GLU C 227 -54.39 18.53 -30.49
CA GLU C 227 -53.67 18.12 -31.69
C GLU C 227 -52.90 19.33 -32.19
N ALA C 228 -52.14 19.12 -33.27
CA ALA C 228 -51.40 20.20 -33.90
C ALA C 228 -50.91 19.69 -35.25
N PHE C 229 -50.87 20.61 -36.22
CA PHE C 229 -50.51 20.28 -37.59
C PHE C 229 -49.38 21.18 -38.07
N ASN C 230 -48.36 20.57 -38.65
CA ASN C 230 -47.23 21.30 -39.19
C ASN C 230 -47.66 22.17 -40.35
N GLU C 231 -47.33 23.46 -40.27
CA GLU C 231 -47.67 24.49 -41.26
C GLU C 231 -49.17 24.70 -41.44
N ASP C 232 -50.01 24.12 -40.58
CA ASP C 232 -51.46 24.29 -40.70
C ASP C 232 -51.95 23.77 -42.05
N LYS C 233 -51.45 22.61 -42.45
CA LYS C 233 -51.78 22.03 -43.74
C LYS C 233 -52.51 20.72 -43.54
N ASN C 234 -52.74 20.03 -44.64
CA ASN C 234 -53.33 18.71 -44.57
C ASN C 234 -52.28 17.73 -44.06
N PRO C 235 -52.66 16.75 -43.25
CA PRO C 235 -51.66 15.83 -42.72
C PRO C 235 -51.10 14.97 -43.84
N GLN C 236 -49.82 14.66 -43.75
CA GLN C 236 -49.20 13.78 -44.74
C GLN C 236 -48.48 12.64 -44.04
N ASP C 237 -47.77 11.83 -44.81
CA ASP C 237 -46.85 10.84 -44.26
C ASP C 237 -45.47 11.08 -44.85
N MET C 238 -44.59 11.64 -44.06
CA MET C 238 -43.28 11.97 -44.56
C MET C 238 -42.29 10.86 -44.25
N PRO C 239 -41.31 10.64 -45.13
CA PRO C 239 -40.31 9.60 -44.86
C PRO C 239 -39.35 10.07 -43.77
N LEU C 240 -38.88 9.11 -42.99
CA LEU C 240 -37.93 9.40 -41.92
C LEU C 240 -36.53 9.41 -42.50
N ILE C 241 -35.83 10.53 -42.38
CA ILE C 241 -34.54 10.73 -43.01
C ILE C 241 -33.48 10.88 -41.93
N ALA C 242 -32.33 10.26 -42.16
CA ALA C 242 -31.24 10.27 -41.19
C ALA C 242 -30.68 11.68 -41.01
N SER C 243 -30.22 11.95 -39.79
CA SER C 243 -29.57 13.22 -39.52
C SER C 243 -28.24 13.30 -40.27
N LYS C 244 -27.76 14.52 -40.45
CA LYS C 244 -26.47 14.69 -41.12
C LYS C 244 -25.29 14.21 -40.27
N TYR C 245 -25.43 14.13 -38.95
CA TYR C 245 -24.36 13.69 -38.08
C TYR C 245 -24.48 12.23 -37.66
N ASN C 246 -25.18 11.40 -38.43
CA ASN C 246 -25.39 10.02 -38.03
C ASN C 246 -24.07 9.26 -38.20
N SER C 247 -23.20 9.44 -37.22
CA SER C 247 -21.99 8.65 -37.08
C SER C 247 -22.34 7.34 -36.41
N VAL C 248 -21.32 6.61 -35.95
CA VAL C 248 -21.56 5.33 -35.31
C VAL C 248 -22.29 5.55 -33.98
N GLY C 249 -23.15 4.61 -33.62
CA GLY C 249 -23.80 4.64 -32.32
C GLY C 249 -24.98 5.57 -32.22
N SER C 250 -24.71 6.87 -32.18
CA SER C 250 -25.75 7.89 -31.99
C SER C 250 -26.39 8.22 -33.32
N LYS C 251 -27.54 7.61 -33.61
CA LYS C 251 -28.23 7.84 -34.86
C LYS C 251 -29.61 8.44 -34.59
N ALA C 252 -30.11 9.21 -35.55
CA ALA C 252 -31.41 9.87 -35.42
C ALA C 252 -32.00 10.10 -36.80
N TRP C 253 -33.29 9.83 -36.93
CA TRP C 253 -34.01 10.05 -38.18
C TRP C 253 -35.14 11.04 -37.95
N HIS C 254 -35.15 12.11 -38.74
CA HIS C 254 -36.17 13.15 -38.65
C HIS C 254 -36.70 13.44 -40.05
N THR C 255 -37.82 14.17 -40.11
CA THR C 255 -38.52 14.39 -41.37
C THR C 255 -38.32 15.77 -41.97
N THR C 256 -38.11 16.80 -41.16
CA THR C 256 -38.09 18.17 -41.64
C THR C 256 -36.80 18.83 -41.17
N ASN C 257 -36.12 19.53 -42.07
CA ASN C 257 -34.98 20.33 -41.66
C ASN C 257 -35.36 21.78 -41.42
N ASP C 258 -36.58 22.16 -41.75
CA ASP C 258 -36.99 23.56 -41.72
C ASP C 258 -38.05 23.78 -40.65
N THR C 259 -38.13 25.02 -40.17
CA THR C 259 -39.17 25.41 -39.22
C THR C 259 -40.01 26.52 -39.85
N TYR C 260 -41.33 26.33 -39.84
CA TYR C 260 -42.24 27.20 -40.54
C TYR C 260 -42.70 28.37 -39.66
N MET C 261 -42.64 29.57 -40.21
CA MET C 261 -43.24 30.74 -39.58
C MET C 261 -43.61 31.72 -40.68
N VAL C 262 -44.60 32.55 -40.40
CA VAL C 262 -45.10 33.55 -41.33
C VAL C 262 -45.22 34.88 -40.63
N ALA C 263 -45.09 35.97 -41.41
CA ALA C 263 -45.10 37.31 -40.87
C ALA C 263 -46.45 38.00 -41.02
N GLY C 264 -46.96 38.11 -42.24
CA GLY C 264 -48.24 38.76 -42.45
C GLY C 264 -48.09 40.21 -42.84
N THR C 265 -49.23 40.89 -42.89
CA THR C 265 -49.23 42.30 -43.24
C THR C 265 -48.79 43.14 -42.04
N PRO C 266 -48.01 44.19 -42.28
CA PRO C 266 -47.47 44.97 -41.16
C PRO C 266 -48.55 45.46 -40.21
N GLY C 267 -48.49 44.99 -38.97
CA GLY C 267 -49.42 45.41 -37.93
C GLY C 267 -50.22 44.29 -37.30
N THR C 268 -49.99 43.03 -37.67
CA THR C 268 -50.77 41.93 -37.15
C THR C 268 -49.85 40.83 -36.65
N TYR C 269 -50.38 39.99 -35.76
CA TYR C 269 -49.65 38.82 -35.30
C TYR C 269 -50.04 37.61 -36.13
N ARG C 270 -49.05 36.79 -36.45
CA ARG C 270 -49.28 35.54 -37.14
C ARG C 270 -48.54 34.43 -36.41
N THR C 271 -49.17 33.27 -36.28
CA THR C 271 -48.56 32.17 -35.57
C THR C 271 -48.35 30.99 -36.49
N GLY C 272 -47.14 30.44 -36.49
CA GLY C 272 -46.84 29.25 -37.24
C GLY C 272 -46.64 28.08 -36.31
N THR C 273 -46.25 26.96 -36.88
CA THR C 273 -46.04 25.76 -36.09
C THR C 273 -45.29 24.70 -36.88
N SER C 274 -44.24 24.15 -36.29
CA SER C 274 -43.57 23.00 -36.87
C SER C 274 -43.88 21.77 -36.05
N VAL C 275 -43.75 20.63 -36.72
CA VAL C 275 -43.82 19.32 -36.08
C VAL C 275 -42.81 18.44 -36.79
N ASN C 276 -41.90 17.85 -36.03
CA ASN C 276 -40.78 17.09 -36.56
C ASN C 276 -40.76 15.72 -35.90
N CYS C 277 -41.11 14.69 -36.68
CA CYS C 277 -41.04 13.31 -36.19
C CYS C 277 -39.56 12.92 -36.05
N ILE C 278 -39.17 12.52 -34.85
CA ILE C 278 -37.78 12.21 -34.52
C ILE C 278 -37.68 10.86 -33.82
N ILE C 279 -36.91 9.94 -34.39
CA ILE C 279 -36.61 8.65 -33.77
C ILE C 279 -35.11 8.58 -33.48
N GLU C 280 -34.76 8.46 -32.21
CA GLU C 280 -33.37 8.41 -31.75
C GLU C 280 -33.08 7.10 -31.01
N GLU C 281 -31.93 6.51 -31.30
CA GLU C 281 -31.39 5.42 -30.49
C GLU C 281 -30.61 5.96 -29.31
N VAL C 282 -31.07 5.70 -28.09
CA VAL C 282 -30.40 6.19 -26.91
C VAL C 282 -29.79 5.01 -26.14
N GLU C 283 -28.96 5.34 -25.16
CA GLU C 283 -28.40 4.35 -24.23
C GLU C 283 -29.02 4.55 -22.86
N ALA C 284 -29.79 3.59 -22.40
CA ALA C 284 -30.39 3.66 -21.08
C ALA C 284 -29.48 3.05 -20.02
N ARG C 285 -29.78 3.34 -18.76
CA ARG C 285 -28.87 3.10 -17.64
C ARG C 285 -29.68 3.12 -16.35
N SER C 286 -29.60 2.03 -15.60
CA SER C 286 -30.35 1.90 -14.36
C SER C 286 -29.43 1.31 -13.30
N ILE C 287 -29.60 1.77 -12.06
CA ILE C 287 -28.77 1.31 -10.96
C ILE C 287 -29.64 0.68 -9.88
N PHE C 288 -28.98 -0.06 -9.00
CA PHE C 288 -29.67 -0.79 -7.95
C PHE C 288 -30.48 0.18 -7.09
N PRO C 289 -31.68 -0.20 -6.65
CA PRO C 289 -32.34 -1.48 -6.85
C PRO C 289 -33.14 -1.60 -8.15
N TYR C 290 -32.76 -0.85 -9.18
CA TYR C 290 -33.38 -0.96 -10.50
C TYR C 290 -34.89 -0.70 -10.44
N ASP C 291 -35.25 0.51 -9.98
CA ASP C 291 -36.65 0.92 -9.98
C ASP C 291 -36.87 2.20 -10.80
N SER C 292 -35.96 2.51 -11.71
CA SER C 292 -36.03 3.67 -12.59
C SER C 292 -34.85 3.58 -13.53
N PHE C 293 -34.95 4.25 -14.66
CA PHE C 293 -33.76 4.34 -15.50
C PHE C 293 -33.77 5.67 -16.21
N GLY C 294 -32.60 6.28 -16.31
CA GLY C 294 -32.44 7.52 -17.04
C GLY C 294 -31.88 7.26 -18.43
N LEU C 295 -32.16 8.18 -19.33
CA LEU C 295 -31.76 8.07 -20.72
C LEU C 295 -30.73 9.15 -21.04
N SER C 296 -30.02 8.95 -22.15
CA SER C 296 -29.09 9.94 -22.62
C SER C 296 -29.74 11.28 -22.96
N THR C 297 -31.05 11.31 -23.19
CA THR C 297 -31.72 12.57 -23.43
C THR C 297 -32.00 13.33 -22.14
N GLY C 298 -31.91 12.67 -21.00
CA GLY C 298 -32.09 13.30 -19.71
C GLY C 298 -33.38 12.96 -19.00
N ASP C 299 -34.22 12.11 -19.56
CA ASP C 299 -35.55 11.87 -19.01
C ASP C 299 -35.46 10.65 -18.10
N ILE C 300 -36.02 10.76 -16.92
CA ILE C 300 -36.13 9.61 -16.02
C ILE C 300 -37.42 8.87 -16.30
N ILE C 301 -37.33 7.56 -16.48
CA ILE C 301 -38.48 6.71 -16.72
C ILE C 301 -38.69 5.89 -15.46
N TYR C 302 -39.74 6.22 -14.71
CA TYR C 302 -39.97 5.65 -13.39
C TYR C 302 -40.61 4.26 -13.46
N MET C 303 -39.92 3.38 -14.17
CA MET C 303 -40.35 1.99 -14.30
C MET C 303 -39.11 1.14 -14.48
N SER C 304 -39.09 -0.02 -13.83
CA SER C 304 -37.93 -0.87 -13.90
C SER C 304 -37.76 -1.38 -15.33
N PRO C 305 -36.54 -1.53 -15.81
CA PRO C 305 -36.32 -2.07 -17.16
C PRO C 305 -36.82 -3.49 -17.34
N PHE C 306 -37.25 -4.16 -16.27
CA PHE C 306 -37.68 -5.56 -16.34
C PHE C 306 -39.16 -5.71 -16.04
N PHE C 307 -39.92 -4.62 -16.01
CA PHE C 307 -41.37 -4.72 -15.89
C PHE C 307 -41.97 -5.37 -17.13
N GLY C 308 -42.92 -6.27 -16.90
CA GLY C 308 -43.56 -6.98 -17.98
C GLY C 308 -44.90 -7.52 -17.54
N LEU C 309 -45.40 -8.51 -18.30
CA LEU C 309 -46.68 -9.11 -18.00
C LEU C 309 -46.61 -10.59 -17.62
N ARG C 310 -45.56 -11.29 -17.99
CA ARG C 310 -45.41 -12.71 -17.68
C ARG C 310 -44.25 -12.92 -16.72
N ASP C 311 -44.05 -14.18 -16.34
CA ASP C 311 -42.87 -14.60 -15.57
C ASP C 311 -42.75 -13.82 -14.27
N GLY C 312 -43.88 -13.42 -13.70
CA GLY C 312 -43.88 -12.65 -12.47
C GLY C 312 -43.30 -11.27 -12.61
N ALA C 313 -43.13 -10.79 -13.85
CA ALA C 313 -42.60 -9.46 -14.08
C ALA C 313 -43.59 -8.38 -13.71
N TYR C 314 -44.89 -8.68 -13.68
CA TYR C 314 -45.87 -7.69 -13.30
C TYR C 314 -45.69 -7.22 -11.87
N ARG C 315 -44.77 -7.84 -11.12
CA ARG C 315 -44.48 -7.47 -9.74
C ARG C 315 -43.29 -6.52 -9.63
N GLU C 316 -42.76 -6.03 -10.75
CA GLU C 316 -41.72 -5.03 -10.69
C GLU C 316 -42.31 -3.68 -10.27
N HIS C 317 -41.46 -2.66 -10.26
CA HIS C 317 -41.85 -1.35 -9.80
C HIS C 317 -42.32 -0.52 -11.00
N SER C 318 -43.33 0.30 -10.80
CA SER C 318 -43.81 1.16 -11.87
C SER C 318 -44.57 2.33 -11.25
N ASN C 319 -44.15 3.55 -11.59
CA ASN C 319 -44.86 4.73 -11.13
C ASN C 319 -45.96 5.18 -12.08
N TYR C 320 -46.31 4.39 -13.09
CA TYR C 320 -47.30 4.78 -14.08
C TYR C 320 -48.50 3.85 -14.05
N ALA C 321 -49.59 4.33 -14.61
CA ALA C 321 -50.78 3.51 -14.79
C ALA C 321 -50.59 2.52 -15.93
N MET C 322 -51.30 1.40 -15.84
CA MET C 322 -51.14 0.33 -16.82
C MET C 322 -51.69 0.70 -18.19
N ASP C 323 -52.34 1.85 -18.32
CA ASP C 323 -52.84 2.28 -19.61
C ASP C 323 -51.76 2.90 -20.47
N ARG C 324 -50.69 3.42 -19.86
CA ARG C 324 -49.56 3.98 -20.55
C ARG C 324 -48.62 2.91 -21.08
N PHE C 325 -48.78 1.68 -20.63
CA PHE C 325 -47.84 0.60 -20.92
C PHE C 325 -48.41 -0.35 -21.98
N HIS C 326 -47.60 -0.64 -22.99
CA HIS C 326 -47.95 -1.58 -24.04
C HIS C 326 -46.83 -2.58 -24.19
N GLN C 327 -47.20 -3.84 -24.39
CA GLN C 327 -46.24 -4.90 -24.62
C GLN C 327 -46.60 -5.61 -25.92
N PHE C 328 -45.59 -5.87 -26.74
CA PHE C 328 -45.79 -6.52 -28.04
C PHE C 328 -44.92 -7.77 -28.03
N GLU C 329 -45.55 -8.91 -27.77
CA GLU C 329 -44.85 -10.19 -27.76
C GLU C 329 -44.58 -10.61 -29.19
N GLY C 330 -43.33 -10.96 -29.47
CA GLY C 330 -43.00 -11.31 -30.82
C GLY C 330 -42.83 -10.12 -31.73
N TYR C 331 -42.61 -8.94 -31.16
CA TYR C 331 -42.52 -7.74 -31.96
C TYR C 331 -41.29 -7.77 -32.84
N ARG C 332 -41.47 -7.39 -34.09
CA ARG C 332 -40.38 -7.34 -35.04
C ARG C 332 -40.14 -5.85 -35.28
N GLN C 333 -39.09 -5.32 -34.65
CA GLN C 333 -38.77 -3.91 -34.85
C GLN C 333 -38.22 -3.74 -36.26
N ARG C 334 -38.24 -2.50 -36.75
CA ARG C 334 -37.79 -2.21 -38.11
C ARG C 334 -36.54 -1.35 -38.09
N ASP C 335 -35.52 -1.78 -38.83
CA ASP C 335 -34.29 -1.02 -39.02
C ASP C 335 -34.50 0.02 -40.11
N LEU C 336 -34.46 1.29 -39.74
CA LEU C 336 -34.75 2.36 -40.68
C LEU C 336 -33.67 2.58 -41.72
N ASP C 337 -32.58 1.82 -41.71
CA ASP C 337 -31.55 1.96 -42.74
C ASP C 337 -31.64 0.87 -43.79
N THR C 338 -31.70 -0.40 -43.39
CA THR C 338 -31.84 -1.49 -44.34
C THR C 338 -33.29 -1.76 -44.68
N ARG C 339 -34.22 -1.03 -44.09
CA ARG C 339 -35.65 -1.11 -44.41
C ARG C 339 -36.21 -2.51 -44.21
N ALA C 340 -35.51 -3.34 -43.44
CA ALA C 340 -35.89 -4.73 -43.24
C ALA C 340 -36.25 -4.97 -41.79
N LEU C 341 -37.21 -5.86 -41.57
CA LEU C 341 -37.62 -6.20 -40.23
C LEU C 341 -36.49 -6.95 -39.51
N LEU C 342 -36.35 -6.70 -38.21
CA LEU C 342 -35.37 -7.39 -37.40
C LEU C 342 -35.96 -8.70 -36.90
N GLU C 343 -35.27 -9.34 -36.00
CA GLU C 343 -35.69 -10.64 -35.50
C GLU C 343 -36.66 -10.48 -34.33
N PRO C 344 -37.57 -11.44 -34.18
CA PRO C 344 -38.63 -11.29 -33.17
C PRO C 344 -38.05 -11.23 -31.77
N ALA C 345 -38.65 -10.39 -30.94
CA ALA C 345 -38.24 -10.21 -29.55
C ALA C 345 -39.31 -9.44 -28.81
N ALA C 346 -39.68 -9.90 -27.62
CA ALA C 346 -40.66 -9.17 -26.83
C ALA C 346 -40.20 -7.74 -26.62
N ARG C 347 -41.12 -6.79 -26.76
CA ARG C 347 -40.75 -5.38 -26.76
C ARG C 347 -41.73 -4.57 -25.95
N ASN C 348 -41.24 -3.86 -24.94
CA ASN C 348 -42.06 -2.95 -24.17
C ASN C 348 -42.07 -1.56 -24.78
N PHE C 349 -43.21 -0.90 -24.65
CA PHE C 349 -43.40 0.47 -25.09
C PHE C 349 -44.05 1.21 -23.93
N LEU C 350 -43.55 2.39 -23.61
CA LEU C 350 -44.14 3.20 -22.57
C LEU C 350 -44.27 4.62 -23.09
N VAL C 351 -45.46 5.19 -22.98
CA VAL C 351 -45.74 6.53 -23.46
C VAL C 351 -45.62 7.49 -22.27
N THR C 352 -44.44 8.07 -22.12
CA THR C 352 -44.23 9.12 -21.14
C THR C 352 -44.87 10.41 -21.61
N PRO C 353 -45.35 11.24 -20.68
CA PRO C 353 -45.98 12.52 -21.04
C PRO C 353 -45.20 13.37 -22.04
N HIS C 354 -43.89 13.18 -22.19
CA HIS C 354 -43.12 14.02 -23.09
C HIS C 354 -42.41 13.28 -24.21
N LEU C 355 -42.51 11.95 -24.27
CA LEU C 355 -41.90 11.15 -25.33
C LEU C 355 -42.33 9.70 -25.11
N THR C 356 -42.05 8.86 -26.11
CA THR C 356 -42.34 7.43 -26.00
C THR C 356 -41.06 6.63 -26.05
N VAL C 357 -40.81 5.83 -25.00
CA VAL C 357 -39.64 4.98 -24.89
C VAL C 357 -40.00 3.56 -25.28
N GLY C 358 -39.11 2.92 -26.03
CA GLY C 358 -39.28 1.52 -26.37
C GLY C 358 -38.02 0.74 -26.14
N TRP C 359 -38.10 -0.41 -25.45
CA TRP C 359 -36.90 -1.19 -25.21
C TRP C 359 -37.21 -2.67 -25.24
N ASN C 360 -36.24 -3.44 -25.73
CA ASN C 360 -36.38 -4.89 -25.75
C ASN C 360 -36.42 -5.43 -24.33
N TRP C 361 -37.42 -6.25 -24.04
CA TRP C 361 -37.61 -6.74 -22.69
C TRP C 361 -36.69 -7.92 -22.42
N LYS C 362 -36.07 -7.93 -21.23
CA LYS C 362 -35.17 -9.00 -20.84
C LYS C 362 -35.40 -9.31 -19.37
N PRO C 363 -35.42 -10.58 -18.99
CA PRO C 363 -35.74 -10.92 -17.60
C PRO C 363 -34.64 -10.51 -16.65
N LYS C 364 -35.05 -10.20 -15.41
CA LYS C 364 -34.10 -9.71 -14.42
C LYS C 364 -33.09 -10.77 -14.01
N ARG C 365 -33.51 -12.04 -14.00
CA ARG C 365 -32.65 -13.10 -13.48
C ARG C 365 -31.46 -13.39 -14.37
N THR C 366 -31.51 -13.04 -15.65
CA THR C 366 -30.44 -13.43 -16.56
C THR C 366 -29.56 -12.28 -17.03
N GLU C 367 -29.82 -11.05 -16.60
CA GLU C 367 -29.03 -9.96 -17.14
C GLU C 367 -28.20 -9.21 -16.12
N VAL C 368 -28.73 -8.96 -14.93
CA VAL C 368 -27.99 -8.23 -13.91
C VAL C 368 -27.59 -9.19 -12.79
N CYS C 369 -26.41 -8.97 -12.24
CA CYS C 369 -25.90 -9.80 -11.14
C CYS C 369 -24.96 -8.95 -10.30
N SER C 370 -25.16 -9.01 -8.98
CA SER C 370 -24.47 -8.11 -8.06
C SER C 370 -22.95 -8.30 -8.06
N LEU C 371 -22.46 -9.46 -8.44
CA LEU C 371 -21.02 -9.73 -8.37
C LEU C 371 -20.45 -9.91 -9.76
N VAL C 372 -19.22 -9.42 -9.95
CA VAL C 372 -18.54 -9.52 -11.23
C VAL C 372 -17.16 -10.12 -11.02
N LYS C 373 -16.72 -10.91 -12.00
CA LYS C 373 -15.42 -11.54 -11.90
C LYS C 373 -14.34 -10.46 -11.93
N TRP C 374 -13.50 -10.46 -10.92
CA TRP C 374 -12.37 -9.55 -10.87
C TRP C 374 -11.09 -10.16 -11.42
N ARG C 375 -10.74 -11.36 -10.97
CA ARG C 375 -9.44 -11.91 -11.33
C ARG C 375 -9.50 -13.42 -11.22
N GLU C 376 -9.01 -14.11 -12.23
CA GLU C 376 -8.82 -15.55 -12.16
C GLU C 376 -7.40 -15.88 -11.75
N VAL C 377 -7.25 -16.78 -10.77
CA VAL C 377 -5.96 -17.16 -10.25
C VAL C 377 -5.84 -18.66 -10.43
N GLU C 378 -4.82 -19.07 -11.18
CA GLU C 378 -4.65 -20.46 -11.57
C GLU C 378 -4.06 -21.30 -10.45
N ASP C 379 -3.10 -20.74 -9.72
CA ASP C 379 -2.42 -21.46 -8.63
C ASP C 379 -2.55 -20.72 -7.31
N VAL C 380 -3.43 -21.20 -6.43
CA VAL C 380 -3.53 -20.67 -5.09
C VAL C 380 -3.21 -21.78 -4.10
N VAL C 381 -2.98 -21.38 -2.85
CA VAL C 381 -2.70 -22.33 -1.78
C VAL C 381 -3.45 -21.87 -0.54
N ARG C 382 -4.35 -22.70 -0.04
CA ARG C 382 -5.11 -22.39 1.16
C ARG C 382 -4.51 -23.07 2.37
N ASP C 383 -4.00 -22.28 3.29
CA ASP C 383 -3.52 -22.78 4.56
C ASP C 383 -4.55 -22.42 5.63
N GLU C 384 -4.38 -22.99 6.82
CA GLU C 384 -5.37 -22.83 7.88
C GLU C 384 -4.58 -22.32 9.06
N TYR C 385 -4.75 -21.04 9.38
CA TYR C 385 -4.04 -20.45 10.51
C TYR C 385 -4.98 -19.92 11.59
N ALA C 386 -4.85 -20.47 12.79
CA ALA C 386 -5.62 -20.09 13.97
C ALA C 386 -7.06 -19.70 13.74
N HIS C 387 -7.93 -20.65 13.43
CA HIS C 387 -9.36 -20.43 13.31
C HIS C 387 -9.75 -19.75 12.01
N ASN C 388 -8.82 -19.49 11.09
CA ASN C 388 -9.13 -18.68 9.92
C ASN C 388 -8.44 -19.31 8.73
N PHE C 389 -9.08 -19.18 7.57
CA PHE C 389 -8.41 -19.57 6.33
C PHE C 389 -7.52 -18.46 5.80
N ARG C 390 -6.56 -18.85 4.98
CA ARG C 390 -5.69 -17.91 4.31
C ARG C 390 -5.44 -18.41 2.88
N PHE C 391 -5.59 -17.50 1.91
CA PHE C 391 -5.43 -17.79 0.49
C PHE C 391 -4.22 -17.04 -0.04
N THR C 392 -3.14 -17.76 -0.30
CA THR C 392 -1.93 -17.16 -0.82
C THR C 392 -1.91 -17.33 -2.33
N MET C 393 -1.74 -16.22 -3.05
CA MET C 393 -1.73 -16.20 -4.51
C MET C 393 -0.42 -15.59 -4.97
N LYS C 394 0.53 -16.44 -5.34
CA LYS C 394 1.89 -15.99 -5.63
C LYS C 394 2.01 -15.29 -6.98
N THR C 395 1.07 -15.49 -7.90
CA THR C 395 1.15 -14.78 -9.17
C THR C 395 0.69 -13.34 -9.03
N LEU C 396 -0.23 -13.07 -8.12
CA LEU C 396 -0.66 -11.71 -7.83
C LEU C 396 0.13 -11.10 -6.70
N SER C 397 0.84 -11.93 -5.91
CA SER C 397 1.49 -11.49 -4.69
C SER C 397 0.46 -10.94 -3.71
N THR C 398 -0.65 -11.67 -3.56
CA THR C 398 -1.76 -11.23 -2.76
C THR C 398 -2.23 -12.35 -1.85
N THR C 399 -2.47 -12.02 -0.58
CA THR C 399 -2.94 -12.99 0.40
C THR C 399 -4.25 -12.50 1.02
N PHE C 400 -5.33 -13.24 0.79
CA PHE C 400 -6.61 -12.94 1.40
C PHE C 400 -6.82 -13.82 2.63
N ILE C 401 -7.50 -13.29 3.64
CA ILE C 401 -7.69 -14.01 4.89
C ILE C 401 -9.19 -14.08 5.19
N SER C 402 -9.78 -15.25 5.03
CA SER C 402 -11.19 -15.47 5.30
C SER C 402 -11.42 -16.14 6.64
N GLU C 403 -12.67 -16.48 6.91
CA GLU C 403 -13.01 -17.35 8.03
C GLU C 403 -13.16 -18.79 7.56
N THR C 404 -13.24 -19.70 8.54
CA THR C 404 -13.40 -21.12 8.27
C THR C 404 -14.79 -21.51 7.78
N ASN C 405 -15.77 -20.61 7.89
CA ASN C 405 -17.11 -20.96 7.46
C ASN C 405 -17.27 -20.76 5.96
N GLU C 406 -18.19 -21.52 5.38
CA GLU C 406 -18.59 -21.30 4.01
C GLU C 406 -19.48 -20.07 3.92
N PHE C 407 -19.57 -19.52 2.73
CA PHE C 407 -20.46 -18.40 2.47
C PHE C 407 -21.68 -18.87 1.70
N ASN C 408 -22.86 -18.58 2.22
CA ASN C 408 -24.11 -18.91 1.56
C ASN C 408 -24.49 -17.76 0.64
N LEU C 409 -24.43 -18.01 -0.66
CA LEU C 409 -24.73 -16.97 -1.64
C LEU C 409 -26.22 -16.64 -1.72
N ASN C 410 -27.05 -17.24 -0.87
CA ASN C 410 -28.45 -16.87 -0.83
C ASN C 410 -28.71 -15.61 -0.01
N GLN C 411 -27.76 -15.19 0.83
CA GLN C 411 -27.92 -13.93 1.55
C GLN C 411 -27.70 -12.69 0.70
N ILE C 412 -27.26 -12.82 -0.55
CA ILE C 412 -26.94 -11.66 -1.38
C ILE C 412 -27.94 -11.57 -2.52
N HIS C 413 -28.40 -10.35 -2.77
CA HIS C 413 -29.32 -10.11 -3.87
C HIS C 413 -28.66 -10.40 -5.21
N LEU C 414 -29.40 -11.08 -6.09
CA LEU C 414 -29.06 -11.16 -7.51
C LEU C 414 -27.68 -11.79 -7.75
N SER C 415 -27.42 -12.91 -7.08
CA SER C 415 -26.11 -13.56 -7.18
C SER C 415 -26.17 -14.79 -8.05
N GLN C 416 -27.15 -14.90 -8.94
CA GLN C 416 -27.33 -16.10 -9.75
C GLN C 416 -26.26 -16.28 -10.81
N CYS C 417 -25.53 -15.22 -11.18
CA CYS C 417 -24.55 -15.37 -12.26
C CYS C 417 -23.34 -16.15 -11.77
N VAL C 418 -22.86 -15.82 -10.57
CA VAL C 418 -21.50 -16.17 -10.14
C VAL C 418 -21.30 -17.69 -10.17
N LYS C 419 -22.27 -18.43 -9.63
CA LYS C 419 -22.13 -19.89 -9.52
C LYS C 419 -21.75 -20.52 -10.84
N GLU C 420 -22.60 -20.36 -11.85
CA GLU C 420 -22.36 -21.03 -13.11
C GLU C 420 -21.21 -20.40 -13.88
N GLU C 421 -21.06 -19.08 -13.76
CA GLU C 421 -19.95 -18.39 -14.40
C GLU C 421 -18.62 -18.95 -13.88
N ALA C 422 -18.50 -19.06 -12.57
CA ALA C 422 -17.28 -19.60 -11.98
C ALA C 422 -17.09 -21.08 -12.31
N ARG C 423 -18.18 -21.84 -12.38
CA ARG C 423 -18.05 -23.24 -12.77
C ARG C 423 -17.44 -23.38 -14.16
N ALA C 424 -17.94 -22.62 -15.13
CA ALA C 424 -17.39 -22.71 -16.48
C ALA C 424 -15.93 -22.28 -16.51
N ILE C 425 -15.60 -21.16 -15.84
CA ILE C 425 -14.23 -20.66 -15.87
C ILE C 425 -13.28 -21.63 -15.18
N ILE C 426 -13.68 -22.17 -14.04
CA ILE C 426 -12.81 -23.06 -13.27
C ILE C 426 -12.60 -24.38 -14.01
N ASN C 427 -13.64 -24.89 -14.67
CA ASN C 427 -13.47 -26.12 -15.45
C ASN C 427 -12.51 -25.88 -16.61
N ARG C 428 -12.62 -24.73 -17.27
CA ARG C 428 -11.70 -24.43 -18.34
C ARG C 428 -10.26 -24.33 -17.83
N ILE C 429 -10.06 -23.66 -16.69
CA ILE C 429 -8.71 -23.52 -16.16
C ILE C 429 -8.10 -24.88 -15.83
N TYR C 430 -8.87 -25.75 -15.18
CA TYR C 430 -8.33 -27.07 -14.86
C TYR C 430 -7.97 -27.84 -16.13
N THR C 431 -8.89 -27.89 -17.09
CA THR C 431 -8.65 -28.65 -18.30
C THR C 431 -7.48 -28.08 -19.10
N THR C 432 -7.20 -26.79 -18.98
CA THR C 432 -6.10 -26.24 -19.77
C THR C 432 -4.75 -26.28 -19.08
N ARG C 433 -4.69 -26.38 -17.76
CA ARG C 433 -3.40 -26.33 -17.08
C ARG C 433 -3.07 -27.58 -16.28
N TYR C 434 -4.00 -28.03 -15.44
CA TYR C 434 -3.79 -29.13 -14.50
C TYR C 434 -4.43 -30.43 -14.96
N ASN C 435 -4.51 -30.64 -16.27
CA ASN C 435 -5.23 -31.78 -16.80
C ASN C 435 -4.60 -33.11 -16.39
N SER C 436 -3.27 -33.16 -16.31
CA SER C 436 -2.59 -34.41 -16.03
C SER C 436 -1.91 -34.48 -14.66
N SER C 437 -1.64 -33.34 -14.02
CA SER C 437 -0.88 -33.40 -12.77
C SER C 437 -1.77 -33.70 -11.58
N HIS C 438 -2.91 -33.03 -11.45
CA HIS C 438 -3.75 -33.18 -10.27
C HIS C 438 -5.13 -33.69 -10.66
N VAL C 439 -5.98 -33.86 -9.65
CA VAL C 439 -7.38 -34.22 -9.84
C VAL C 439 -8.22 -33.50 -8.80
N ARG C 440 -9.46 -33.19 -9.18
CA ARG C 440 -10.37 -32.46 -8.31
C ARG C 440 -10.78 -33.30 -7.11
N THR C 441 -11.24 -32.62 -6.06
CA THR C 441 -11.62 -33.29 -4.81
C THR C 441 -12.94 -32.76 -4.27
N GLY C 442 -13.97 -32.70 -5.10
CA GLY C 442 -15.26 -32.24 -4.65
C GLY C 442 -15.70 -30.96 -5.32
N ASP C 443 -16.89 -30.51 -4.93
CA ASP C 443 -17.50 -29.32 -5.49
C ASP C 443 -16.84 -28.04 -4.97
N ILE C 444 -17.12 -26.96 -5.68
CA ILE C 444 -16.58 -25.65 -5.36
C ILE C 444 -17.05 -25.16 -4.00
N GLN C 445 -16.17 -24.40 -3.34
CA GLN C 445 -16.46 -23.80 -2.04
C GLN C 445 -16.42 -22.29 -2.19
N THR C 446 -17.27 -21.59 -1.44
CA THR C 446 -17.39 -20.14 -1.55
C THR C 446 -17.03 -19.50 -0.24
N TYR C 447 -16.02 -18.64 -0.25
CA TYR C 447 -15.55 -17.94 0.94
C TYR C 447 -15.62 -16.44 0.72
N LEU C 448 -15.95 -15.71 1.78
CA LEU C 448 -15.95 -14.26 1.78
C LEU C 448 -14.62 -13.79 2.34
N ALA C 449 -13.73 -13.34 1.47
CA ALA C 449 -12.47 -12.84 1.96
C ALA C 449 -12.69 -11.51 2.67
N ARG C 450 -11.62 -10.97 3.23
CA ARG C 450 -11.71 -9.76 4.03
C ARG C 450 -11.60 -8.52 3.16
N GLY C 451 -12.38 -7.52 3.53
CA GLY C 451 -12.53 -6.33 2.74
C GLY C 451 -13.66 -6.42 1.73
N GLY C 452 -14.42 -7.50 1.77
CA GLY C 452 -15.60 -7.64 0.96
C GLY C 452 -15.43 -8.40 -0.33
N PHE C 453 -14.53 -9.37 -0.40
CA PHE C 453 -14.34 -10.09 -1.65
C PHE C 453 -14.93 -11.49 -1.55
N VAL C 454 -15.22 -12.09 -2.70
CA VAL C 454 -15.76 -13.44 -2.71
C VAL C 454 -14.85 -14.31 -3.54
N VAL C 455 -14.23 -15.29 -2.90
CA VAL C 455 -13.32 -16.22 -3.55
C VAL C 455 -14.06 -17.53 -3.73
N VAL C 456 -14.27 -17.93 -4.98
CA VAL C 456 -14.79 -19.25 -5.31
C VAL C 456 -13.60 -20.19 -5.54
N PHE C 457 -13.38 -21.09 -4.60
CA PHE C 457 -12.18 -21.90 -4.51
C PHE C 457 -12.50 -23.36 -4.83
N GLN C 458 -11.78 -23.92 -5.81
CA GLN C 458 -11.87 -25.33 -6.16
C GLN C 458 -10.63 -26.04 -5.65
N PRO C 459 -10.76 -26.96 -4.69
CA PRO C 459 -9.59 -27.67 -4.15
C PRO C 459 -9.10 -28.78 -5.07
N LEU C 460 -7.80 -28.81 -5.30
CA LEU C 460 -7.16 -29.87 -6.06
C LEU C 460 -6.37 -30.78 -5.12
N LEU C 461 -5.94 -31.90 -5.67
CA LEU C 461 -5.12 -32.85 -4.88
C LEU C 461 -4.13 -33.45 -5.87
N SER C 462 -2.89 -33.69 -5.43
CA SER C 462 -1.94 -34.33 -6.31
C SER C 462 -2.26 -35.82 -6.44
N ASN C 463 -1.67 -36.43 -7.46
CA ASN C 463 -1.92 -37.82 -7.78
C ASN C 463 -1.51 -38.78 -6.67
N SER C 464 -0.65 -38.37 -5.75
CA SER C 464 -0.30 -39.20 -4.61
C SER C 464 -1.50 -39.45 -3.70
N ASN C 503 -31.77 -10.40 3.58
CA ASN C 503 -30.82 -10.31 2.48
C ASN C 503 -30.08 -8.97 2.52
N ARG C 504 -28.85 -8.97 2.03
CA ARG C 504 -27.99 -7.80 2.08
C ARG C 504 -27.21 -7.75 0.76
N THR C 505 -26.28 -6.80 0.70
CA THR C 505 -25.37 -6.66 -0.43
C THR C 505 -23.97 -6.56 0.14
N ILE C 506 -22.98 -6.95 -0.64
CA ILE C 506 -21.59 -6.92 -0.20
C ILE C 506 -20.95 -5.64 -0.68
N THR C 507 -20.24 -4.98 0.23
CA THR C 507 -19.55 -3.72 -0.05
C THR C 507 -18.05 -4.00 -0.05
N THR C 508 -17.40 -3.69 -1.15
CA THR C 508 -15.98 -3.97 -1.30
C THR C 508 -15.17 -2.69 -1.11
N THR C 509 -14.08 -2.82 -0.36
CA THR C 509 -13.17 -1.70 -0.19
C THR C 509 -12.53 -1.42 -1.55
N SER C 510 -11.86 -0.28 -1.68
CA SER C 510 -11.28 0.03 -2.97
C SER C 510 -9.79 -0.25 -3.01
N SER C 511 -9.34 -1.22 -2.22
CA SER C 511 -7.88 -1.49 -2.19
C SER C 511 -7.54 -2.92 -2.58
N VAL C 512 -6.27 -3.13 -2.94
CA VAL C 512 -5.62 -4.43 -3.28
C VAL C 512 -4.21 -4.37 -2.66
N GLU C 513 -4.07 -3.58 -1.58
CA GLU C 513 -2.79 -3.34 -0.89
C GLU C 513 -2.81 -3.98 0.49
N PHE C 514 -3.88 -3.76 1.26
CA PHE C 514 -4.04 -4.35 2.62
C PHE C 514 -3.75 -5.85 2.52
N ALA C 515 -3.74 -6.36 1.28
CA ALA C 515 -3.46 -7.76 1.00
C ALA C 515 -2.11 -7.94 0.33
N MET C 516 -1.65 -6.98 -0.47
CA MET C 516 -0.29 -7.10 -0.96
C MET C 516 0.68 -6.96 0.20
N LEU C 517 0.38 -6.04 1.13
CA LEU C 517 1.14 -5.97 2.36
C LEU C 517 1.09 -7.28 3.12
N GLN C 518 -0.09 -7.90 3.16
CA GLN C 518 -0.24 -9.16 3.88
C GLN C 518 0.63 -10.25 3.26
N PHE C 519 0.60 -10.36 1.94
CA PHE C 519 1.45 -11.34 1.27
C PHE C 519 2.93 -11.09 1.56
N THR C 520 3.37 -9.84 1.42
CA THR C 520 4.79 -9.57 1.60
C THR C 520 5.23 -9.86 3.03
N TYR C 521 4.42 -9.45 4.00
CA TYR C 521 4.76 -9.74 5.39
C TYR C 521 4.78 -11.22 5.64
N ASP C 522 3.80 -11.95 5.10
CA ASP C 522 3.80 -13.40 5.27
C ASP C 522 5.06 -14.02 4.70
N HIS C 523 5.51 -13.55 3.54
CA HIS C 523 6.71 -14.12 2.95
C HIS C 523 7.92 -13.87 3.82
N ILE C 524 8.18 -12.61 4.17
CA ILE C 524 9.33 -12.31 5.00
C ILE C 524 9.24 -13.07 6.32
N GLN C 525 8.06 -13.11 6.93
CA GLN C 525 7.93 -13.75 8.22
C GLN C 525 8.21 -15.24 8.12
N GLU C 526 7.64 -15.91 7.11
CA GLU C 526 7.88 -17.34 6.96
C GLU C 526 9.34 -17.63 6.70
N HIS C 527 9.97 -16.88 5.80
CA HIS C 527 11.35 -17.15 5.46
C HIS C 527 12.28 -16.86 6.64
N VAL C 528 12.12 -15.70 7.29
CA VAL C 528 12.99 -15.36 8.41
C VAL C 528 12.78 -16.33 9.56
N ASN C 529 11.56 -16.81 9.76
CA ASN C 529 11.36 -17.78 10.84
C ASN C 529 12.04 -19.10 10.50
N GLU C 530 11.96 -19.51 9.24
CA GLU C 530 12.67 -20.71 8.84
C GLU C 530 14.17 -20.57 9.04
N MET C 531 14.74 -19.42 8.68
CA MET C 531 16.18 -19.23 8.86
C MET C 531 16.58 -19.20 10.32
N LEU C 532 15.77 -18.54 11.16
CA LEU C 532 16.08 -18.53 12.59
C LEU C 532 16.01 -19.94 13.17
N ALA C 533 15.01 -20.72 12.75
CA ALA C 533 14.93 -22.10 13.21
C ALA C 533 16.18 -22.88 12.82
N ARG C 534 16.68 -22.66 11.60
CA ARG C 534 17.89 -23.37 11.20
C ARG C 534 19.10 -22.92 12.00
N ILE C 535 19.25 -21.62 12.21
CA ILE C 535 20.34 -21.14 13.05
C ILE C 535 20.26 -21.74 14.44
N SER C 536 19.07 -21.85 15.01
CA SER C 536 18.97 -22.38 16.36
C SER C 536 19.37 -23.86 16.41
N SER C 537 18.86 -24.65 15.47
CA SER C 537 19.22 -26.07 15.45
C SER C 537 20.72 -26.26 15.23
N SER C 538 21.30 -25.49 14.31
CA SER C 538 22.74 -25.58 14.06
C SER C 538 23.51 -25.17 15.30
N TRP C 539 23.04 -24.14 16.00
CA TRP C 539 23.72 -23.70 17.21
C TRP C 539 23.73 -24.81 18.24
N CYS C 540 22.62 -25.54 18.37
CA CYS C 540 22.58 -26.62 19.35
C CYS C 540 23.59 -27.70 19.01
N GLN C 541 23.63 -28.14 17.75
CA GLN C 541 24.60 -29.17 17.41
C GLN C 541 26.02 -28.69 17.69
N LEU C 542 26.33 -27.43 17.39
CA LEU C 542 27.69 -26.96 17.62
C LEU C 542 28.02 -26.93 19.11
N GLN C 543 27.09 -26.47 19.95
CA GLN C 543 27.37 -26.49 21.38
C GLN C 543 27.52 -27.91 21.90
N ASN C 544 26.64 -28.82 21.46
CA ASN C 544 26.73 -30.21 21.90
C ASN C 544 28.03 -30.84 21.42
N ARG C 545 28.61 -30.31 20.34
CA ARG C 545 29.88 -30.84 19.86
C ARG C 545 31.05 -30.26 20.66
N GLU C 546 31.02 -28.95 20.92
CA GLU C 546 32.06 -28.32 21.72
C GLU C 546 32.07 -28.81 23.16
N ARG C 547 30.97 -29.36 23.65
CA ARG C 547 31.00 -29.96 24.98
C ARG C 547 32.00 -31.11 25.05
N ALA C 548 32.21 -31.81 23.94
CA ALA C 548 33.16 -32.91 23.95
C ALA C 548 34.60 -32.41 24.06
N LEU C 549 34.93 -31.33 23.35
CA LEU C 549 36.28 -30.77 23.49
C LEU C 549 36.52 -30.26 24.91
N TRP C 550 35.54 -29.54 25.48
CA TRP C 550 35.72 -29.05 26.84
C TRP C 550 35.89 -30.20 27.83
N SER C 551 35.06 -31.24 27.71
CA SER C 551 35.13 -32.35 28.64
C SER C 551 36.41 -33.16 28.45
N GLY C 552 36.88 -33.29 27.21
CA GLY C 552 38.09 -34.04 26.92
C GLY C 552 39.38 -33.31 27.17
N LEU C 553 39.33 -31.98 27.32
CA LEU C 553 40.55 -31.21 27.52
C LEU C 553 40.79 -30.81 28.97
N PHE C 554 39.83 -31.04 29.86
CA PHE C 554 40.06 -30.71 31.26
C PHE C 554 41.26 -31.45 31.87
N PRO C 555 41.46 -32.76 31.65
CA PRO C 555 42.67 -33.40 32.20
C PRO C 555 43.96 -32.69 31.83
N ILE C 556 44.05 -32.09 30.65
CA ILE C 556 45.33 -31.51 30.24
C ILE C 556 45.61 -30.22 31.01
N ASN C 557 44.61 -29.36 31.13
CA ASN C 557 44.78 -28.08 31.82
C ASN C 557 43.47 -27.68 32.49
N PRO C 558 43.25 -28.11 33.72
CA PRO C 558 41.97 -27.82 34.36
C PRO C 558 41.82 -26.38 34.81
N SER C 559 42.91 -25.75 35.24
CA SER C 559 42.81 -24.41 35.80
C SER C 559 42.47 -23.36 34.75
N ALA C 560 43.07 -23.46 33.56
CA ALA C 560 42.80 -22.49 32.51
C ALA C 560 41.36 -22.58 32.03
N LEU C 561 40.87 -23.79 31.80
CA LEU C 561 39.51 -23.97 31.34
C LEU C 561 38.49 -23.54 32.39
N ALA C 562 38.79 -23.81 33.66
CA ALA C 562 37.86 -23.40 34.71
C ALA C 562 37.86 -21.89 34.89
N SER C 563 38.99 -21.23 34.63
CA SER C 563 39.01 -19.77 34.71
C SER C 563 38.26 -19.15 33.55
N THR C 564 38.33 -19.76 32.36
CA THR C 564 37.58 -19.23 31.23
C THR C 564 36.08 -19.41 31.41
N ILE C 565 35.65 -20.61 31.82
CA ILE C 565 34.21 -20.87 31.92
C ILE C 565 33.58 -19.98 32.99
N LEU C 566 34.22 -19.86 34.13
CA LEU C 566 33.66 -19.05 35.21
C LEU C 566 33.92 -17.56 35.03
N ASP C 567 34.60 -17.17 33.95
CA ASP C 567 34.92 -15.78 33.66
C ASP C 567 35.55 -15.10 34.87
N GLN C 568 36.41 -15.86 35.56
CA GLN C 568 37.07 -15.39 36.76
C GLN C 568 38.23 -16.31 37.04
N ARG C 569 39.38 -15.72 37.40
CA ARG C 569 40.57 -16.51 37.63
C ARG C 569 40.36 -17.41 38.84
N VAL C 570 40.46 -18.72 38.63
CA VAL C 570 40.31 -19.72 39.68
C VAL C 570 41.40 -20.77 39.51
N LYS C 571 41.51 -21.63 40.52
CA LYS C 571 42.40 -22.79 40.47
C LYS C 571 41.58 -24.04 40.71
N ALA C 572 41.63 -24.96 39.75
CA ALA C 572 40.80 -26.15 39.76
C ALA C 572 41.67 -27.39 39.76
N ARG C 573 41.20 -28.43 40.45
CA ARG C 573 41.82 -29.74 40.44
C ARG C 573 40.80 -30.78 39.99
N ILE C 574 41.30 -31.86 39.40
CA ILE C 574 40.46 -32.98 39.00
C ILE C 574 40.51 -34.05 40.10
N LEU C 575 39.43 -34.15 40.86
CA LEU C 575 39.34 -35.13 41.93
C LEU C 575 38.66 -36.40 41.42
N GLY C 576 39.27 -36.96 40.39
CA GLY C 576 38.72 -38.13 39.73
C GLY C 576 37.84 -37.78 38.55
N ASP C 577 36.53 -37.85 38.73
CA ASP C 577 35.58 -37.54 37.67
C ASP C 577 34.86 -36.23 37.89
N VAL C 578 35.27 -35.46 38.90
CA VAL C 578 34.67 -34.18 39.23
C VAL C 578 35.80 -33.15 39.27
N ILE C 579 35.45 -31.90 39.42
CA ILE C 579 36.39 -30.79 39.43
C ILE C 579 36.16 -29.96 40.68
N SER C 580 37.22 -29.75 41.45
CA SER C 580 37.15 -28.99 42.69
C SER C 580 37.82 -27.65 42.45
N VAL C 581 37.03 -26.60 42.45
CA VAL C 581 37.51 -25.28 42.13
C VAL C 581 37.77 -24.52 43.43
N SER C 582 38.53 -23.44 43.31
CA SER C 582 38.82 -22.58 44.45
C SER C 582 39.21 -21.21 43.94
N ASN C 583 38.70 -20.17 44.59
CA ASN C 583 38.91 -18.81 44.13
C ASN C 583 40.32 -18.37 44.45
N CYS C 584 40.90 -17.59 43.55
CA CYS C 584 42.26 -17.08 43.69
C CYS C 584 42.16 -15.58 43.99
N PRO C 585 42.34 -15.16 45.24
CA PRO C 585 42.26 -13.73 45.54
C PRO C 585 43.45 -12.97 44.96
N GLU C 586 43.15 -11.79 44.41
CA GLU C 586 44.15 -11.00 43.71
C GLU C 586 45.16 -10.39 44.67
N LEU C 587 46.41 -10.34 44.20
CA LEU C 587 47.51 -9.80 44.98
C LEU C 587 47.37 -8.29 45.10
N GLY C 588 47.22 -7.78 46.31
CA GLY C 588 46.99 -6.37 46.50
C GLY C 588 48.25 -5.54 46.34
N SER C 589 48.13 -4.27 46.72
CA SER C 589 49.22 -3.31 46.64
C SER C 589 50.15 -3.50 47.85
N ASP C 590 51.02 -2.51 48.08
CA ASP C 590 52.08 -2.59 49.10
C ASP C 590 52.91 -3.88 49.03
N THR C 591 53.21 -4.35 47.81
CA THR C 591 53.93 -5.61 47.59
C THR C 591 54.93 -5.43 46.45
N ARG C 592 56.21 -5.66 46.72
CA ARG C 592 57.24 -5.49 45.69
C ARG C 592 57.77 -6.85 45.26
N ILE C 593 57.54 -7.19 43.99
CA ILE C 593 57.97 -8.47 43.41
C ILE C 593 59.28 -8.24 42.66
N ILE C 594 60.37 -8.85 43.11
CA ILE C 594 61.67 -8.69 42.48
C ILE C 594 61.96 -9.93 41.63
N LEU C 595 62.55 -9.71 40.46
CA LEU C 595 62.85 -10.76 39.48
C LEU C 595 64.31 -11.15 39.51
N GLN C 596 64.57 -12.45 39.67
CA GLN C 596 65.91 -12.97 39.81
C GLN C 596 66.54 -13.19 38.42
N ASN C 597 67.86 -13.15 38.39
CA ASN C 597 68.58 -13.10 37.11
C ASN C 597 68.79 -14.47 36.49
N SER C 598 69.02 -15.50 37.30
CA SER C 598 69.39 -16.83 36.82
C SER C 598 68.35 -17.85 37.22
N MET C 599 68.10 -18.81 36.33
CA MET C 599 67.20 -19.92 36.57
C MET C 599 67.91 -21.19 37.00
N ARG C 600 69.19 -21.10 37.37
CA ARG C 600 69.97 -22.27 37.70
C ARG C 600 69.85 -22.56 39.19
N VAL C 601 69.77 -23.84 39.54
CA VAL C 601 69.79 -24.20 40.94
C VAL C 601 71.19 -23.97 41.49
N SER C 602 71.27 -23.51 42.73
CA SER C 602 72.57 -23.18 43.31
C SER C 602 73.43 -24.43 43.39
N GLY C 603 74.61 -24.35 42.81
CA GLY C 603 75.55 -25.47 42.79
C GLY C 603 75.23 -26.56 41.79
N SER C 604 73.98 -27.02 41.75
CA SER C 604 73.61 -28.09 40.83
C SER C 604 73.67 -27.60 39.39
N THR C 605 74.08 -28.49 38.49
CA THR C 605 74.18 -28.15 37.07
C THR C 605 73.29 -29.01 36.18
N THR C 606 72.92 -30.21 36.61
CA THR C 606 72.00 -31.05 35.85
C THR C 606 70.54 -30.73 36.12
N ARG C 607 70.26 -29.83 37.06
CA ARG C 607 68.89 -29.49 37.42
C ARG C 607 68.77 -27.97 37.45
N CYS C 608 67.65 -27.48 36.89
CA CYS C 608 67.41 -26.05 36.80
C CYS C 608 65.92 -25.80 36.95
N TYR C 609 65.58 -24.54 37.26
CA TYR C 609 64.18 -24.21 37.42
C TYR C 609 63.51 -24.07 36.07
N SER C 610 62.19 -24.24 36.07
CA SER C 610 61.39 -24.18 34.85
C SER C 610 60.85 -22.79 34.60
N ARG C 611 60.45 -22.09 35.66
CA ARG C 611 59.91 -20.75 35.53
C ARG C 611 60.77 -19.77 36.31
N PRO C 612 60.82 -18.51 35.89
CA PRO C 612 61.71 -17.55 36.57
C PRO C 612 61.35 -17.45 38.04
N LEU C 613 62.36 -17.17 38.87
CA LEU C 613 62.13 -17.04 40.30
C LEU C 613 61.89 -15.58 40.66
N ILE C 614 61.01 -15.37 41.63
CA ILE C 614 60.65 -14.04 42.10
C ILE C 614 60.71 -14.01 43.63
N SER C 615 60.86 -12.80 44.16
CA SER C 615 60.88 -12.58 45.61
C SER C 615 59.81 -11.55 45.94
N ILE C 616 58.73 -12.00 46.58
CA ILE C 616 57.61 -11.14 46.94
C ILE C 616 57.94 -10.52 48.30
N VAL C 617 58.66 -9.41 48.30
CA VAL C 617 58.98 -8.77 49.58
C VAL C 617 57.74 -8.05 50.06
N SER C 618 57.49 -8.13 51.37
CA SER C 618 56.32 -7.52 51.97
C SER C 618 56.72 -6.20 52.63
N LEU C 619 55.75 -5.31 52.77
CA LEU C 619 55.97 -4.01 53.37
C LEU C 619 55.31 -3.82 54.74
N ASN C 620 54.25 -4.57 55.04
CA ASN C 620 53.64 -4.52 56.36
C ASN C 620 54.44 -5.27 57.41
N GLY C 621 55.63 -5.74 57.04
CA GLY C 621 56.47 -6.49 57.94
C GLY C 621 56.15 -7.96 58.04
N SER C 622 55.39 -8.51 57.10
CA SER C 622 55.04 -9.92 57.13
C SER C 622 56.16 -10.80 56.58
N GLY C 623 57.35 -10.24 56.41
CA GLY C 623 58.51 -11.00 55.95
C GLY C 623 58.76 -10.88 54.46
N THR C 624 59.21 -11.97 53.85
CA THR C 624 59.54 -11.99 52.43
C THR C 624 59.31 -13.39 51.90
N VAL C 625 58.37 -13.53 50.99
CA VAL C 625 58.14 -14.82 50.33
C VAL C 625 59.08 -14.92 49.13
N GLU C 626 59.57 -16.13 48.87
CA GLU C 626 60.45 -16.36 47.73
C GLU C 626 59.84 -17.51 46.94
N GLY C 627 59.25 -17.20 45.79
CA GLY C 627 58.70 -18.21 44.91
C GLY C 627 59.22 -18.07 43.49
N GLN C 628 58.33 -18.37 42.54
CA GLN C 628 58.64 -18.20 41.13
C GLN C 628 57.38 -17.80 40.37
N LEU C 629 57.59 -17.44 39.11
CA LEU C 629 56.57 -16.86 38.25
C LEU C 629 55.77 -17.97 37.58
N GLY C 630 54.49 -18.07 37.91
CA GLY C 630 53.61 -19.04 37.29
C GLY C 630 53.18 -18.57 35.92
N THR C 631 51.98 -18.99 35.51
CA THR C 631 51.48 -18.65 34.19
C THR C 631 50.33 -17.66 34.26
N ASP C 632 50.28 -16.76 33.29
CA ASP C 632 49.24 -15.74 33.20
C ASP C 632 49.28 -14.81 34.40
N ASN C 633 50.49 -14.47 34.83
CA ASN C 633 50.73 -13.58 35.97
C ASN C 633 50.16 -14.16 37.26
N GLU C 634 50.27 -15.47 37.39
CA GLU C 634 49.95 -16.17 38.63
C GLU C 634 51.23 -16.36 39.43
N LEU C 635 51.20 -15.99 40.69
CA LEU C 635 52.40 -16.04 41.53
C LEU C 635 52.29 -17.21 42.50
N ILE C 636 52.95 -18.31 42.15
CA ILE C 636 52.99 -19.48 43.03
C ILE C 636 53.86 -19.14 44.24
N MET C 637 53.51 -19.73 45.38
CA MET C 637 54.24 -19.50 46.63
C MET C 637 55.28 -20.57 46.90
N SER C 638 55.83 -21.19 45.86
CA SER C 638 56.87 -22.19 46.04
C SER C 638 57.68 -22.30 44.76
N ARG C 639 58.78 -23.04 44.84
CA ARG C 639 59.69 -23.17 43.71
C ARG C 639 59.86 -24.63 43.30
N ASP C 640 58.76 -25.36 43.20
CA ASP C 640 58.76 -26.80 42.97
C ASP C 640 58.63 -27.17 41.50
N LEU C 641 58.94 -26.27 40.58
CA LEU C 641 58.91 -26.55 39.14
C LEU C 641 60.33 -26.56 38.59
N LEU C 642 60.96 -27.73 38.65
CA LEU C 642 62.32 -27.96 38.19
C LEU C 642 62.29 -28.78 36.91
N GLU C 643 63.44 -28.83 36.23
CA GLU C 643 63.52 -29.56 34.97
C GLU C 643 64.95 -30.00 34.71
N PRO C 644 65.14 -31.10 34.00
CA PRO C 644 66.47 -31.47 33.50
C PRO C 644 67.02 -30.41 32.55
N CYS C 645 68.25 -29.98 32.82
CA CYS C 645 68.79 -28.80 32.14
C CYS C 645 69.02 -29.12 30.67
N VAL C 646 68.11 -28.63 29.83
CA VAL C 646 68.18 -28.90 28.40
C VAL C 646 69.31 -28.08 27.78
N ALA C 647 69.73 -28.49 26.58
CA ALA C 647 70.75 -27.75 25.85
C ALA C 647 70.08 -26.86 24.82
N ASN C 648 70.73 -25.72 24.54
CA ASN C 648 70.17 -24.68 23.68
C ASN C 648 68.80 -24.24 24.22
N HIS C 649 68.84 -23.66 25.41
CA HIS C 649 67.63 -23.27 26.12
C HIS C 649 67.25 -21.86 25.68
N LYS C 650 65.99 -21.70 25.28
CA LYS C 650 65.48 -20.40 24.85
C LYS C 650 64.03 -20.28 25.29
N ARG C 651 63.71 -19.31 26.14
CA ARG C 651 62.32 -19.18 26.58
C ARG C 651 61.94 -17.72 26.73
N TYR C 652 60.66 -17.45 26.48
CA TYR C 652 60.04 -16.15 26.70
C TYR C 652 58.98 -16.27 27.78
N PHE C 653 59.03 -15.36 28.75
CA PHE C 653 58.07 -15.37 29.84
C PHE C 653 57.36 -14.03 29.94
N LEU C 654 56.09 -14.08 30.32
CA LEU C 654 55.26 -12.88 30.43
C LEU C 654 55.44 -12.28 31.82
N PHE C 655 56.02 -11.09 31.87
CA PHE C 655 56.19 -10.32 33.10
C PHE C 655 55.45 -9.00 32.97
N GLY C 656 54.16 -9.01 33.30
CA GLY C 656 53.39 -7.80 33.23
C GLY C 656 53.09 -7.40 31.81
N HIS C 657 53.74 -6.34 31.36
CA HIS C 657 53.61 -5.85 30.00
C HIS C 657 54.81 -6.21 29.15
N HIS C 658 55.67 -7.13 29.61
CA HIS C 658 56.86 -7.48 28.87
C HIS C 658 57.02 -8.99 28.75
N TYR C 659 57.77 -9.37 27.72
CA TYR C 659 58.22 -10.73 27.48
C TYR C 659 59.72 -10.76 27.75
N VAL C 660 60.09 -11.21 28.95
CA VAL C 660 61.48 -11.32 29.33
C VAL C 660 62.08 -12.55 28.67
N TYR C 661 63.26 -12.40 28.09
CA TYR C 661 63.90 -13.44 27.29
C TYR C 661 65.07 -14.00 28.07
N TYR C 662 65.10 -15.33 28.19
CA TYR C 662 66.12 -16.06 28.94
C TYR C 662 66.83 -17.09 28.08
N GLU C 663 68.15 -16.95 27.98
CA GLU C 663 69.04 -17.82 27.22
C GLU C 663 70.03 -18.45 28.18
N ASP C 664 70.03 -19.79 28.22
CA ASP C 664 70.83 -20.56 29.17
C ASP C 664 70.57 -20.13 30.61
N TYR C 665 69.29 -20.01 30.96
CA TYR C 665 68.86 -19.83 32.34
C TYR C 665 69.38 -18.53 32.94
N ARG C 666 69.57 -17.52 32.11
CA ARG C 666 70.02 -16.20 32.55
C ARG C 666 69.26 -15.14 31.78
N TYR C 667 68.97 -14.02 32.45
CA TYR C 667 68.31 -12.92 31.78
C TYR C 667 69.13 -12.46 30.58
N VAL C 668 68.44 -12.14 29.50
CA VAL C 668 69.07 -11.69 28.27
C VAL C 668 68.48 -10.36 27.87
N ARG C 669 67.16 -10.32 27.69
CA ARG C 669 66.56 -9.09 27.20
C ARG C 669 65.10 -9.05 27.61
N GLU C 670 64.39 -8.05 27.12
CA GLU C 670 62.98 -7.87 27.39
C GLU C 670 62.35 -7.20 26.18
N ILE C 671 61.06 -7.44 25.99
CA ILE C 671 60.34 -6.88 24.85
C ILE C 671 58.93 -6.52 25.29
N ALA C 672 58.47 -5.34 24.87
CA ALA C 672 57.13 -4.92 25.23
C ALA C 672 56.10 -5.83 24.57
N VAL C 673 54.93 -5.97 25.22
CA VAL C 673 53.89 -6.83 24.67
C VAL C 673 53.40 -6.27 23.35
N HIS C 674 53.31 -4.94 23.25
CA HIS C 674 52.81 -4.27 22.06
C HIS C 674 53.77 -4.38 20.89
N ASP C 675 54.97 -4.92 21.11
CA ASP C 675 56.00 -5.08 20.10
C ASP C 675 56.01 -6.45 19.45
N VAL C 676 55.46 -7.46 20.12
CA VAL C 676 55.41 -8.82 19.58
C VAL C 676 54.38 -8.92 18.47
N GLY C 677 54.74 -9.65 17.40
CA GLY C 677 53.83 -9.82 16.29
C GLY C 677 52.62 -10.62 16.74
N MET C 678 51.48 -10.36 16.09
CA MET C 678 50.21 -11.00 16.55
C MET C 678 49.71 -12.08 15.60
N ILE C 679 49.01 -13.06 16.18
CA ILE C 679 48.33 -14.19 15.48
C ILE C 679 46.90 -14.20 16.03
N SER C 680 45.89 -14.18 15.14
CA SER C 680 44.53 -14.08 15.63
C SER C 680 43.77 -15.39 15.44
N THR C 681 43.17 -15.88 16.54
CA THR C 681 42.27 -17.02 16.51
C THR C 681 40.82 -16.59 16.33
N TYR C 682 40.58 -15.32 16.06
CA TYR C 682 39.24 -14.75 16.00
C TYR C 682 38.68 -14.79 14.60
N VAL C 683 37.45 -15.31 14.48
CA VAL C 683 36.76 -15.27 13.19
C VAL C 683 35.84 -14.08 13.23
N ASP C 684 35.79 -13.34 12.14
CA ASP C 684 35.07 -12.07 12.16
C ASP C 684 33.62 -12.28 11.77
N LEU C 685 32.75 -11.47 12.37
CA LEU C 685 31.33 -11.42 12.01
C LEU C 685 30.90 -9.97 12.09
N ASN C 686 30.95 -9.28 10.95
CA ASN C 686 30.59 -7.87 10.86
C ASN C 686 29.14 -7.80 10.41
N LEU C 687 28.22 -7.80 11.37
CA LEU C 687 26.79 -7.72 11.11
C LEU C 687 26.30 -6.28 11.22
N THR C 688 25.73 -5.76 10.15
CA THR C 688 25.21 -4.41 10.08
C THR C 688 23.71 -4.42 10.35
N LEU C 689 23.23 -3.34 10.95
CA LEU C 689 21.83 -3.21 11.33
C LEU C 689 21.03 -2.49 10.24
N LEU C 690 19.73 -2.81 10.17
CA LEU C 690 18.84 -2.08 9.28
C LEU C 690 18.66 -0.66 9.79
N LYS C 691 18.70 0.30 8.89
CA LYS C 691 18.53 1.67 9.34
C LYS C 691 17.06 2.07 9.29
N ASP C 692 16.73 3.13 10.02
CA ASP C 692 15.35 3.62 10.07
C ASP C 692 15.00 4.32 8.77
N ARG C 693 13.77 4.10 8.31
CA ARG C 693 13.27 4.77 7.12
C ARG C 693 11.99 5.54 7.44
N GLU C 694 11.74 6.57 6.63
CA GLU C 694 10.54 7.38 6.73
C GLU C 694 9.85 7.42 5.39
N PHE C 695 8.58 7.02 5.35
CA PHE C 695 7.81 6.95 4.12
C PHE C 695 6.99 8.21 3.92
N MET C 696 7.01 8.74 2.71
CA MET C 696 6.28 9.98 2.54
C MET C 696 4.89 9.70 1.98
N PRO C 697 3.86 10.42 2.40
CA PRO C 697 2.51 10.13 1.88
C PRO C 697 2.41 10.59 0.45
N LEU C 698 2.92 9.73 -0.44
CA LEU C 698 2.97 10.01 -1.90
C LEU C 698 1.62 9.69 -2.55
N GLN C 699 1.30 10.44 -3.61
CA GLN C 699 0.08 10.29 -4.39
C GLN C 699 0.33 10.53 -5.86
N VAL C 700 -0.42 9.84 -6.71
CA VAL C 700 -0.31 10.05 -8.13
C VAL C 700 -1.30 11.11 -8.62
N TYR C 701 -2.54 11.07 -8.16
CA TYR C 701 -3.52 12.11 -8.45
C TYR C 701 -4.17 12.57 -7.16
N THR C 702 -4.41 13.87 -7.05
CA THR C 702 -5.09 14.37 -5.87
C THR C 702 -6.61 14.26 -6.09
N ARG C 703 -7.39 14.61 -5.08
CA ARG C 703 -8.84 14.59 -5.23
C ARG C 703 -9.31 15.65 -6.22
N ASP C 704 -8.65 16.81 -6.22
CA ASP C 704 -8.98 17.84 -7.19
C ASP C 704 -8.70 17.35 -8.60
N GLU C 705 -7.53 16.76 -8.82
CA GLU C 705 -7.21 16.23 -10.14
C GLU C 705 -8.22 15.19 -10.58
N LEU C 706 -8.71 14.37 -9.65
CA LEU C 706 -9.70 13.37 -10.01
C LEU C 706 -11.07 13.97 -10.25
N ARG C 707 -11.36 15.16 -9.72
CA ARG C 707 -12.60 15.85 -10.05
C ARG C 707 -12.39 16.91 -11.12
N ASP C 708 -11.42 16.68 -12.02
CA ASP C 708 -11.09 17.62 -13.07
C ASP C 708 -11.03 16.94 -14.43
N THR C 709 -11.60 15.75 -14.54
CA THR C 709 -11.50 14.94 -15.75
C THR C 709 -12.71 15.05 -16.65
N GLY C 710 -13.78 15.70 -16.19
CA GLY C 710 -15.00 15.84 -16.95
C GLY C 710 -15.08 17.15 -17.68
N LEU C 711 -15.99 17.22 -18.64
CA LEU C 711 -16.09 18.40 -19.48
C LEU C 711 -16.74 19.55 -18.74
N LEU C 712 -17.79 19.27 -17.97
CA LEU C 712 -18.51 20.28 -17.21
C LEU C 712 -18.76 19.78 -15.79
N ASP C 713 -18.77 20.71 -14.85
CA ASP C 713 -19.11 20.43 -13.47
C ASP C 713 -20.48 21.02 -13.21
N TYR C 714 -21.43 20.18 -12.79
CA TYR C 714 -22.80 20.63 -12.63
C TYR C 714 -22.89 21.76 -11.60
N SER C 715 -22.22 21.61 -10.47
CA SER C 715 -22.30 22.63 -9.43
C SER C 715 -21.71 23.95 -9.89
N GLU C 716 -20.64 23.90 -10.70
CA GLU C 716 -20.06 25.13 -11.22
C GLU C 716 -21.02 25.85 -12.15
N ILE C 717 -21.59 25.12 -13.10
CA ILE C 717 -22.55 25.71 -14.02
C ILE C 717 -23.70 26.34 -13.24
N GLN C 718 -24.18 25.67 -12.20
CA GLN C 718 -25.33 26.20 -11.48
C GLN C 718 -24.97 27.42 -10.63
N ARG C 719 -23.78 27.44 -10.02
CA ARG C 719 -23.41 28.62 -9.23
C ARG C 719 -23.21 29.84 -10.11
N ARG C 720 -22.67 29.64 -11.31
CA ARG C 720 -22.40 30.78 -12.18
C ARG C 720 -23.65 31.24 -12.92
N ASN C 721 -24.55 30.32 -13.27
CA ASN C 721 -25.66 30.65 -14.15
C ASN C 721 -26.94 30.99 -13.39
N GLN C 722 -27.05 30.60 -12.12
CA GLN C 722 -28.24 30.87 -11.33
C GLN C 722 -28.26 32.25 -10.72
N MET C 723 -27.22 33.06 -10.94
CA MET C 723 -27.26 34.47 -10.56
C MET C 723 -27.29 35.33 -11.81
N HIS C 724 -27.83 34.78 -12.89
CA HIS C 724 -28.02 35.59 -14.08
C HIS C 724 -29.00 36.73 -13.80
N SER C 725 -30.11 36.42 -13.13
CA SER C 725 -31.11 37.44 -12.82
C SER C 725 -30.65 38.41 -11.73
N LEU C 726 -29.83 37.94 -10.79
CA LEU C 726 -29.29 38.87 -9.80
C LEU C 726 -28.22 39.77 -10.38
N ARG C 727 -27.36 39.22 -11.22
CA ARG C 727 -26.27 40.01 -11.79
C ARG C 727 -26.82 41.06 -12.75
N PHE C 728 -27.70 40.66 -13.67
CA PHE C 728 -28.00 41.51 -14.81
C PHE C 728 -29.37 42.17 -14.69
N TYR C 729 -29.99 42.13 -13.51
CA TYR C 729 -31.27 42.79 -13.31
C TYR C 729 -31.32 43.35 -11.90
N ASP C 730 -32.25 44.26 -11.69
CA ASP C 730 -32.41 44.95 -10.41
C ASP C 730 -33.70 44.50 -9.74
N ILE C 731 -33.62 43.43 -8.93
CA ILE C 731 -34.83 42.82 -8.39
C ILE C 731 -35.35 43.55 -7.17
N ASP C 732 -34.76 44.67 -6.79
CA ASP C 732 -35.18 45.40 -5.60
C ASP C 732 -35.90 46.70 -5.90
N LYS C 733 -35.90 47.17 -7.14
CA LYS C 733 -36.62 48.39 -7.49
C LYS C 733 -38.07 48.10 -7.84
N VAL C 734 -38.97 48.93 -7.34
CA VAL C 734 -40.39 48.82 -7.61
C VAL C 734 -40.78 49.99 -8.50
N VAL C 735 -41.66 49.75 -9.46
CA VAL C 735 -42.17 50.78 -10.34
C VAL C 735 -43.59 51.13 -9.92
N GLN C 736 -43.86 52.43 -9.79
CA GLN C 736 -45.18 52.88 -9.37
C GLN C 736 -45.96 53.44 -10.55
C1 NAG D . -54.04 14.10 -6.22
C2 NAG D . -54.29 14.37 -4.74
C3 NAG D . -53.63 13.33 -3.83
C4 NAG D . -53.95 11.92 -4.32
C5 NAG D . -53.59 11.79 -5.78
C6 NAG D . -53.86 10.39 -6.30
C7 NAG D . -54.67 16.71 -4.18
C8 NAG D . -54.10 17.89 -3.46
N2 NAG D . -53.82 15.70 -4.39
O3 NAG D . -54.10 13.51 -2.49
O4 NAG D . -53.22 10.95 -3.55
O5 NAG D . -54.36 12.74 -6.53
O6 NAG D . -53.62 10.35 -7.72
O7 NAG D . -55.83 16.67 -4.56
C1 NAG D . -54.13 10.30 -2.65
C2 NAG D . -53.91 8.79 -2.63
C3 NAG D . -52.56 8.44 -2.02
C4 NAG D . -52.24 9.38 -0.87
C5 NAG D . -53.50 10.05 -0.34
C6 NAG D . -53.19 10.93 0.86
C7 NAG D . -55.70 7.17 -2.44
C8 NAG D . -57.11 7.07 -1.95
N2 NAG D . -54.98 8.14 -1.89
O3 NAG D . -51.54 8.55 -3.03
O4 NAG D . -51.60 8.64 0.18
O5 NAG D . -54.11 10.86 -1.34
O6 NAG D . -52.12 11.83 0.52
O7 NAG D . -55.25 6.41 -3.28
C1 MAN D . -52.47 7.59 0.65
C2 MAN D . -52.77 7.82 2.14
C3 MAN D . -51.48 7.65 2.95
C4 MAN D . -50.85 6.31 2.65
C5 MAN D . -50.69 6.09 1.15
C6 MAN D . -50.19 4.66 0.88
O2 MAN D . -53.74 6.86 2.58
O3 MAN D . -51.78 7.75 4.35
O4 MAN D . -49.56 6.24 3.27
O5 MAN D . -51.93 6.29 0.47
O6 MAN D . -50.81 3.77 1.82
C1 MAN D . -51.18 2.54 1.14
C2 MAN D . -51.07 2.54 -0.39
C3 MAN D . -52.40 2.93 -1.04
C4 MAN D . -53.56 2.14 -0.44
C5 MAN D . -53.53 2.23 1.08
C6 MAN D . -54.67 1.43 1.69
O2 MAN D . -50.69 1.24 -0.83
O3 MAN D . -52.33 2.69 -2.44
O4 MAN D . -54.79 2.67 -0.93
O5 MAN D . -52.29 1.74 1.56
O6 MAN D . -55.51 2.31 2.45
C1 MAN D . -52.25 3.95 -3.13
C2 MAN D . -52.55 3.75 -4.61
C3 MAN D . -51.43 2.97 -5.29
C4 MAN D . -50.07 3.56 -4.95
C5 MAN D . -49.92 3.76 -3.46
C6 MAN D . -48.58 4.42 -3.13
O2 MAN D . -52.69 5.03 -5.25
O3 MAN D . -51.62 2.98 -6.71
O4 MAN D . -49.04 2.69 -5.43
O5 MAN D . -50.98 4.58 -2.98
O6 MAN D . -47.52 3.69 -3.75
C1 MAN D . -51.22 8.98 4.85
C2 MAN D . -49.77 8.74 5.29
C3 MAN D . -49.71 7.89 6.54
C4 MAN D . -50.65 8.42 7.62
C5 MAN D . -52.04 8.63 7.04
C6 MAN D . -52.98 9.21 8.10
O2 MAN D . -49.15 10.01 5.53
O3 MAN D . -48.36 7.89 7.04
O4 MAN D . -50.72 7.48 8.69
O5 MAN D . -51.97 9.53 5.93
O6 MAN D . -54.04 8.27 8.37
C1 NAG E . -26.96 47.82 -11.94
C2 NAG E . -25.77 48.54 -12.57
C3 NAG E . -24.47 48.30 -11.80
C4 NAG E . -24.69 48.54 -10.31
C5 NAG E . -25.86 47.71 -9.82
C6 NAG E . -26.09 47.89 -8.33
C7 NAG E . -25.95 48.91 -14.96
C8 NAG E . -25.38 48.52 -16.30
N2 NAG E . -25.61 48.12 -13.94
O3 NAG E . -23.45 49.17 -12.29
O4 NAG E . -23.51 48.20 -9.57
O5 NAG E . -27.03 48.12 -10.54
O6 NAG E . -27.29 47.21 -7.94
O7 NAG E . -26.67 49.88 -14.81
C1 NAG E . -22.86 49.42 -9.14
C2 NAG E . -22.43 49.33 -7.68
C3 NAG E . -21.31 48.31 -7.50
C4 NAG E . -20.37 48.31 -8.70
C5 NAG E . -20.48 49.62 -9.47
C6 NAG E . -19.50 49.64 -10.63
C7 NAG E . -22.43 51.15 -6.08
C8 NAG E . -22.86 52.59 -6.14
N2 NAG E . -21.99 50.64 -7.22
O3 NAG E . -21.87 47.01 -7.32
O4 NAG E . -19.02 48.11 -8.26
O5 NAG E . -21.80 49.80 -10.00
O6 NAG E . -19.63 48.43 -11.39
O7 NAG E . -22.49 50.50 -5.05
C1 MAN E . -18.62 49.17 -7.37
C2 MAN E . -17.43 49.91 -7.95
C3 MAN E . -16.22 48.98 -8.02
C4 MAN E . -15.94 48.40 -6.64
C5 MAN E . -17.20 47.77 -6.05
C6 MAN E . -16.93 47.30 -4.62
O2 MAN E . -17.12 51.04 -7.14
O3 MAN E . -15.08 49.70 -8.50
O4 MAN E . -14.90 47.42 -6.74
O5 MAN E . -18.28 48.69 -6.06
O6 MAN E . -16.16 48.29 -3.93
C1 MAN E . -16.77 48.59 -2.64
C2 MAN E . -18.11 47.91 -2.37
C3 MAN E . -19.31 48.79 -2.71
C4 MAN E . -19.13 50.21 -2.20
C5 MAN E . -17.76 50.75 -2.63
C6 MAN E . -17.56 52.18 -2.15
O2 MAN E . -18.17 47.53 -0.99
O3 MAN E . -20.49 48.23 -2.13
O4 MAN E . -20.16 51.05 -2.74
O5 MAN E . -16.74 49.91 -2.09
O6 MAN E . -16.62 52.84 -3.00
C1 MAN E . -21.27 47.60 -3.16
C2 MAN E . -22.66 47.26 -2.64
C3 MAN E . -22.60 46.15 -1.60
C4 MAN E . -21.76 44.97 -2.09
C5 MAN E . -20.43 45.44 -2.65
C6 MAN E . -19.63 44.28 -3.23
O2 MAN E . -23.49 46.84 -3.72
O3 MAN E . -23.91 45.70 -1.28
O4 MAN E . -21.53 44.07 -1.01
O5 MAN E . -20.65 46.42 -3.68
O6 MAN E . -19.97 43.07 -2.53
C1 MAN E . -14.75 49.23 -9.81
C2 MAN E . -13.84 48.01 -9.71
C3 MAN E . -12.47 48.38 -9.18
C4 MAN E . -11.90 49.57 -9.96
C5 MAN E . -12.91 50.70 -10.01
C6 MAN E . -12.37 51.88 -10.82
O2 MAN E . -13.71 47.41 -11.01
O3 MAN E . -11.58 47.26 -9.30
O4 MAN E . -10.70 50.02 -9.33
O5 MAN E . -14.12 50.23 -10.61
O6 MAN E . -12.27 53.03 -9.97
C1 NAG F . -31.21 17.71 -43.24
C2 NAG F . -31.55 16.32 -43.77
C3 NAG F . -30.36 15.37 -43.73
C4 NAG F . -29.13 16.03 -44.35
C5 NAG F . -28.89 17.37 -43.66
C6 NAG F . -27.65 18.06 -44.21
C7 NAG F . -33.88 15.68 -43.50
C8 NAG F . -34.81 14.74 -42.78
N2 NAG F . -32.65 15.76 -43.01
O3 NAG F . -30.69 14.18 -44.46
O4 NAG F . -27.97 15.19 -44.19
O5 NAG F . -30.03 18.20 -43.87
O6 NAG F . -27.53 19.37 -43.64
O7 NAG F . -34.23 16.31 -44.49
C1 NAG F . -27.66 14.61 -45.48
C2 NAG F . -26.16 14.67 -45.75
C3 NAG F . -25.39 13.77 -44.80
C4 NAG F . -26.17 12.51 -44.50
C5 NAG F . -27.22 12.24 -45.57
C6 NAG F . -27.96 10.94 -45.30
C7 NAG F . -25.12 15.01 -47.92
C8 NAG F . -25.67 15.25 -49.30
N2 NAG F . -25.89 14.27 -47.13
O3 NAG F . -25.13 14.49 -43.58
O4 NAG F . -25.26 11.40 -44.40
O5 NAG F . -28.19 13.29 -45.62
O6 NAG F . -28.43 10.93 -43.95
O7 NAG F . -24.04 15.44 -47.57
C1 MAN F . -24.57 11.22 -45.65
C2 MAN F . -24.88 9.83 -46.21
C3 MAN F . -24.32 8.77 -45.28
C4 MAN F . -22.83 9.00 -45.06
C5 MAN F . -22.56 10.44 -44.62
C6 MAN F . -21.06 10.69 -44.54
O2 MAN F . -24.29 9.71 -47.51
O3 MAN F . -24.53 7.47 -45.86
O4 MAN F . -22.35 8.10 -44.06
O5 MAN F . -23.15 11.36 -45.53
O6 MAN F . -20.41 9.98 -45.61
C1 MAN F . -19.37 10.80 -46.20
C2 MAN F . -19.30 12.25 -45.73
C3 MAN F . -20.09 13.19 -46.64
C4 MAN F . -19.79 12.93 -48.10
C5 MAN F . -19.89 11.43 -48.42
C6 MAN F . -19.54 11.16 -49.88
O2 MAN F . -17.93 12.67 -45.71
O3 MAN F . -19.75 14.54 -46.32
O4 MAN F . -20.72 13.64 -48.91
O5 MAN F . -18.99 10.72 -47.58
O6 MAN F . -20.70 10.68 -50.56
C1 MAN F . -20.88 15.17 -45.67
C2 MAN F . -20.66 16.67 -45.59
C3 MAN F . -19.49 16.99 -44.66
C4 MAN F . -19.63 16.26 -43.33
C5 MAN F . -19.94 14.79 -43.55
C6 MAN F . -20.17 14.07 -42.22
O2 MAN F . -21.84 17.31 -45.11
O3 MAN F . -19.45 18.40 -44.43
O4 MAN F . -18.43 16.40 -42.58
O5 MAN F . -21.10 14.65 -44.36
O6 MAN F . -19.26 14.59 -41.24
C1 MAN F . -25.50 6.77 -45.06
C2 MAN F . -24.79 6.02 -43.93
C3 MAN F . -23.96 4.87 -44.47
C4 MAN F . -24.77 4.02 -45.44
C5 MAN F . -25.47 4.88 -46.48
C6 MAN F . -26.34 4.04 -47.41
O2 MAN F . -25.78 5.51 -43.02
O3 MAN F . -23.51 4.05 -43.39
O4 MAN F . -23.91 3.08 -46.10
O5 MAN F . -26.27 5.86 -45.83
O6 MAN F . -25.78 4.06 -48.73
C1 NAG G . 19.20 -26.45 1.17
C2 NAG G . 19.85 -27.50 0.28
C3 NAG G . 19.25 -27.47 -1.12
C4 NAG G . 17.72 -27.57 -1.04
C5 NAG G . 17.18 -26.51 -0.10
C6 NAG G . 15.68 -26.65 0.12
C7 NAG G . 22.17 -28.17 0.76
C8 NAG G . 23.62 -27.82 0.59
N2 NAG G . 21.29 -27.32 0.21
O3 NAG G . 19.77 -28.53 -1.90
O4 NAG G . 17.16 -27.40 -2.34
O5 NAG G . 17.79 -26.64 1.18
O6 NAG G . 15.24 -27.98 -0.11
O7 NAG G . 21.81 -29.16 1.37
C1 NAG H . 13.77 -15.57 25.27
C2 NAG H . 13.42 -16.39 26.52
C3 NAG H . 11.93 -16.26 26.82
C4 NAG H . 11.52 -14.79 26.91
C5 NAG H . 11.95 -14.06 25.65
C6 NAG H . 11.69 -12.57 25.72
C7 NAG H . 14.79 -18.36 27.02
C8 NAG H . 15.03 -19.81 26.72
N2 NAG H . 13.79 -17.77 26.34
O3 NAG H . 11.65 -16.93 28.05
O4 NAG H . 10.12 -14.69 27.08
O5 NAG H . 13.36 -14.21 25.45
O6 NAG H . 11.65 -12.11 27.07
O7 NAG H . 15.47 -17.74 27.84
C1 NAG I . 31.33 -3.58 8.71
C2 NAG I . 32.53 -2.78 9.20
C3 NAG I . 32.30 -1.28 9.01
C4 NAG I . 31.90 -0.99 7.56
C5 NAG I . 30.71 -1.86 7.16
C6 NAG I . 30.34 -1.71 5.71
C7 NAG I . 33.92 -3.74 10.97
C8 NAG I . 34.08 -3.95 12.45
N2 NAG I . 32.83 -3.07 10.59
O3 NAG I . 33.48 -0.56 9.33
O4 NAG I . 31.55 0.38 7.43
O5 NAG I . 31.03 -3.24 7.36
O6 NAG I . 31.45 -1.28 4.93
O7 NAG I . 34.74 -4.17 10.17
#